data_9EOQ
# 
_entry.id   9EOQ 
# 
_audit_conform.dict_name       mmcif_pdbx.dic 
_audit_conform.dict_version    5.392 
_audit_conform.dict_location   http://mmcif.pdb.org/dictionaries/ascii/mmcif_pdbx.dic 
# 
loop_
_database_2.database_id 
_database_2.database_code 
_database_2.pdbx_database_accession 
_database_2.pdbx_DOI 
PDB   9EOQ         pdb_00009eoq 10.2210/pdb9eoq/pdb 
WWPDB D_1292136989 ?            ?                   
EMDB  EMD-19867    ?            ?                   
# 
loop_
_pdbx_audit_revision_history.ordinal 
_pdbx_audit_revision_history.data_content_type 
_pdbx_audit_revision_history.major_revision 
_pdbx_audit_revision_history.minor_revision 
_pdbx_audit_revision_history.revision_date 
1 'Structure model' 1 0 2024-04-24 
2 'Structure model' 1 1 2024-05-08 
# 
_pdbx_audit_revision_details.ordinal             1 
_pdbx_audit_revision_details.revision_ordinal    1 
_pdbx_audit_revision_details.data_content_type   'Structure model' 
_pdbx_audit_revision_details.provider            repository 
_pdbx_audit_revision_details.type                'Initial release' 
_pdbx_audit_revision_details.description         ? 
_pdbx_audit_revision_details.details             ? 
# 
_pdbx_audit_revision_group.ordinal             1 
_pdbx_audit_revision_group.revision_ordinal    2 
_pdbx_audit_revision_group.data_content_type   'Structure model' 
_pdbx_audit_revision_group.group               'Database references' 
# 
_pdbx_audit_revision_category.ordinal             1 
_pdbx_audit_revision_category.revision_ordinal    2 
_pdbx_audit_revision_category.data_content_type   'Structure model' 
_pdbx_audit_revision_category.category            citation 
# 
loop_
_pdbx_audit_revision_item.ordinal 
_pdbx_audit_revision_item.revision_ordinal 
_pdbx_audit_revision_item.data_content_type 
_pdbx_audit_revision_item.item 
1 2 'Structure model' '_citation.journal_volume' 
2 2 'Structure model' '_citation.page_first'     
3 2 'Structure model' '_citation.page_last'      
# 
_pdbx_database_status.status_code                     REL 
_pdbx_database_status.status_code_sf                  ? 
_pdbx_database_status.status_code_mr                  ? 
_pdbx_database_status.entry_id                        9EOQ 
_pdbx_database_status.recvd_initial_deposition_date   2024-03-15 
_pdbx_database_status.SG_entry                        N 
_pdbx_database_status.deposit_site                    PDBE 
_pdbx_database_status.process_site                    PDBE 
_pdbx_database_status.status_code_cs                  ? 
_pdbx_database_status.status_code_nmr_data            ? 
_pdbx_database_status.methods_development_category    ? 
_pdbx_database_status.pdb_format_compatible           Y 
# 
loop_
_pdbx_database_related.db_name 
_pdbx_database_related.details 
_pdbx_database_related.db_id 
_pdbx_database_related.content_type 
EMDB 'Cryo-EM Structure of a 1033 Scaffold Base DNA Origami Nanostructure V4 and TBA'                    EMD-19867 
'associated EM volume' 
EMDB 'Refinement Focused on the 3rd Body of a 1033 Scaffold-Based DNA Origami Nanostructure V4 with TBA' EMD-19876 
'focused EM volume'    
EMDB 'Refinement Focused on the 2nd Body of a 1033 Scaffold-Based DNA Origami Nanostructure V4 with TBA' EMD-19875 
'focused EM volume'    
EMDB 'Refinement Focused on the 1st Body of a 1033 Scaffold-Based DNA Origami Nanostructure V4 with TBA' EMD-19874 
'focused EM volume'    
# 
_pdbx_contact_author.id                 3 
_pdbx_contact_author.email              dietz@tum.de 
_pdbx_contact_author.name_first         Hendrik 
_pdbx_contact_author.name_last          Dietz 
_pdbx_contact_author.name_mi            ? 
_pdbx_contact_author.role               'principal investigator/group leader' 
_pdbx_contact_author.identifier_ORCID   0000-0003-1270-3662 
# 
loop_
_audit_author.name 
_audit_author.pdbx_ordinal 
_audit_author.identifier_ORCID 
'Ali, K.'          1 ? 
'Georg, K.'        2 ? 
'Volodymyr, M.'    3 ? 
'Johanna, G.'      4 ? 
'Maximilian, N.H.' 5 ? 
'Lukas, K.'        6 ? 
'Simone, C.'       7 ? 
'Hendrik, D.'      8 ? 
# 
_citation.abstract                  ? 
_citation.abstract_id_CAS           ? 
_citation.book_id_ISBN              ? 
_citation.book_publisher            ? 
_citation.book_publisher_city       ? 
_citation.book_title                ? 
_citation.coordinate_linkage        ? 
_citation.country                   US 
_citation.database_id_Medline       ? 
_citation.details                   ? 
_citation.id                        primary 
_citation.journal_abbrev            'Nano Lett.' 
_citation.journal_id_ASTM           ? 
_citation.journal_id_CSD            ? 
_citation.journal_id_ISSN           1530-6992 
_citation.journal_full              ? 
_citation.journal_issue             ? 
_citation.journal_volume            24 
_citation.language                  ? 
_citation.page_first                5031 
_citation.page_last                 5038 
_citation.title                     'Designing Rigid DNA Origami Templates for Molecular Visualization Using Cryo-EM.' 
_citation.year                      2024 
_citation.database_id_CSD           ? 
_citation.pdbx_database_id_DOI      10.1021/acs.nanolett.4c00915 
_citation.pdbx_database_id_PubMed   38602296 
_citation.pdbx_database_id_patent   ? 
_citation.unpublished_flag          ? 
# 
loop_
_citation_author.citation_id 
_citation_author.name 
_citation_author.ordinal 
_citation_author.identifier_ORCID 
primary 'Khoshouei, A.'   1 0000-0003-1735-8423 
primary 'Kempf, G.'       2 0000-0002-0228-6730 
primary 'Mykhailiuk, V.'  3 0000-0001-9928-3845 
primary 'Griessing, J.M.' 4 0009-0003-0828-4749 
primary 'Honemann, M.N.'  5 0000-0001-7805-906X 
primary 'Kater, L.'       6 ?                   
primary 'Cavadini, S.'    7 0000-0003-2777-7584 
primary 'Dietz, H.'       8 0000-0003-1270-3662 
# 
loop_
_entity.id 
_entity.type 
_entity.src_method 
_entity.pdbx_description 
_entity.formula_weight 
_entity.pdbx_number_of_molecules 
_entity.pdbx_ec 
_entity.pdbx_mutation 
_entity.pdbx_fragment 
_entity.details 
1 polymer syn 'DNA (42-MER)'                                                 13034.333 1 ? ? ? ? 
2 polymer syn 
;DNA (5'-D(P*AP*TP*AP*TP*AP*GP*CP*GP*TP*GP*GP*AP*AP*GP*T)-3')
;
4673.059  1 ? ? ? ? 
# 
loop_
_entity_poly.entity_id 
_entity_poly.type 
_entity_poly.nstd_linkage 
_entity_poly.nstd_monomer 
_entity_poly.pdbx_seq_one_letter_code 
_entity_poly.pdbx_seq_one_letter_code_can 
_entity_poly.pdbx_strand_id 
_entity_poly.pdbx_target_identifier 
1 polydeoxyribonucleotide no no 
;(DA)(DC)(DT)(DT)(DC)(DC)(DA)(DG)(DT)(DC)(DC)(DG)(DT)(DG)(DG)(DT)(DA)(DG)(DG)(DG)
(DC)(DA)(DG)(DG)(DT)(DT)(DG)(DG)(DG)(DG)(DT)(DG)(DA)(DC)(DC)(DG)(DC)(DT)(DA)(DT)
(DA)(DT)
;
ACTTCCAGTCCGTGGTAGGGCAGGTTGGGGTGACCGCTATAT A ? 
2 polydeoxyribonucleotide no no '(DA)(DT)(DA)(DT)(DA)(DG)(DC)(DG)(DT)(DG)(DG)(DA)(DA)(DG)(DT)' ATATAGCGTGGAAGT B ? 
# 
loop_
_entity_poly_seq.entity_id 
_entity_poly_seq.num 
_entity_poly_seq.mon_id 
_entity_poly_seq.hetero 
1 1  DA n 
1 2  DC n 
1 3  DT n 
1 4  DT n 
1 5  DC n 
1 6  DC n 
1 7  DA n 
1 8  DG n 
1 9  DT n 
1 10 DC n 
1 11 DC n 
1 12 DG n 
1 13 DT n 
1 14 DG n 
1 15 DG n 
1 16 DT n 
1 17 DA n 
1 18 DG n 
1 19 DG n 
1 20 DG n 
1 21 DC n 
1 22 DA n 
1 23 DG n 
1 24 DG n 
1 25 DT n 
1 26 DT n 
1 27 DG n 
1 28 DG n 
1 29 DG n 
1 30 DG n 
1 31 DT n 
1 32 DG n 
1 33 DA n 
1 34 DC n 
1 35 DC n 
1 36 DG n 
1 37 DC n 
1 38 DT n 
1 39 DA n 
1 40 DT n 
1 41 DA n 
1 42 DT n 
2 1  DA n 
2 2  DT n 
2 3  DA n 
2 4  DT n 
2 5  DA n 
2 6  DG n 
2 7  DC n 
2 8  DG n 
2 9  DT n 
2 10 DG n 
2 11 DG n 
2 12 DA n 
2 13 DA n 
2 14 DG n 
2 15 DT n 
# 
loop_
_pdbx_entity_src_syn.entity_id 
_pdbx_entity_src_syn.pdbx_src_id 
_pdbx_entity_src_syn.pdbx_alt_source_flag 
_pdbx_entity_src_syn.pdbx_beg_seq_num 
_pdbx_entity_src_syn.pdbx_end_seq_num 
_pdbx_entity_src_syn.organism_scientific 
_pdbx_entity_src_syn.organism_common_name 
_pdbx_entity_src_syn.ncbi_taxonomy_id 
_pdbx_entity_src_syn.details 
1 1 sample 1 42 'synthetic construct' ? 32630 ? 
2 1 sample 1 15 'synthetic construct' ? 32630 ? 
# 
loop_
_chem_comp.id 
_chem_comp.type 
_chem_comp.mon_nstd_flag 
_chem_comp.name 
_chem_comp.pdbx_synonyms 
_chem_comp.formula 
_chem_comp.formula_weight 
DA 'DNA linking' y "2'-DEOXYADENOSINE-5'-MONOPHOSPHATE" ? 'C10 H14 N5 O6 P' 331.222 
DC 'DNA linking' y "2'-DEOXYCYTIDINE-5'-MONOPHOSPHATE"  ? 'C9 H14 N3 O7 P'  307.197 
DG 'DNA linking' y "2'-DEOXYGUANOSINE-5'-MONOPHOSPHATE" ? 'C10 H14 N5 O7 P' 347.221 
DT 'DNA linking' y "THYMIDINE-5'-MONOPHOSPHATE"         ? 'C10 H15 N2 O8 P' 322.208 
# 
loop_
_pdbx_poly_seq_scheme.asym_id 
_pdbx_poly_seq_scheme.entity_id 
_pdbx_poly_seq_scheme.seq_id 
_pdbx_poly_seq_scheme.mon_id 
_pdbx_poly_seq_scheme.ndb_seq_num 
_pdbx_poly_seq_scheme.pdb_seq_num 
_pdbx_poly_seq_scheme.auth_seq_num 
_pdbx_poly_seq_scheme.pdb_mon_id 
_pdbx_poly_seq_scheme.auth_mon_id 
_pdbx_poly_seq_scheme.pdb_strand_id 
_pdbx_poly_seq_scheme.pdb_ins_code 
_pdbx_poly_seq_scheme.hetero 
A 1 1  DA 1  2  2  DA DA A . n 
A 1 2  DC 2  3  3  DC DC A . n 
A 1 3  DT 3  4  4  DT DT A . n 
A 1 4  DT 4  5  5  DT DT A . n 
A 1 5  DC 5  6  6  DC DC A . n 
A 1 6  DC 6  7  7  DC DC A . n 
A 1 7  DA 7  8  8  DA DA A . n 
A 1 8  DG 8  9  9  DG DG A . n 
A 1 9  DT 9  10 10 DT DT A . n 
A 1 10 DC 10 11 11 DC DC A . n 
A 1 11 DC 11 12 12 DC DC A . n 
A 1 12 DG 12 13 13 DG DG A . n 
A 1 13 DT 13 14 14 DT DT A . n 
A 1 14 DG 14 15 15 DG DG A . n 
A 1 15 DG 15 16 16 DG DG A . n 
A 1 16 DT 16 17 17 DT DT A . n 
A 1 17 DA 17 18 18 DA DA A . n 
A 1 18 DG 18 19 19 DG DG A . n 
A 1 19 DG 19 20 20 DG DG A . n 
A 1 20 DG 20 21 21 DG DG A . n 
A 1 21 DC 21 22 22 DC DC A . n 
A 1 22 DA 22 23 23 DA DA A . n 
A 1 23 DG 23 24 24 DG DG A . n 
A 1 24 DG 24 25 25 DG DG A . n 
A 1 25 DT 25 26 26 DT DT A . n 
A 1 26 DT 26 27 27 DT DT A . n 
A 1 27 DG 27 28 28 DG DG A . n 
A 1 28 DG 28 29 29 DG DG A . n 
A 1 29 DG 29 30 30 DG DG A . n 
A 1 30 DG 30 31 31 DG DG A . n 
A 1 31 DT 31 32 32 DT DT A . n 
A 1 32 DG 32 33 33 DG DG A . n 
A 1 33 DA 33 34 34 DA DA A . n 
A 1 34 DC 34 35 35 DC DC A . n 
A 1 35 DC 35 36 36 DC DC A . n 
A 1 36 DG 36 37 37 DG DG A . n 
A 1 37 DC 37 38 38 DC DC A . n 
A 1 38 DT 38 39 39 DT DT A . n 
A 1 39 DA 39 40 40 DA DA A . n 
A 1 40 DT 40 41 41 DT DT A . n 
A 1 41 DA 41 42 42 DA DA A . n 
A 1 42 DT 42 43 43 DT DT A . n 
B 2 1  DA 1  1  1  DA DA B . n 
B 2 2  DT 2  2  2  DT DT B . n 
B 2 3  DA 3  3  3  DA DA B . n 
B 2 4  DT 4  4  4  DT DT B . n 
B 2 5  DA 5  5  5  DA DA B . n 
B 2 6  DG 6  6  6  DG DG B . n 
B 2 7  DC 7  7  7  DC DC B . n 
B 2 8  DG 8  8  8  DG DG B . n 
B 2 9  DT 9  9  9  DT DT B . n 
B 2 10 DG 10 10 10 DG DG B . n 
B 2 11 DG 11 11 11 DG DG B . n 
B 2 12 DA 12 12 12 DA DA B . n 
B 2 13 DA 13 13 13 DA DA B . n 
B 2 14 DG 14 14 14 DG DG B . n 
B 2 15 DT 15 15 15 DT DT B . n 
# 
_cell.angle_alpha                  90.00 
_cell.angle_alpha_esd              ? 
_cell.angle_beta                   90.00 
_cell.angle_beta_esd               ? 
_cell.angle_gamma                  90.00 
_cell.angle_gamma_esd              ? 
_cell.entry_id                     9EOQ 
_cell.details                      ? 
_cell.formula_units_Z              ? 
_cell.length_a                     1.00 
_cell.length_a_esd                 ? 
_cell.length_b                     1.00 
_cell.length_b_esd                 ? 
_cell.length_c                     1.00 
_cell.length_c_esd                 ? 
_cell.volume                       ? 
_cell.volume_esd                   ? 
_cell.Z_PDB                        ? 
_cell.reciprocal_angle_alpha       ? 
_cell.reciprocal_angle_beta        ? 
_cell.reciprocal_angle_gamma       ? 
_cell.reciprocal_angle_alpha_esd   ? 
_cell.reciprocal_angle_beta_esd    ? 
_cell.reciprocal_angle_gamma_esd   ? 
_cell.reciprocal_length_a          ? 
_cell.reciprocal_length_b          ? 
_cell.reciprocal_length_c          ? 
_cell.reciprocal_length_a_esd      ? 
_cell.reciprocal_length_b_esd      ? 
_cell.reciprocal_length_c_esd      ? 
_cell.pdbx_unique_axis             ? 
_cell.pdbx_esd_method              ? 
# 
_symmetry.entry_id                         9EOQ 
_symmetry.cell_setting                     ? 
_symmetry.Int_Tables_number                1 
_symmetry.space_group_name_Hall            ? 
_symmetry.space_group_name_H-M             'P 1' 
_symmetry.pdbx_full_space_group_name_H-M   ? 
# 
_exptl.absorpt_coefficient_mu     ? 
_exptl.absorpt_correction_T_max   ? 
_exptl.absorpt_correction_T_min   ? 
_exptl.absorpt_correction_type    ? 
_exptl.absorpt_process_details    ? 
_exptl.entry_id                   9EOQ 
_exptl.crystals_number            ? 
_exptl.details                    ? 
_exptl.method                     'ELECTRON MICROSCOPY' 
_exptl.method_details             ? 
# 
_struct.entry_id                     9EOQ 
_struct.title                        'Cryo-EM Structure of a 1033 Scaffold Base DNA Origami Nanostructure V4 and TBA' 
_struct.pdbx_model_details           ? 
_struct.pdbx_formula_weight          ? 
_struct.pdbx_formula_weight_method   ? 
_struct.pdbx_model_type_details      ? 
_struct.pdbx_CASP_flag               N 
# 
_struct_keywords.entry_id        9EOQ 
_struct_keywords.text            'DNA Origami, Multilayer, Square lattice, 1033 scaffold, DNA, TBA' 
_struct_keywords.pdbx_keywords   DNA 
# 
loop_
_struct_asym.id 
_struct_asym.pdbx_blank_PDB_chainid_flag 
_struct_asym.pdbx_modified 
_struct_asym.entity_id 
_struct_asym.details 
A N N 1 ? 
B N N 2 ? 
# 
loop_
_struct_ref.id 
_struct_ref.db_name 
_struct_ref.db_code 
_struct_ref.pdbx_db_accession 
_struct_ref.pdbx_db_isoform 
_struct_ref.entity_id 
_struct_ref.pdbx_seq_one_letter_code 
_struct_ref.pdbx_align_begin 
1 PDB 9EOQ 9EOQ ? 1 ? 1 
2 PDB 9EOQ 9EOQ ? 2 ? 1 
# 
loop_
_struct_ref_seq.align_id 
_struct_ref_seq.ref_id 
_struct_ref_seq.pdbx_PDB_id_code 
_struct_ref_seq.pdbx_strand_id 
_struct_ref_seq.seq_align_beg 
_struct_ref_seq.pdbx_seq_align_beg_ins_code 
_struct_ref_seq.seq_align_end 
_struct_ref_seq.pdbx_seq_align_end_ins_code 
_struct_ref_seq.pdbx_db_accession 
_struct_ref_seq.db_align_beg 
_struct_ref_seq.pdbx_db_align_beg_ins_code 
_struct_ref_seq.db_align_end 
_struct_ref_seq.pdbx_db_align_end_ins_code 
_struct_ref_seq.pdbx_auth_seq_align_beg 
_struct_ref_seq.pdbx_auth_seq_align_end 
1 1 9EOQ A 1 ? 42 ? 9EOQ 2 ? 43 ? 2 43 
2 2 9EOQ B 1 ? 15 ? 9EOQ 1 ? 15 ? 1 15 
# 
_pdbx_struct_assembly.id                   1 
_pdbx_struct_assembly.details              author_and_software_defined_assembly 
_pdbx_struct_assembly.method_details       ? 
_pdbx_struct_assembly.oligomeric_details   dimeric 
_pdbx_struct_assembly.oligomeric_count     2 
# 
_pdbx_struct_assembly_gen.assembly_id       1 
_pdbx_struct_assembly_gen.oper_expression   1 
_pdbx_struct_assembly_gen.asym_id_list      A,B 
# 
_pdbx_struct_assembly_auth_evidence.id                     1 
_pdbx_struct_assembly_auth_evidence.assembly_id            1 
_pdbx_struct_assembly_auth_evidence.experimental_support   'electron microscopy' 
_pdbx_struct_assembly_auth_evidence.details                ? 
# 
_pdbx_struct_oper_list.id                   1 
_pdbx_struct_oper_list.type                 'identity operation' 
_pdbx_struct_oper_list.name                 1_555 
_pdbx_struct_oper_list.symmetry_operation   x,y,z 
_pdbx_struct_oper_list.matrix[1][1]         1.0 
_pdbx_struct_oper_list.matrix[1][2]         0.0 
_pdbx_struct_oper_list.matrix[1][3]         0.0 
_pdbx_struct_oper_list.vector[1]            0.0 
_pdbx_struct_oper_list.matrix[2][1]         0.0 
_pdbx_struct_oper_list.matrix[2][2]         1.0 
_pdbx_struct_oper_list.matrix[2][3]         0.0 
_pdbx_struct_oper_list.vector[2]            0.0 
_pdbx_struct_oper_list.matrix[3][1]         0.0 
_pdbx_struct_oper_list.matrix[3][2]         0.0 
_pdbx_struct_oper_list.matrix[3][3]         1.0 
_pdbx_struct_oper_list.vector[3]            0.0 
# 
loop_
_struct_conn.id 
_struct_conn.conn_type_id 
_struct_conn.pdbx_leaving_atom_flag 
_struct_conn.pdbx_PDB_id 
_struct_conn.ptnr1_label_asym_id 
_struct_conn.ptnr1_label_comp_id 
_struct_conn.ptnr1_label_seq_id 
_struct_conn.ptnr1_label_atom_id 
_struct_conn.pdbx_ptnr1_label_alt_id 
_struct_conn.pdbx_ptnr1_PDB_ins_code 
_struct_conn.pdbx_ptnr1_standard_comp_id 
_struct_conn.ptnr1_symmetry 
_struct_conn.ptnr2_label_asym_id 
_struct_conn.ptnr2_label_comp_id 
_struct_conn.ptnr2_label_seq_id 
_struct_conn.ptnr2_label_atom_id 
_struct_conn.pdbx_ptnr2_label_alt_id 
_struct_conn.pdbx_ptnr2_PDB_ins_code 
_struct_conn.ptnr1_auth_asym_id 
_struct_conn.ptnr1_auth_comp_id 
_struct_conn.ptnr1_auth_seq_id 
_struct_conn.ptnr2_auth_asym_id 
_struct_conn.ptnr2_auth_comp_id 
_struct_conn.ptnr2_auth_seq_id 
_struct_conn.ptnr2_symmetry 
_struct_conn.pdbx_ptnr3_label_atom_id 
_struct_conn.pdbx_ptnr3_label_seq_id 
_struct_conn.pdbx_ptnr3_label_comp_id 
_struct_conn.pdbx_ptnr3_label_asym_id 
_struct_conn.pdbx_ptnr3_label_alt_id 
_struct_conn.pdbx_ptnr3_PDB_ins_code 
_struct_conn.details 
_struct_conn.pdbx_dist_value 
_struct_conn.pdbx_value_order 
_struct_conn.pdbx_role 
hydrog1  hydrog ? ? A DA 1  N1 ? ? ? 1_555 B DT 15 N3 ? ? A DA 2  B DT 15 1_555 ? ? ? ? ? ? WATSON-CRICK            ? ? ? 
hydrog2  hydrog ? ? A DA 1  N6 ? ? ? 1_555 B DT 15 O4 ? ? A DA 2  B DT 15 1_555 ? ? ? ? ? ? WATSON-CRICK            ? ? ? 
hydrog3  hydrog ? ? A DC 2  N3 ? ? ? 1_555 B DG 14 N1 ? ? A DC 3  B DG 14 1_555 ? ? ? ? ? ? WATSON-CRICK            ? ? ? 
hydrog4  hydrog ? ? A DC 2  N4 ? ? ? 1_555 B DG 14 O6 ? ? A DC 3  B DG 14 1_555 ? ? ? ? ? ? WATSON-CRICK            ? ? ? 
hydrog5  hydrog ? ? A DC 2  O2 ? ? ? 1_555 B DG 14 N2 ? ? A DC 3  B DG 14 1_555 ? ? ? ? ? ? WATSON-CRICK            ? ? ? 
hydrog6  hydrog ? ? A DT 3  N3 ? ? ? 1_555 B DA 13 N1 ? ? A DT 4  B DA 13 1_555 ? ? ? ? ? ? WATSON-CRICK            ? ? ? 
hydrog7  hydrog ? ? A DT 3  O4 ? ? ? 1_555 B DA 13 N6 ? ? A DT 4  B DA 13 1_555 ? ? ? ? ? ? WATSON-CRICK            ? ? ? 
hydrog8  hydrog ? ? A DT 4  N3 ? ? ? 1_555 B DA 12 N1 ? ? A DT 5  B DA 12 1_555 ? ? ? ? ? ? WATSON-CRICK            ? ? ? 
hydrog9  hydrog ? ? A DT 4  O4 ? ? ? 1_555 B DA 12 N6 ? ? A DT 5  B DA 12 1_555 ? ? ? ? ? ? WATSON-CRICK            ? ? ? 
hydrog10 hydrog ? ? A DC 5  N3 ? ? ? 1_555 B DG 11 N1 ? ? A DC 6  B DG 11 1_555 ? ? ? ? ? ? WATSON-CRICK            ? ? ? 
hydrog11 hydrog ? ? A DC 5  N4 ? ? ? 1_555 B DG 11 O6 ? ? A DC 6  B DG 11 1_555 ? ? ? ? ? ? WATSON-CRICK            ? ? ? 
hydrog12 hydrog ? ? A DC 5  O2 ? ? ? 1_555 B DG 11 N2 ? ? A DC 6  B DG 11 1_555 ? ? ? ? ? ? WATSON-CRICK            ? ? ? 
hydrog13 hydrog ? ? A DC 6  N3 ? ? ? 1_555 B DG 10 N1 ? ? A DC 7  B DG 10 1_555 ? ? ? ? ? ? WATSON-CRICK            ? ? ? 
hydrog14 hydrog ? ? A DC 6  N4 ? ? ? 1_555 B DG 10 O6 ? ? A DC 7  B DG 10 1_555 ? ? ? ? ? ? WATSON-CRICK            ? ? ? 
hydrog15 hydrog ? ? A DC 6  O2 ? ? ? 1_555 B DG 10 N2 ? ? A DC 7  B DG 10 1_555 ? ? ? ? ? ? WATSON-CRICK            ? ? ? 
hydrog16 hydrog ? ? A DA 7  N1 ? ? ? 1_555 B DT 9  N3 ? ? A DA 8  B DT 9  1_555 ? ? ? ? ? ? WATSON-CRICK            ? ? ? 
hydrog17 hydrog ? ? A DA 7  N6 ? ? ? 1_555 B DT 9  O4 ? ? A DA 8  B DT 9  1_555 ? ? ? ? ? ? WATSON-CRICK            ? ? ? 
hydrog18 hydrog ? ? A DT 9  N3 ? ? ? 1_555 A DA 33 N1 ? ? A DT 10 A DA 34 1_555 ? ? ? ? ? ? WATSON-CRICK            ? ? ? 
hydrog19 hydrog ? ? A DT 9  O4 ? ? ? 1_555 A DA 33 N6 ? ? A DT 10 A DA 34 1_555 ? ? ? ? ? ? WATSON-CRICK            ? ? ? 
hydrog20 hydrog ? ? A DC 10 N3 ? ? ? 1_555 A DG 32 N1 ? ? A DC 11 A DG 33 1_555 ? ? ? ? ? ? WATSON-CRICK            ? ? ? 
hydrog21 hydrog ? ? A DC 10 N4 ? ? ? 1_555 A DG 32 O6 ? ? A DC 11 A DG 33 1_555 ? ? ? ? ? ? WATSON-CRICK            ? ? ? 
hydrog22 hydrog ? ? A DC 10 O2 ? ? ? 1_555 A DG 32 N2 ? ? A DC 11 A DG 33 1_555 ? ? ? ? ? ? WATSON-CRICK            ? ? ? 
hydrog23 hydrog ? ? A DC 11 O2 ? ? ? 1_555 A DG 30 N2 ? ? A DC 12 A DG 31 1_555 ? ? ? ? ? ? 'DC-DG PAIR'            ? ? ? 
hydrog24 hydrog ? ? A DG 12 N2 ? ? ? 1_555 A DG 14 O6 ? ? A DG 13 A DG 15 1_555 ? ? ? ? ? ? 'DG-DG MISPAIR'         ? ? ? 
hydrog25 hydrog ? ? A DG 12 N1 ? ? ? 1_555 A DG 23 N7 ? ? A DG 13 A DG 24 1_555 ? ? ? ? ? ? TYPE_7_PAIR             ? ? ? 
hydrog26 hydrog ? ? A DG 12 N2 ? ? ? 1_555 A DG 23 O6 ? ? A DG 13 A DG 24 1_555 ? ? ? ? ? ? TYPE_7_PAIR             ? ? ? 
hydrog27 hydrog ? ? A DT 13 N3 ? ? ? 1_555 A DA 22 N7 ? ? A DT 14 A DA 23 1_555 ? ? ? ? ? ? 'REVERSED HOOGSTEEN'    ? ? ? 
hydrog28 hydrog ? ? A DT 13 O2 ? ? ? 1_555 A DA 22 N6 ? ? A DT 14 A DA 23 1_555 ? ? ? ? ? ? 'REVERSED HOOGSTEEN'    ? ? ? 
hydrog29 hydrog ? ? A DG 15 N7 ? ? ? 1_555 A DG 18 N2 ? ? A DG 16 A DG 19 1_555 ? ? ? ? ? ? TYPE_6_PAIR             ? ? ? 
hydrog30 hydrog ? ? A DG 15 O6 ? ? ? 1_555 A DG 18 N1 ? ? A DG 16 A DG 19 1_555 ? ? ? ? ? ? TYPE_6_PAIR             ? ? ? 
hydrog31 hydrog ? ? A DG 15 N1 ? ? ? 1_555 A DG 27 O6 ? ? A DG 16 A DG 28 1_555 ? ? ? ? ? ? TYPE_6_PAIR             ? ? ? 
hydrog32 hydrog ? ? A DG 15 N2 ? ? ? 1_555 A DG 27 N7 ? ? A DG 16 A DG 28 1_555 ? ? ? ? ? ? TYPE_6_PAIR             ? ? ? 
hydrog33 hydrog ? ? A DA 17 N1 ? ? ? 1_555 A DT 26 N3 ? ? A DA 18 A DT 27 1_555 ? ? ? ? ? ? 'REVERSED WATSON-CRICK' ? ? ? 
hydrog34 hydrog ? ? A DA 17 N6 ? ? ? 1_555 A DT 26 O2 ? ? A DA 18 A DT 27 1_555 ? ? ? ? ? ? 'REVERSED WATSON-CRICK' ? ? ? 
hydrog35 hydrog ? ? A DG 18 N7 ? ? ? 1_555 A DG 24 N2 ? ? A DG 19 A DG 25 1_555 ? ? ? ? ? ? TYPE_6_PAIR             ? ? ? 
hydrog36 hydrog ? ? A DG 18 O6 ? ? ? 1_555 A DG 24 N1 ? ? A DG 19 A DG 25 1_555 ? ? ? ? ? ? TYPE_6_PAIR             ? ? ? 
hydrog37 hydrog ? ? A DG 24 N7 ? ? ? 1_555 A DG 27 N2 ? ? A DG 25 A DG 28 1_555 ? ? ? ? ? ? TYPE_6_PAIR             ? ? ? 
hydrog38 hydrog ? ? A DG 24 O6 ? ? ? 1_555 A DG 27 N1 ? ? A DG 25 A DG 28 1_555 ? ? ? ? ? ? TYPE_6_PAIR             ? ? ? 
hydrog39 hydrog ? ? A DC 35 N3 ? ? ? 1_555 B DG 8  N1 ? ? A DC 36 B DG 8  1_555 ? ? ? ? ? ? WATSON-CRICK            ? ? ? 
hydrog40 hydrog ? ? A DC 35 N4 ? ? ? 1_555 B DG 8  O6 ? ? A DC 36 B DG 8  1_555 ? ? ? ? ? ? WATSON-CRICK            ? ? ? 
hydrog41 hydrog ? ? A DC 35 O2 ? ? ? 1_555 B DG 8  N2 ? ? A DC 36 B DG 8  1_555 ? ? ? ? ? ? WATSON-CRICK            ? ? ? 
hydrog42 hydrog ? ? A DG 36 N1 ? ? ? 1_555 B DC 7  N3 ? ? A DG 37 B DC 7  1_555 ? ? ? ? ? ? WATSON-CRICK            ? ? ? 
hydrog43 hydrog ? ? A DG 36 N2 ? ? ? 1_555 B DC 7  O2 ? ? A DG 37 B DC 7  1_555 ? ? ? ? ? ? WATSON-CRICK            ? ? ? 
hydrog44 hydrog ? ? A DG 36 O6 ? ? ? 1_555 B DC 7  N4 ? ? A DG 37 B DC 7  1_555 ? ? ? ? ? ? WATSON-CRICK            ? ? ? 
hydrog45 hydrog ? ? A DC 37 N3 ? ? ? 1_555 B DG 6  N1 ? ? A DC 38 B DG 6  1_555 ? ? ? ? ? ? WATSON-CRICK            ? ? ? 
hydrog46 hydrog ? ? A DC 37 N4 ? ? ? 1_555 B DG 6  O6 ? ? A DC 38 B DG 6  1_555 ? ? ? ? ? ? WATSON-CRICK            ? ? ? 
hydrog47 hydrog ? ? A DC 37 O2 ? ? ? 1_555 B DG 6  N2 ? ? A DC 38 B DG 6  1_555 ? ? ? ? ? ? WATSON-CRICK            ? ? ? 
hydrog48 hydrog ? ? A DT 38 N3 ? ? ? 1_555 B DA 5  N1 ? ? A DT 39 B DA 5  1_555 ? ? ? ? ? ? WATSON-CRICK            ? ? ? 
hydrog49 hydrog ? ? A DT 38 O4 ? ? ? 1_555 B DA 5  N6 ? ? A DT 39 B DA 5  1_555 ? ? ? ? ? ? WATSON-CRICK            ? ? ? 
hydrog50 hydrog ? ? A DA 39 N1 ? ? ? 1_555 B DT 4  N3 ? ? A DA 40 B DT 4  1_555 ? ? ? ? ? ? WATSON-CRICK            ? ? ? 
hydrog51 hydrog ? ? A DA 39 N6 ? ? ? 1_555 B DT 4  O4 ? ? A DA 40 B DT 4  1_555 ? ? ? ? ? ? WATSON-CRICK            ? ? ? 
hydrog52 hydrog ? ? A DT 40 N3 ? ? ? 1_555 B DA 3  N1 ? ? A DT 41 B DA 3  1_555 ? ? ? ? ? ? WATSON-CRICK            ? ? ? 
hydrog53 hydrog ? ? A DT 40 O4 ? ? ? 1_555 B DA 3  N6 ? ? A DT 41 B DA 3  1_555 ? ? ? ? ? ? WATSON-CRICK            ? ? ? 
hydrog54 hydrog ? ? A DA 41 N1 ? ? ? 1_555 B DT 2  N3 ? ? A DA 42 B DT 2  1_555 ? ? ? ? ? ? WATSON-CRICK            ? ? ? 
hydrog55 hydrog ? ? A DA 41 N6 ? ? ? 1_555 B DT 2  O4 ? ? A DA 42 B DT 2  1_555 ? ? ? ? ? ? WATSON-CRICK            ? ? ? 
hydrog56 hydrog ? ? A DT 42 N3 ? ? ? 1_555 B DA 1  N1 ? ? A DT 43 B DA 1  1_555 ? ? ? ? ? ? WATSON-CRICK            ? ? ? 
hydrog57 hydrog ? ? A DT 42 O4 ? ? ? 1_555 B DA 1  N6 ? ? A DT 43 B DA 1  1_555 ? ? ? ? ? ? WATSON-CRICK            ? ? ? 
# 
_struct_conn_type.id          hydrog 
_struct_conn_type.criteria    ? 
_struct_conn_type.reference   ? 
# 
loop_
_pdbx_validate_rmsd_angle.id 
_pdbx_validate_rmsd_angle.PDB_model_num 
_pdbx_validate_rmsd_angle.auth_atom_id_1 
_pdbx_validate_rmsd_angle.auth_asym_id_1 
_pdbx_validate_rmsd_angle.auth_comp_id_1 
_pdbx_validate_rmsd_angle.auth_seq_id_1 
_pdbx_validate_rmsd_angle.PDB_ins_code_1 
_pdbx_validate_rmsd_angle.label_alt_id_1 
_pdbx_validate_rmsd_angle.auth_atom_id_2 
_pdbx_validate_rmsd_angle.auth_asym_id_2 
_pdbx_validate_rmsd_angle.auth_comp_id_2 
_pdbx_validate_rmsd_angle.auth_seq_id_2 
_pdbx_validate_rmsd_angle.PDB_ins_code_2 
_pdbx_validate_rmsd_angle.label_alt_id_2 
_pdbx_validate_rmsd_angle.auth_atom_id_3 
_pdbx_validate_rmsd_angle.auth_asym_id_3 
_pdbx_validate_rmsd_angle.auth_comp_id_3 
_pdbx_validate_rmsd_angle.auth_seq_id_3 
_pdbx_validate_rmsd_angle.PDB_ins_code_3 
_pdbx_validate_rmsd_angle.label_alt_id_3 
_pdbx_validate_rmsd_angle.angle_value 
_pdbx_validate_rmsd_angle.angle_target_value 
_pdbx_validate_rmsd_angle.angle_deviation 
_pdbx_validate_rmsd_angle.angle_standard_deviation 
_pdbx_validate_rmsd_angle.linker_flag 
1 1 "O4'" A DG 16 ? ? "C1'" A DG 16 ? ? N9    A DG 16 ? ? 110.74 108.30 2.44  0.30 N 
2 1 "O4'" A DG 20 ? ? "C1'" A DG 20 ? ? N9    A DG 20 ? ? 110.39 108.30 2.09  0.30 N 
3 1 "O4'" A DC 22 ? ? "C1'" A DC 22 ? ? N1    A DC 22 ? ? 111.08 108.30 2.78  0.30 N 
4 1 "O4'" A DC 36 ? ? "C4'" A DC 36 ? ? "C3'" A DC 36 ? ? 102.09 104.50 -2.41 0.40 N 
# 
_em_3d_fitting.id                1 
_em_3d_fitting.entry_id          9EOQ 
_em_3d_fitting.method            ? 
_em_3d_fitting.target_criteria   ? 
_em_3d_fitting.details           ? 
_em_3d_fitting.overall_b_value   ? 
_em_3d_fitting.ref_space         ? 
_em_3d_fitting.ref_protocol      ? 
# 
_em_3d_reconstruction.entry_id                    9EOQ 
_em_3d_reconstruction.id                          1 
_em_3d_reconstruction.method                      ? 
_em_3d_reconstruction.algorithm                   ? 
_em_3d_reconstruction.citation_id                 ? 
_em_3d_reconstruction.details                     ? 
_em_3d_reconstruction.resolution                  7.5 
_em_3d_reconstruction.resolution_method           'FSC 0.143 CUT-OFF' 
_em_3d_reconstruction.magnification_calibration   ? 
_em_3d_reconstruction.nominal_pixel_size          ? 
_em_3d_reconstruction.actual_pixel_size           ? 
_em_3d_reconstruction.num_particles               966383 
_em_3d_reconstruction.euler_angles_details        ? 
_em_3d_reconstruction.num_class_averages          ? 
_em_3d_reconstruction.refinement_type             ? 
_em_3d_reconstruction.image_processing_id         1 
_em_3d_reconstruction.symmetry_type               POINT 
# 
_em_buffer.id            1 
_em_buffer.specimen_id   1 
_em_buffer.name          ? 
_em_buffer.details       ? 
_em_buffer.pH            8 
# 
_em_entity_assembly.id                   1 
_em_entity_assembly.parent_id            0 
_em_entity_assembly.source               RECOMBINANT 
_em_entity_assembly.type                 COMPLEX 
_em_entity_assembly.name                 'Cryo-EM Structure of a 1033 Scaffold Base DNA Origami Nanostructure V4 and TBA' 
_em_entity_assembly.details              ? 
_em_entity_assembly.synonym              ? 
_em_entity_assembly.oligomeric_details   ? 
_em_entity_assembly.entity_id_list       '1, 2' 
# 
_em_imaging.entry_id                        9EOQ 
_em_imaging.id                              1 
_em_imaging.astigmatism                     ? 
_em_imaging.electron_beam_tilt_params       ? 
_em_imaging.residual_tilt                   ? 
_em_imaging.microscope_model                'FEI TITAN KRIOS' 
_em_imaging.specimen_holder_type            ? 
_em_imaging.specimen_holder_model           ? 
_em_imaging.details                         ? 
_em_imaging.date                            ? 
_em_imaging.accelerating_voltage            300 
_em_imaging.illumination_mode               'FLOOD BEAM' 
_em_imaging.mode                            'BRIGHT FIELD' 
_em_imaging.nominal_cs                      0.01 
_em_imaging.nominal_defocus_min             500 
_em_imaging.nominal_defocus_max             2500 
_em_imaging.calibrated_defocus_min          ? 
_em_imaging.calibrated_defocus_max          ? 
_em_imaging.tilt_angle_min                  ? 
_em_imaging.tilt_angle_max                  ? 
_em_imaging.nominal_magnification           75000 
_em_imaging.calibrated_magnification        ? 
_em_imaging.electron_source                 'FIELD EMISSION GUN' 
_em_imaging.citation_id                     ? 
_em_imaging.temperature                     ? 
_em_imaging.detector_distance               ? 
_em_imaging.recording_temperature_minimum   ? 
_em_imaging.recording_temperature_maximum   ? 
_em_imaging.alignment_procedure             ? 
_em_imaging.c2_aperture_diameter            50.0 
_em_imaging.specimen_id                     1 
_em_imaging.cryogen                         NITROGEN 
# 
_em_vitrification.entry_id              9EOQ 
_em_vitrification.id                    1 
_em_vitrification.specimen_id           1 
_em_vitrification.cryogen_name          ETHANE 
_em_vitrification.humidity              100 
_em_vitrification.temp                  ? 
_em_vitrification.chamber_temperature   277 
_em_vitrification.instrument            'FEI VITROBOT MARK IV' 
_em_vitrification.method                ? 
_em_vitrification.time_resolved_state   ? 
_em_vitrification.citation_id           ? 
_em_vitrification.details               ? 
# 
_em_experiment.entry_id                9EOQ 
_em_experiment.id                      1 
_em_experiment.reconstruction_method   'SINGLE PARTICLE' 
_em_experiment.aggregation_state       PARTICLE 
_em_experiment.entity_assembly_id      1 
# 
loop_
_chem_comp_atom.comp_id 
_chem_comp_atom.atom_id 
_chem_comp_atom.type_symbol 
_chem_comp_atom.pdbx_aromatic_flag 
_chem_comp_atom.pdbx_stereo_config 
_chem_comp_atom.pdbx_ordinal 
DA OP3    O N N 1   
DA P      P N N 2   
DA OP1    O N N 3   
DA OP2    O N N 4   
DA "O5'"  O N N 5   
DA "C5'"  C N N 6   
DA "C4'"  C N R 7   
DA "O4'"  O N N 8   
DA "C3'"  C N S 9   
DA "O3'"  O N N 10  
DA "C2'"  C N N 11  
DA "C1'"  C N R 12  
DA N9     N Y N 13  
DA C8     C Y N 14  
DA N7     N Y N 15  
DA C5     C Y N 16  
DA C6     C Y N 17  
DA N6     N N N 18  
DA N1     N Y N 19  
DA C2     C Y N 20  
DA N3     N Y N 21  
DA C4     C Y N 22  
DA HOP3   H N N 23  
DA HOP2   H N N 24  
DA "H5'"  H N N 25  
DA "H5''" H N N 26  
DA "H4'"  H N N 27  
DA "H3'"  H N N 28  
DA "HO3'" H N N 29  
DA "H2'"  H N N 30  
DA "H2''" H N N 31  
DA "H1'"  H N N 32  
DA H8     H N N 33  
DA H61    H N N 34  
DA H62    H N N 35  
DA H2     H N N 36  
DC OP3    O N N 37  
DC P      P N N 38  
DC OP1    O N N 39  
DC OP2    O N N 40  
DC "O5'"  O N N 41  
DC "C5'"  C N N 42  
DC "C4'"  C N R 43  
DC "O4'"  O N N 44  
DC "C3'"  C N S 45  
DC "O3'"  O N N 46  
DC "C2'"  C N N 47  
DC "C1'"  C N R 48  
DC N1     N N N 49  
DC C2     C N N 50  
DC O2     O N N 51  
DC N3     N N N 52  
DC C4     C N N 53  
DC N4     N N N 54  
DC C5     C N N 55  
DC C6     C N N 56  
DC HOP3   H N N 57  
DC HOP2   H N N 58  
DC "H5'"  H N N 59  
DC "H5''" H N N 60  
DC "H4'"  H N N 61  
DC "H3'"  H N N 62  
DC "HO3'" H N N 63  
DC "H2'"  H N N 64  
DC "H2''" H N N 65  
DC "H1'"  H N N 66  
DC H41    H N N 67  
DC H42    H N N 68  
DC H5     H N N 69  
DC H6     H N N 70  
DG OP3    O N N 71  
DG P      P N N 72  
DG OP1    O N N 73  
DG OP2    O N N 74  
DG "O5'"  O N N 75  
DG "C5'"  C N N 76  
DG "C4'"  C N R 77  
DG "O4'"  O N N 78  
DG "C3'"  C N S 79  
DG "O3'"  O N N 80  
DG "C2'"  C N N 81  
DG "C1'"  C N R 82  
DG N9     N Y N 83  
DG C8     C Y N 84  
DG N7     N Y N 85  
DG C5     C Y N 86  
DG C6     C N N 87  
DG O6     O N N 88  
DG N1     N N N 89  
DG C2     C N N 90  
DG N2     N N N 91  
DG N3     N N N 92  
DG C4     C Y N 93  
DG HOP3   H N N 94  
DG HOP2   H N N 95  
DG "H5'"  H N N 96  
DG "H5''" H N N 97  
DG "H4'"  H N N 98  
DG "H3'"  H N N 99  
DG "HO3'" H N N 100 
DG "H2'"  H N N 101 
DG "H2''" H N N 102 
DG "H1'"  H N N 103 
DG H8     H N N 104 
DG H1     H N N 105 
DG H21    H N N 106 
DG H22    H N N 107 
DT OP3    O N N 108 
DT P      P N N 109 
DT OP1    O N N 110 
DT OP2    O N N 111 
DT "O5'"  O N N 112 
DT "C5'"  C N N 113 
DT "C4'"  C N R 114 
DT "O4'"  O N N 115 
DT "C3'"  C N S 116 
DT "O3'"  O N N 117 
DT "C2'"  C N N 118 
DT "C1'"  C N R 119 
DT N1     N N N 120 
DT C2     C N N 121 
DT O2     O N N 122 
DT N3     N N N 123 
DT C4     C N N 124 
DT O4     O N N 125 
DT C5     C N N 126 
DT C7     C N N 127 
DT C6     C N N 128 
DT HOP3   H N N 129 
DT HOP2   H N N 130 
DT "H5'"  H N N 131 
DT "H5''" H N N 132 
DT "H4'"  H N N 133 
DT "H3'"  H N N 134 
DT "HO3'" H N N 135 
DT "H2'"  H N N 136 
DT "H2''" H N N 137 
DT "H1'"  H N N 138 
DT H3     H N N 139 
DT H71    H N N 140 
DT H72    H N N 141 
DT H73    H N N 142 
DT H6     H N N 143 
# 
loop_
_chem_comp_bond.comp_id 
_chem_comp_bond.atom_id_1 
_chem_comp_bond.atom_id_2 
_chem_comp_bond.value_order 
_chem_comp_bond.pdbx_aromatic_flag 
_chem_comp_bond.pdbx_stereo_config 
_chem_comp_bond.pdbx_ordinal 
DA OP3   P      sing N N 1   
DA OP3   HOP3   sing N N 2   
DA P     OP1    doub N N 3   
DA P     OP2    sing N N 4   
DA P     "O5'"  sing N N 5   
DA OP2   HOP2   sing N N 6   
DA "O5'" "C5'"  sing N N 7   
DA "C5'" "C4'"  sing N N 8   
DA "C5'" "H5'"  sing N N 9   
DA "C5'" "H5''" sing N N 10  
DA "C4'" "O4'"  sing N N 11  
DA "C4'" "C3'"  sing N N 12  
DA "C4'" "H4'"  sing N N 13  
DA "O4'" "C1'"  sing N N 14  
DA "C3'" "O3'"  sing N N 15  
DA "C3'" "C2'"  sing N N 16  
DA "C3'" "H3'"  sing N N 17  
DA "O3'" "HO3'" sing N N 18  
DA "C2'" "C1'"  sing N N 19  
DA "C2'" "H2'"  sing N N 20  
DA "C2'" "H2''" sing N N 21  
DA "C1'" N9     sing N N 22  
DA "C1'" "H1'"  sing N N 23  
DA N9    C8     sing Y N 24  
DA N9    C4     sing Y N 25  
DA C8    N7     doub Y N 26  
DA C8    H8     sing N N 27  
DA N7    C5     sing Y N 28  
DA C5    C6     sing Y N 29  
DA C5    C4     doub Y N 30  
DA C6    N6     sing N N 31  
DA C6    N1     doub Y N 32  
DA N6    H61    sing N N 33  
DA N6    H62    sing N N 34  
DA N1    C2     sing Y N 35  
DA C2    N3     doub Y N 36  
DA C2    H2     sing N N 37  
DA N3    C4     sing Y N 38  
DC OP3   P      sing N N 39  
DC OP3   HOP3   sing N N 40  
DC P     OP1    doub N N 41  
DC P     OP2    sing N N 42  
DC P     "O5'"  sing N N 43  
DC OP2   HOP2   sing N N 44  
DC "O5'" "C5'"  sing N N 45  
DC "C5'" "C4'"  sing N N 46  
DC "C5'" "H5'"  sing N N 47  
DC "C5'" "H5''" sing N N 48  
DC "C4'" "O4'"  sing N N 49  
DC "C4'" "C3'"  sing N N 50  
DC "C4'" "H4'"  sing N N 51  
DC "O4'" "C1'"  sing N N 52  
DC "C3'" "O3'"  sing N N 53  
DC "C3'" "C2'"  sing N N 54  
DC "C3'" "H3'"  sing N N 55  
DC "O3'" "HO3'" sing N N 56  
DC "C2'" "C1'"  sing N N 57  
DC "C2'" "H2'"  sing N N 58  
DC "C2'" "H2''" sing N N 59  
DC "C1'" N1     sing N N 60  
DC "C1'" "H1'"  sing N N 61  
DC N1    C2     sing N N 62  
DC N1    C6     sing N N 63  
DC C2    O2     doub N N 64  
DC C2    N3     sing N N 65  
DC N3    C4     doub N N 66  
DC C4    N4     sing N N 67  
DC C4    C5     sing N N 68  
DC N4    H41    sing N N 69  
DC N4    H42    sing N N 70  
DC C5    C6     doub N N 71  
DC C5    H5     sing N N 72  
DC C6    H6     sing N N 73  
DG OP3   P      sing N N 74  
DG OP3   HOP3   sing N N 75  
DG P     OP1    doub N N 76  
DG P     OP2    sing N N 77  
DG P     "O5'"  sing N N 78  
DG OP2   HOP2   sing N N 79  
DG "O5'" "C5'"  sing N N 80  
DG "C5'" "C4'"  sing N N 81  
DG "C5'" "H5'"  sing N N 82  
DG "C5'" "H5''" sing N N 83  
DG "C4'" "O4'"  sing N N 84  
DG "C4'" "C3'"  sing N N 85  
DG "C4'" "H4'"  sing N N 86  
DG "O4'" "C1'"  sing N N 87  
DG "C3'" "O3'"  sing N N 88  
DG "C3'" "C2'"  sing N N 89  
DG "C3'" "H3'"  sing N N 90  
DG "O3'" "HO3'" sing N N 91  
DG "C2'" "C1'"  sing N N 92  
DG "C2'" "H2'"  sing N N 93  
DG "C2'" "H2''" sing N N 94  
DG "C1'" N9     sing N N 95  
DG "C1'" "H1'"  sing N N 96  
DG N9    C8     sing Y N 97  
DG N9    C4     sing Y N 98  
DG C8    N7     doub Y N 99  
DG C8    H8     sing N N 100 
DG N7    C5     sing Y N 101 
DG C5    C6     sing N N 102 
DG C5    C4     doub Y N 103 
DG C6    O6     doub N N 104 
DG C6    N1     sing N N 105 
DG N1    C2     sing N N 106 
DG N1    H1     sing N N 107 
DG C2    N2     sing N N 108 
DG C2    N3     doub N N 109 
DG N2    H21    sing N N 110 
DG N2    H22    sing N N 111 
DG N3    C4     sing N N 112 
DT OP3   P      sing N N 113 
DT OP3   HOP3   sing N N 114 
DT P     OP1    doub N N 115 
DT P     OP2    sing N N 116 
DT P     "O5'"  sing N N 117 
DT OP2   HOP2   sing N N 118 
DT "O5'" "C5'"  sing N N 119 
DT "C5'" "C4'"  sing N N 120 
DT "C5'" "H5'"  sing N N 121 
DT "C5'" "H5''" sing N N 122 
DT "C4'" "O4'"  sing N N 123 
DT "C4'" "C3'"  sing N N 124 
DT "C4'" "H4'"  sing N N 125 
DT "O4'" "C1'"  sing N N 126 
DT "C3'" "O3'"  sing N N 127 
DT "C3'" "C2'"  sing N N 128 
DT "C3'" "H3'"  sing N N 129 
DT "O3'" "HO3'" sing N N 130 
DT "C2'" "C1'"  sing N N 131 
DT "C2'" "H2'"  sing N N 132 
DT "C2'" "H2''" sing N N 133 
DT "C1'" N1     sing N N 134 
DT "C1'" "H1'"  sing N N 135 
DT N1    C2     sing N N 136 
DT N1    C6     sing N N 137 
DT C2    O2     doub N N 138 
DT C2    N3     sing N N 139 
DT N3    C4     sing N N 140 
DT N3    H3     sing N N 141 
DT C4    O4     doub N N 142 
DT C4    C5     sing N N 143 
DT C5    C7     sing N N 144 
DT C5    C6     doub N N 145 
DT C7    H71    sing N N 146 
DT C7    H72    sing N N 147 
DT C7    H73    sing N N 148 
DT C6    H6     sing N N 149 
# 
_em_ctf_correction.details                  ? 
_em_ctf_correction.em_image_processing_id   1 
_em_ctf_correction.id                       1 
_em_ctf_correction.type                     'PHASE FLIPPING AND AMPLITUDE CORRECTION' 
# 
_em_entity_assembly_naturalsource.cell                 ? 
_em_entity_assembly_naturalsource.cellular_location    ? 
_em_entity_assembly_naturalsource.entity_assembly_id   1 
_em_entity_assembly_naturalsource.id                   2 
_em_entity_assembly_naturalsource.ncbi_tax_id          32630 
_em_entity_assembly_naturalsource.organism             'synthetic construct' 
_em_entity_assembly_naturalsource.organelle            ? 
_em_entity_assembly_naturalsource.organ                ? 
_em_entity_assembly_naturalsource.strain               ? 
_em_entity_assembly_naturalsource.tissue               ? 
_em_entity_assembly_naturalsource.details              ? 
# 
_em_entity_assembly_recombinant.cell                 ? 
_em_entity_assembly_recombinant.entity_assembly_id   1 
_em_entity_assembly_recombinant.id                   2 
_em_entity_assembly_recombinant.ncbi_tax_id          32630 
_em_entity_assembly_recombinant.organism             'synthetic construct' 
_em_entity_assembly_recombinant.plasmid              ? 
_em_entity_assembly_recombinant.strain               ? 
# 
_em_image_processing.details              ? 
_em_image_processing.id                   1 
_em_image_processing.image_recording_id   1 
# 
_em_image_recording.average_exposure_time               ? 
_em_image_recording.avg_electron_dose_per_subtomogram   ? 
_em_image_recording.avg_electron_dose_per_image         50 
_em_image_recording.details                             ? 
_em_image_recording.detector_mode                       COUNTING 
_em_image_recording.film_or_detector_model              'FEI FALCON III (4k x 4k)' 
_em_image_recording.id                                  1 
_em_image_recording.imaging_id                          1 
_em_image_recording.num_diffraction_images              ? 
_em_image_recording.num_grids_imaged                    ? 
_em_image_recording.num_real_images                     ? 
# 
loop_
_em_software.category 
_em_software.details 
_em_software.id 
_em_software.image_processing_id 
_em_software.fitting_id 
_em_software.imaging_id 
_em_software.name 
_em_software.version 
'PARTICLE SELECTION'       ? 1  1 ? ? ?       ? 
'IMAGE ACQUISITION'        ? 2  ? ? 1 EPU     ? 
MASKING                    ? 3  ? ? ? ?       ? 
'CTF CORRECTION'           ? 4  1 ? ? CTFFIND ? 
'LAYERLINE INDEXING'       ? 5  ? ? ? ?       ? 
'DIFFRACTION INDEXING'     ? 6  ? ? ? ?       ? 
'MODEL FITTING'            ? 7  ? ? ? ?       ? 
'MODEL REFINEMENT'         ? 8  ? ? ? ?       ? 
OTHER                      ? 9  ? ? ? ?       ? 
'INITIAL EULER ASSIGNMENT' ? 10 1 ? ? RELION  ? 
'FINAL EULER ASSIGNMENT'   ? 11 1 ? ? RELION  ? 
CLASSIFICATION             ? 12 1 ? ? ?       ? 
RECONSTRUCTION             ? 13 1 ? ? ?       ? 
# 
_em_specimen.concentration           ? 
_em_specimen.details                 ? 
_em_specimen.embedding_applied       NO 
_em_specimen.experiment_id           1 
_em_specimen.id                      1 
_em_specimen.shadowing_applied       NO 
_em_specimen.staining_applied        NO 
_em_specimen.vitrification_applied   YES 
# 
loop_
_ndb_struct_conf_na.entry_id 
_ndb_struct_conf_na.feature 
9EOQ 'double helix'        
9EOQ 'b-form double helix' 
9EOQ 'hairpin loop'        
# 
loop_
_ndb_struct_na_base_pair.model_number 
_ndb_struct_na_base_pair.i_label_asym_id 
_ndb_struct_na_base_pair.i_label_comp_id 
_ndb_struct_na_base_pair.i_label_seq_id 
_ndb_struct_na_base_pair.i_symmetry 
_ndb_struct_na_base_pair.j_label_asym_id 
_ndb_struct_na_base_pair.j_label_comp_id 
_ndb_struct_na_base_pair.j_label_seq_id 
_ndb_struct_na_base_pair.j_symmetry 
_ndb_struct_na_base_pair.shear 
_ndb_struct_na_base_pair.stretch 
_ndb_struct_na_base_pair.stagger 
_ndb_struct_na_base_pair.buckle 
_ndb_struct_na_base_pair.propeller 
_ndb_struct_na_base_pair.opening 
_ndb_struct_na_base_pair.pair_number 
_ndb_struct_na_base_pair.pair_name 
_ndb_struct_na_base_pair.i_auth_asym_id 
_ndb_struct_na_base_pair.i_auth_seq_id 
_ndb_struct_na_base_pair.i_PDB_ins_code 
_ndb_struct_na_base_pair.j_auth_asym_id 
_ndb_struct_na_base_pair.j_auth_seq_id 
_ndb_struct_na_base_pair.j_PDB_ins_code 
_ndb_struct_na_base_pair.hbond_type_28 
_ndb_struct_na_base_pair.hbond_type_12 
1 A DA 1  1_555 B DT 15 1_555 -0.040 -0.150 -0.228 -13.688 -1.010  -0.249   1  A_DA2:DT15_B  A 2  ? B 15 ? 20 1 
1 A DC 2  1_555 B DG 14 1_555 0.095  -0.187 0.078  -4.928  0.554   -2.822   2  A_DC3:DG14_B  A 3  ? B 14 ? 19 1 
1 A DT 3  1_555 B DA 13 1_555 -0.092 -0.140 -0.102 -0.778  -7.600  -6.712   3  A_DT4:DA13_B  A 4  ? B 13 ? 20 1 
1 A DT 4  1_555 B DA 12 1_555 -0.065 -0.162 -0.165 0.890   -7.979  -6.968   4  A_DT5:DA12_B  A 5  ? B 12 ? 20 1 
1 A DC 5  1_555 B DG 11 1_555 0.059  -0.199 0.017  2.432   -7.046  -2.775   5  A_DC6:DG11_B  A 6  ? B 11 ? 19 1 
1 A DC 6  1_555 B DG 10 1_555 0.007  -0.205 0.004  4.040   -8.114  -4.068   6  A_DC7:DG10_B  A 7  ? B 10 ? 19 1 
1 A DA 7  1_555 B DT 9  1_555 0.035  -0.173 -0.028 -7.032  -0.963  -5.751   7  A_DA8:DT9_B   A 8  ? B 9  ? 20 1 
1 A DC 35 1_555 B DG 8  1_555 0.068  -0.186 0.050  6.128   -9.654  -0.904   8  A_DC36:DG8_B  A 36 ? B 8  ? 19 1 
1 A DG 36 1_555 B DC 7  1_555 0.019  -0.183 0.015  0.566   -6.822  -2.795   9  A_DG37:DC7_B  A 37 ? B 7  ? 19 1 
1 A DC 37 1_555 B DG 6  1_555 0.061  -0.165 -0.057 2.711   -4.178  -1.453   10 A_DC38:DG6_B  A 38 ? B 6  ? 19 1 
1 A DT 38 1_555 B DA 5  1_555 -0.118 -0.136 -0.146 0.515   -7.293  -6.391   11 A_DT39:DA5_B  A 39 ? B 5  ? 20 1 
1 A DA 39 1_555 B DT 4  1_555 0.174  -0.120 -0.161 -1.485  -6.972  -5.326   12 A_DA40:DT4_B  A 40 ? B 4  ? 20 1 
1 A DT 40 1_555 B DA 3  1_555 -0.131 -0.141 -0.181 2.099   -7.945  -6.032   13 A_DT41:DA3_B  A 41 ? B 3  ? 20 1 
1 A DA 41 1_555 B DT 2  1_555 0.114  -0.115 -0.092 -1.034  -3.053  -7.391   14 A_DA42:DT2_B  A 42 ? B 2  ? 20 1 
1 A DT 42 1_555 B DA 1  1_555 -0.203 -0.070 -0.060 5.322   1.242   -4.625   15 A_DT43:DA1_B  A 43 ? B 1  ? 20 1 
1 A DT 9  1_555 A DA 33 1_555 -0.059 -0.131 0.110  -17.265 4.739   -6.533   16 A_DT10:DA34_A A 10 ? A 34 ? 20 1 
1 A DC 10 1_555 A DG 32 1_555 0.090  -0.214 0.092  -4.644  0.126   -2.901   17 A_DC11:DG33_A A 11 ? A 33 ? 19 1 
1 A DC 11 1_555 A DG 30 1_555 3.419  1.371  0.428  -5.038  -7.672  58.813   18 A_DC12:DG31_A A 12 ? A 31 ? ?  1 
1 A DA 22 1_555 A DT 13 1_555 -4.116 -2.009 -0.151 -3.253  -7.097  -96.841  19 A_DA23:DT14_A A 23 ? A 14 ? 24 4 
1 A DG 23 1_555 A DG 12 1_555 -5.598 -0.462 -0.058 -6.635  -4.367  -107.395 20 A_DG24:DG13_A A 24 ? A 13 ? 7  4 
1 A DG 24 1_555 A DG 27 1_555 -1.713 -3.277 0.011  -0.539  8.248   89.491   21 A_DG25:DG28_A A 25 ? A 28 ? 6  3 
1 A DA 17 1_555 A DT 26 1_555 0.094  1.142  -0.198 1.227   -15.813 164.804  22 A_DA18:DT27_A A 18 ? A 27 ? 21 2 
# 
loop_
_ndb_struct_na_base_pair_step.model_number 
_ndb_struct_na_base_pair_step.i_label_asym_id_1 
_ndb_struct_na_base_pair_step.i_label_comp_id_1 
_ndb_struct_na_base_pair_step.i_label_seq_id_1 
_ndb_struct_na_base_pair_step.i_symmetry_1 
_ndb_struct_na_base_pair_step.j_label_asym_id_1 
_ndb_struct_na_base_pair_step.j_label_comp_id_1 
_ndb_struct_na_base_pair_step.j_label_seq_id_1 
_ndb_struct_na_base_pair_step.j_symmetry_1 
_ndb_struct_na_base_pair_step.i_label_asym_id_2 
_ndb_struct_na_base_pair_step.i_label_comp_id_2 
_ndb_struct_na_base_pair_step.i_label_seq_id_2 
_ndb_struct_na_base_pair_step.i_symmetry_2 
_ndb_struct_na_base_pair_step.j_label_asym_id_2 
_ndb_struct_na_base_pair_step.j_label_comp_id_2 
_ndb_struct_na_base_pair_step.j_label_seq_id_2 
_ndb_struct_na_base_pair_step.j_symmetry_2 
_ndb_struct_na_base_pair_step.shift 
_ndb_struct_na_base_pair_step.slide 
_ndb_struct_na_base_pair_step.rise 
_ndb_struct_na_base_pair_step.tilt 
_ndb_struct_na_base_pair_step.roll 
_ndb_struct_na_base_pair_step.twist 
_ndb_struct_na_base_pair_step.x_displacement 
_ndb_struct_na_base_pair_step.y_displacement 
_ndb_struct_na_base_pair_step.helical_rise 
_ndb_struct_na_base_pair_step.inclination 
_ndb_struct_na_base_pair_step.tip 
_ndb_struct_na_base_pair_step.helical_twist 
_ndb_struct_na_base_pair_step.step_number 
_ndb_struct_na_base_pair_step.step_name 
_ndb_struct_na_base_pair_step.i_auth_asym_id_1 
_ndb_struct_na_base_pair_step.i_auth_seq_id_1 
_ndb_struct_na_base_pair_step.i_PDB_ins_code_1 
_ndb_struct_na_base_pair_step.j_auth_asym_id_1 
_ndb_struct_na_base_pair_step.j_auth_seq_id_1 
_ndb_struct_na_base_pair_step.j_PDB_ins_code_1 
_ndb_struct_na_base_pair_step.i_auth_asym_id_2 
_ndb_struct_na_base_pair_step.i_auth_seq_id_2 
_ndb_struct_na_base_pair_step.i_PDB_ins_code_2 
_ndb_struct_na_base_pair_step.j_auth_asym_id_2 
_ndb_struct_na_base_pair_step.j_auth_seq_id_2 
_ndb_struct_na_base_pair_step.j_PDB_ins_code_2 
1 A DA 1  1_555 B DT 15 1_555 A DC 2  1_555 B DG 14 1_555 -0.334 0.337  3.570  -0.292 0.500   34.105  0.488  0.519  3.577  0.853   
0.497   34.110  1  AA_DA2DC3:DG14DT15_BB   A 2  ? B 15 ? A 3  ? B 14 ? 
1 A DC 2  1_555 B DG 14 1_555 A DT 3  1_555 B DA 13 1_555 -0.257 0.373  3.498  2.285  1.445   35.254  0.386  0.784  3.487  2.381   
-3.766  35.354  2  AA_DC3DT4:DA13DG14_BB   A 3  ? B 14 ? A 4  ? B 13 ? 
1 A DT 3  1_555 B DA 13 1_555 A DT 4  1_555 B DA 12 1_555 -0.068 0.406  3.471  -0.156 1.386   36.764  0.443  0.086  3.484  2.196   
0.248   36.789  3  AA_DT4DT5:DA12DA13_BB   A 4  ? B 13 ? A 5  ? B 12 ? 
1 A DT 4  1_555 B DA 12 1_555 A DC 5  1_555 B DG 11 1_555 0.066  0.563  3.417  -1.282 0.745   38.404  0.759  -0.267 3.423  1.133   
1.948   38.431  4  AA_DT5DC6:DG11DA12_BB   A 5  ? B 12 ? A 6  ? B 11 ? 
1 A DC 5  1_555 B DG 11 1_555 A DC 6  1_555 B DG 10 1_555 -0.302 0.626  3.550  -2.056 -0.683  37.687  1.063  0.178  3.550  -1.056  
3.179   37.747  5  AA_DC6DC7:DG10DG11_BB   A 6  ? B 11 ? A 7  ? B 10 ? 
1 A DC 6  1_555 B DG 10 1_555 A DA 7  1_555 B DT 9  1_555 -0.210 0.050  3.807  -3.339 -1.371  41.591  0.238  -0.114 3.808  -1.927  
4.692   41.741  6  AA_DC7DA8:DT9DG10_BB    A 7  ? B 10 ? A 8  ? B 9  ? 
1 A DA 7  1_555 B DT 9  1_555 A DC 35 1_555 B DG 8  1_555 -1.459 1.682  3.444  -2.251 -12.469 43.550  3.294  1.696  2.948  -16.397 
2.960   45.270  7  AA_DA8DC36:DG8DT9_BB    A 8  ? B 9  ? A 36 ? B 8  ? 
1 A DC 35 1_555 B DG 8  1_555 A DG 36 1_555 B DC 7  1_555 -0.177 0.152  3.854  0.623  25.281  26.418  -4.025 0.388  2.919  44.459  
-1.096  36.415  8  AA_DC36DG37:DC7DG8_BB   A 36 ? B 8  ? A 37 ? B 7  ? 
1 A DG 36 1_555 B DC 7  1_555 A DC 37 1_555 B DG 6  1_555 0.363  0.301  3.375  0.321  3.195   38.517  0.047  -0.507 3.391  4.833   
-0.486  38.646  9  AA_DG37DC38:DG6DC7_BB   A 37 ? B 7  ? A 38 ? B 6  ? 
1 A DC 37 1_555 B DG 6  1_555 A DT 38 1_555 B DA 5  1_555 -0.312 0.234  3.608  0.979  4.101   34.817  -0.292 0.681  3.601  6.823   
-1.628  35.063  10 AA_DC38DT39:DA5DG6_BB   A 38 ? B 6  ? A 39 ? B 5  ? 
1 A DT 38 1_555 B DA 5  1_555 A DA 39 1_555 B DT 4  1_555 0.076  0.288  3.538  -1.294 7.466   36.285  -0.640 -0.310 3.522  11.830  
2.051   37.042  11 AA_DT39DA40:DT4DA5_BB   A 39 ? B 5  ? A 40 ? B 4  ? 
1 A DA 39 1_555 B DT 4  1_555 A DT 40 1_555 B DA 3  1_555 -0.126 -0.078 3.253  -0.098 6.013   32.785  -1.130 0.203  3.189  10.542  
0.172   33.317  12 AA_DA40DT41:DA3DT4_BB   A 40 ? B 4  ? A 41 ? B 3  ? 
1 A DT 40 1_555 B DA 3  1_555 A DA 41 1_555 B DT 2  1_555 -0.030 0.285  3.553  0.015  8.235   36.094  -0.766 0.049  3.531  13.081  
-0.024  36.991  13 AA_DT41DA42:DT2DA3_BB   A 41 ? B 3  ? A 42 ? B 2  ? 
1 A DA 41 1_555 B DT 2  1_555 A DT 42 1_555 B DA 1  1_555 0.301  0.038  3.466  -0.276 5.100   32.223  -0.873 -0.588 3.429  9.117   
0.494   32.615  14 AA_DA42DT43:DA1DT2_BB   A 42 ? B 2  ? A 43 ? B 1  ? 
1 A DT 9  1_555 A DA 33 1_555 A DC 10 1_555 A DG 32 1_555 -0.519 -0.458 3.255  -3.880 9.229   30.592  -2.456 0.252  3.034  16.932  
7.119   32.151  15 AA_DT10DC11:DG33DA34_AA A 10 ? A 34 ? A 11 ? A 33 ? 
1 A DC 10 1_555 A DG 32 1_555 A DC 11 1_555 A DG 30 1_555 1.982  -0.182 3.413  0.954  12.124  23.802  -3.698 -4.034 3.038  27.235  
-2.142  26.689  16 AA_DC11DC12:DG31DG33_AA A 11 ? A 33 ? A 12 ? A 31 ? 
1 A DA 22 1_555 A DT 13 1_555 A DG 23 1_555 A DG 12 1_555 0.750  1.086  3.327  9.841  -9.142  21.046  5.264  1.221  2.715  -22.333 
-24.040 24.927  17 AA_DA23DG24:DG13DT14_AA A 23 ? A 14 ? A 24 ? A 13 ? 
1 A DG 23 1_555 A DG 12 1_555 A DG 24 1_555 A DG 27 1_555 -0.920 -0.570 3.434  1.028  -4.512  -72.994 0.631  -0.737 3.410  3.790   
0.864   -73.120 18 AA_DG24DG25:DG28DG13_AA A 24 ? A 13 ? A 25 ? A 28 ? 
1 A DG 24 1_555 A DG 27 1_555 A DA 17 1_555 A DT 26 1_555 -4.099 -1.374 -0.433 56.239 166.400 105.839 -0.314 1.924  -1.921 83.617  
-28.260 177.376 19 AA_DG25DA18:DT27DG28_AA A 25 ? A 28 ? A 18 ? A 27 ? 
# 
loop_
_pdbx_audit_support.funding_organization 
_pdbx_audit_support.country 
_pdbx_audit_support.grant_number 
_pdbx_audit_support.ordinal 
'European Research Council (ERC)'  'European Union' 101018465 1 
'German Research Foundation (DFG)' Germany          ?         2 
'Germanys Excellence Strategy'     Germany          ?         3 
# 
_atom_sites.entry_id                    9EOQ 
_atom_sites.Cartn_transf_matrix[1][1]   ? 
_atom_sites.Cartn_transf_matrix[1][2]   ? 
_atom_sites.Cartn_transf_matrix[1][3]   ? 
_atom_sites.Cartn_transf_matrix[2][1]   ? 
_atom_sites.Cartn_transf_matrix[2][2]   ? 
_atom_sites.Cartn_transf_matrix[2][3]   ? 
_atom_sites.Cartn_transf_matrix[3][1]   ? 
_atom_sites.Cartn_transf_matrix[3][2]   ? 
_atom_sites.Cartn_transf_matrix[3][3]   ? 
_atom_sites.Cartn_transf_vector[1]      ? 
_atom_sites.Cartn_transf_vector[2]      ? 
_atom_sites.Cartn_transf_vector[3]      ? 
_atom_sites.Cartn_transform_axes        ? 
_atom_sites.fract_transf_matrix[1][1]   1.000000 
_atom_sites.fract_transf_matrix[1][2]   0.000000 
_atom_sites.fract_transf_matrix[1][3]   0.000000 
_atom_sites.fract_transf_matrix[2][1]   0.000000 
_atom_sites.fract_transf_matrix[2][2]   1.000000 
_atom_sites.fract_transf_matrix[2][3]   0.000000 
_atom_sites.fract_transf_matrix[3][1]   0.000000 
_atom_sites.fract_transf_matrix[3][2]   0.000000 
_atom_sites.fract_transf_matrix[3][3]   1.000000 
_atom_sites.fract_transf_vector[1]      0.00000 
_atom_sites.fract_transf_vector[2]      0.00000 
_atom_sites.fract_transf_vector[3]      0.00000 
_atom_sites.solution_primary            ? 
_atom_sites.solution_secondary          ? 
_atom_sites.solution_hydrogens          ? 
_atom_sites.special_details             ? 
# 
loop_
_atom_type.symbol 
C 
H 
N 
O 
P 
# 
loop_
_atom_site.group_PDB 
_atom_site.id 
_atom_site.type_symbol 
_atom_site.label_atom_id 
_atom_site.label_alt_id 
_atom_site.label_comp_id 
_atom_site.label_asym_id 
_atom_site.label_entity_id 
_atom_site.label_seq_id 
_atom_site.pdbx_PDB_ins_code 
_atom_site.Cartn_x 
_atom_site.Cartn_y 
_atom_site.Cartn_z 
_atom_site.occupancy 
_atom_site.B_iso_or_equiv 
_atom_site.pdbx_formal_charge 
_atom_site.auth_seq_id 
_atom_site.auth_comp_id 
_atom_site.auth_asym_id 
_atom_site.auth_atom_id 
_atom_site.pdbx_PDB_model_num 
ATOM 1    P P      . DA A 1 1  ? 27.752  -1.280  -6.659  1.00 20.00  ? 2  DA A P      1 
ATOM 2    O OP1    . DA A 1 1  ? 28.933  -0.707  -7.355  1.00 20.00  ? 2  DA A OP1    1 
ATOM 3    O OP2    . DA A 1 1  ? 26.582  -0.421  -6.345  1.00 20.00  ? 2  DA A OP2    1 
ATOM 4    O "O5'"  . DA A 1 1  ? 27.142  -2.456  -7.560  1.00 20.00  ? 2  DA A "O5'"  1 
ATOM 5    C "C5'"  . DA A 1 1  ? 27.582  -3.821  -7.409  1.00 20.00  ? 2  DA A "C5'"  1 
ATOM 6    C "C4'"  . DA A 1 1  ? 26.483  -4.801  -7.766  1.00 20.00  ? 2  DA A "C4'"  1 
ATOM 7    O "O4'"  . DA A 1 1  ? 25.642  -4.996  -6.595  1.00 20.00  ? 2  DA A "O4'"  1 
ATOM 8    C "C3'"  . DA A 1 1  ? 25.500  -4.378  -8.867  1.00 20.00  ? 2  DA A "C3'"  1 
ATOM 9    O "O3'"  . DA A 1 1  ? 24.983  -5.560  -9.500  1.00 20.00  ? 2  DA A "O3'"  1 
ATOM 10   C "C2'"  . DA A 1 1  ? 24.405  -3.706  -8.072  1.00 20.00  ? 2  DA A "C2'"  1 
ATOM 11   C "C1'"  . DA A 1 1  ? 24.294  -4.701  -6.938  1.00 20.00  ? 2  DA A "C1'"  1 
ATOM 12   N N9     . DA A 1 1  ? 23.592  -4.204  -5.759  1.00 20.00  ? 2  DA A N9     1 
ATOM 13   C C8     . DA A 1 1  ? 23.497  -2.911  -5.306  1.00 20.00  ? 2  DA A C8     1 
ATOM 14   N N7     . DA A 1 1  ? 22.769  -2.786  -4.223  1.00 20.00  ? 2  DA A N7     1 
ATOM 15   C C5     . DA A 1 1  ? 22.363  -4.082  -3.944  1.00 20.00  ? 2  DA A C5     1 
ATOM 16   C C6     . DA A 1 1  ? 21.575  -4.626  -2.923  1.00 20.00  ? 2  DA A C6     1 
ATOM 17   N N6     . DA A 1 1  ? 21.024  -3.897  -1.946  1.00 20.00  ? 2  DA A N6     1 
ATOM 18   N N1     . DA A 1 1  ? 21.368  -5.957  -2.929  1.00 20.00  ? 2  DA A N1     1 
ATOM 19   C C2     . DA A 1 1  ? 21.920  -6.687  -3.906  1.00 20.00  ? 2  DA A C2     1 
ATOM 20   N N3     . DA A 1 1  ? 22.680  -6.293  -4.920  1.00 20.00  ? 2  DA A N3     1 
ATOM 21   C C4     . DA A 1 1  ? 22.867  -4.964  -4.881  1.00 20.00  ? 2  DA A C4     1 
ATOM 22   H "H5'"  . DA A 1 1  ? 27.907  -3.997  -6.373  1.00 24.00  ? 2  DA A "H5'"  1 
ATOM 23   H "H5''" . DA A 1 1  ? 28.458  -3.998  -8.050  1.00 24.00  ? 2  DA A "H5''" 1 
ATOM 24   H "H4'"  . DA A 1 1  ? 27.006  -5.710  -8.097  1.00 24.00  ? 2  DA A "H4'"  1 
ATOM 25   H "H3'"  . DA A 1 1  ? 25.941  -3.745  -9.652  1.00 24.00  ? 2  DA A "H3'"  1 
ATOM 26   H "H2'"  . DA A 1 1  ? 24.691  -2.700  -7.730  1.00 24.00  ? 2  DA A "H2'"  1 
ATOM 27   H "H2''" . DA A 1 1  ? 23.470  -3.611  -8.642  1.00 24.00  ? 2  DA A "H2''" 1 
ATOM 28   H "H1'"  . DA A 1 1  ? 23.718  -5.567  -7.298  1.00 24.00  ? 2  DA A "H1'"  1 
ATOM 29   H H8     . DA A 1 1  ? 23.982  -2.059  -5.801  1.00 24.00  ? 2  DA A H8     1 
ATOM 30   H H61    . DA A 1 1  ? 20.470  -4.343  -1.235  1.00 24.00  ? 2  DA A H61    1 
ATOM 31   H H62    . DA A 1 1  ? 21.166  -2.907  -1.919  1.00 24.00  ? 2  DA A H62    1 
ATOM 32   H H2     . DA A 1 1  ? 21.714  -7.768  -3.860  1.00 24.00  ? 2  DA A H2     1 
ATOM 33   P P      . DC A 1 2  ? 24.582  -5.617  -11.059 1.00 20.00  ? 3  DC A P      1 
ATOM 34   O OP1    . DC A 1 2  ? 25.812  -5.892  -11.844 1.00 20.00  ? 3  DC A OP1    1 
ATOM 35   O OP2    . DC A 1 2  ? 23.767  -4.412  -11.363 1.00 20.00  ? 3  DC A OP2    1 
ATOM 36   O "O5'"  . DC A 1 2  ? 23.627  -6.900  -11.152 1.00 20.00  ? 3  DC A "O5'"  1 
ATOM 37   C "C5'"  . DC A 1 2  ? 23.807  -8.019  -10.256 1.00 20.00  ? 3  DC A "C5'"  1 
ATOM 38   C "C4'"  . DC A 1 2  ? 22.509  -8.752  -9.975  1.00 20.00  ? 3  DC A "C4'"  1 
ATOM 39   O "O4'"  . DC A 1 2  ? 21.863  -8.148  -8.818  1.00 20.00  ? 3  DC A "O4'"  1 
ATOM 40   C "C3'"  . DC A 1 2  ? 21.445  -8.711  -11.079 1.00 20.00  ? 3  DC A "C3'"  1 
ATOM 41   O "O3'"  . DC A 1 2  ? 20.646  -9.899  -11.000 1.00 20.00  ? 3  DC A "O3'"  1 
ATOM 42   C "C2'"  . DC A 1 2  ? 20.623  -7.508  -10.672 1.00 20.00  ? 3  DC A "C2'"  1 
ATOM 43   C "C1'"  . DC A 1 2  ? 20.545  -7.759  -9.179  1.00 20.00  ? 3  DC A "C1'"  1 
ATOM 44   N N1     . DC A 1 2  ? 20.147  -6.611  -8.338  1.00 20.00  ? 3  DC A N1     1 
ATOM 45   C C2     . DC A 1 2  ? 19.415  -6.858  -7.166  1.00 20.00  ? 3  DC A C2     1 
ATOM 46   O O2     . DC A 1 2  ? 19.122  -8.027  -6.867  1.00 20.00  ? 3  DC A O2     1 
ATOM 47   N N3     . DC A 1 2  ? 19.045  -5.822  -6.383  1.00 20.00  ? 3  DC A N3     1 
ATOM 48   C C4     . DC A 1 2  ? 19.377  -4.577  -6.725  1.00 20.00  ? 3  DC A C4     1 
ATOM 49   N N4     . DC A 1 2  ? 18.995  -3.584  -5.921  1.00 20.00  ? 3  DC A N4     1 
ATOM 50   C C5     . DC A 1 2  ? 20.120  -4.293  -7.904  1.00 20.00  ? 3  DC A C5     1 
ATOM 51   C C6     . DC A 1 2  ? 20.482  -5.326  -8.674  1.00 20.00  ? 3  DC A C6     1 
ATOM 52   H "H5'"  . DC A 1 2  ? 24.237  -7.671  -9.307  1.00 24.00  ? 3  DC A "H5'"  1 
ATOM 53   H "H5''" . DC A 1 2  ? 24.536  -8.720  -10.690 1.00 24.00  ? 3  DC A "H5''" 1 
ATOM 54   H "H4'"  . DC A 1 2  ? 22.805  -9.800  -9.814  1.00 24.00  ? 3  DC A "H4'"  1 
ATOM 55   H "H3'"  . DC A 1 2  ? 21.855  -8.651  -12.099 1.00 24.00  ? 3  DC A "H3'"  1 
ATOM 56   H "H2'"  . DC A 1 2  ? 21.121  -6.564  -10.931 1.00 24.00  ? 3  DC A "H2'"  1 
ATOM 57   H "H2''" . DC A 1 2  ? 19.632  -7.501  -11.150 1.00 24.00  ? 3  DC A "H2''" 1 
ATOM 58   H "H1'"  . DC A 1 2  ? 19.782  -8.533  -9.009  1.00 24.00  ? 3  DC A "H1'"  1 
ATOM 59   H H41    . DC A 1 2  ? 18.472  -3.784  -5.090  1.00 24.00  ? 3  DC A H41    1 
ATOM 60   H H42    . DC A 1 2  ? 19.228  -2.638  -6.148  1.00 24.00  ? 3  DC A H42    1 
ATOM 61   H H5     . DC A 1 2  ? 20.388  -3.261  -8.175  1.00 24.00  ? 3  DC A H5     1 
ATOM 62   H H6     . DC A 1 2  ? 21.063  -5.130  -9.585  1.00 24.00  ? 3  DC A H6     1 
ATOM 63   P P      . DT A 1 3  ? 20.030  -10.618 -12.303 1.00 20.00  ? 4  DT A P      1 
ATOM 64   O OP1    . DT A 1 3  ? 21.064  -11.509 -12.884 1.00 20.00  ? 4  DT A OP1    1 
ATOM 65   O OP2    . DT A 1 3  ? 19.398  -9.572  -13.150 1.00 20.00  ? 4  DT A OP2    1 
ATOM 66   O "O5'"  . DT A 1 3  ? 18.866  -11.526 -11.686 1.00 20.00  ? 4  DT A "O5'"  1 
ATOM 67   C "C5'"  . DT A 1 3  ? 18.992  -12.079 -10.358 1.00 20.00  ? 4  DT A "C5'"  1 
ATOM 68   C "C4'"  . DT A 1 3  ? 17.650  -12.202 -9.667  1.00 20.00  ? 4  DT A "C4'"  1 
ATOM 69   O "O4'"  . DT A 1 3  ? 17.383  -10.961 -8.957  1.00 20.00  ? 4  DT A "O4'"  1 
ATOM 70   C "C3'"  . DT A 1 3  ? 16.428  -12.407 -10.567 1.00 20.00  ? 4  DT A "C3'"  1 
ATOM 71   O "O3'"  . DT A 1 3  ? 15.424  -13.119 -9.833  1.00 20.00  ? 4  DT A "O3'"  1 
ATOM 72   C "C2'"  . DT A 1 3  ? 15.977  -10.982 -10.801 1.00 20.00  ? 4  DT A "C2'"  1 
ATOM 73   C "C1'"  . DT A 1 3  ? 16.136  -10.441 -9.391  1.00 20.00  ? 4  DT A "C1'"  1 
ATOM 74   N N1     . DT A 1 3  ? 16.160  -8.968  -9.243  1.00 20.00  ? 4  DT A N1     1 
ATOM 75   C C2     . DT A 1 3  ? 15.649  -8.433  -8.077  1.00 20.00  ? 4  DT A C2     1 
ATOM 76   O O2     . DT A 1 3  ? 15.193  -9.119  -7.177  1.00 20.00  ? 4  DT A O2     1 
ATOM 77   N N3     . DT A 1 3  ? 15.697  -7.063  -8.000  1.00 20.00  ? 4  DT A N3     1 
ATOM 78   C C4     . DT A 1 3  ? 16.199  -6.193  -8.950  1.00 20.00  ? 4  DT A C4     1 
ATOM 79   O O4     . DT A 1 3  ? 16.192  -4.981  -8.751  1.00 20.00  ? 4  DT A O4     1 
ATOM 80   C C5     . DT A 1 3  ? 16.718  -6.817  -10.143 1.00 20.00  ? 4  DT A C5     1 
ATOM 81   C C7     . DT A 1 3  ? 17.272  -5.950  -11.226 1.00 20.00  ? 4  DT A C7     1 
ATOM 82   C C6     . DT A 1 3  ? 16.677  -8.152  -10.229 1.00 20.00  ? 4  DT A C6     1 
ATOM 83   H "H5'"  . DT A 1 3  ? 19.656  -11.451 -9.748  1.00 24.00  ? 4  DT A "H5'"  1 
ATOM 84   H "H5''" . DT A 1 3  ? 19.466  -13.070 -10.417 1.00 24.00  ? 4  DT A "H5''" 1 
ATOM 85   H "H4'"  . DT A 1 3  ? 17.750  -13.081 -9.015  1.00 24.00  ? 4  DT A "H4'"  1 
ATOM 86   H "H3'"  . DT A 1 3  ? 16.633  -12.968 -11.493 1.00 24.00  ? 4  DT A "H3'"  1 
ATOM 87   H "H2'"  . DT A 1 3  ? 16.604  -10.469 -11.541 1.00 24.00  ? 4  DT A "H2'"  1 
ATOM 88   H "H2''" . DT A 1 3  ? 14.939  -10.933 -11.157 1.00 24.00  ? 4  DT A "H2''" 1 
ATOM 89   H "H1'"  . DT A 1 3  ? 15.271  -10.784 -8.803  1.00 24.00  ? 4  DT A "H1'"  1 
ATOM 90   H H3     . DT A 1 3  ? 15.322  -6.647  -7.163  1.00 24.00  ? 4  DT A H3     1 
ATOM 91   H H71    . DT A 1 3  ? 17.484  -6.562  -12.115 1.00 24.00  ? 4  DT A H71    1 
ATOM 92   H H72    . DT A 1 3  ? 16.539  -5.171  -11.484 1.00 24.00  ? 4  DT A H72    1 
ATOM 93   H H73    . DT A 1 3  ? 18.201  -5.476  -10.878 1.00 24.00  ? 4  DT A H73    1 
ATOM 94   H H6     . DT A 1 3  ? 17.084  -8.614  -11.139 1.00 24.00  ? 4  DT A H6     1 
ATOM 95   P P      . DT A 1 4  ? 14.435  -14.184 -10.528 1.00 20.00  ? 5  DT A P      1 
ATOM 96   O OP1    . DT A 1 4  ? 15.109  -15.507 -10.556 1.00 20.00  ? 5  DT A OP1    1 
ATOM 97   O OP2    . DT A 1 4  ? 13.929  -13.588 -11.793 1.00 20.00  ? 5  DT A OP2    1 
ATOM 98   O "O5'"  . DT A 1 4  ? 13.220  -14.254 -9.492  1.00 20.00  ? 5  DT A "O5'"  1 
ATOM 99   C "C5'"  . DT A 1 4  ? 13.442  -14.052 -8.080  1.00 20.00  ? 5  DT A "C5'"  1 
ATOM 100  C "C4'"  . DT A 1 4  ? 12.256  -13.380 -7.420  1.00 20.00  ? 5  DT A "C4'"  1 
ATOM 101  O "O4'"  . DT A 1 4  ? 12.450  -11.940 -7.477  1.00 20.00  ? 5  DT A "O4'"  1 
ATOM 102  C "C3'"  . DT A 1 4  ? 10.887  -13.618 -8.064  1.00 20.00  ? 5  DT A "C3'"  1 
ATOM 103  O "O3'"  . DT A 1 4  ? 9.879   -13.503 -7.051  1.00 20.00  ? 5  DT A "O3'"  1 
ATOM 104  C "C2'"  . DT A 1 4  ? 10.796  -12.448 -9.023  1.00 20.00  ? 5  DT A "C2'"  1 
ATOM 105  C "C1'"  . DT A 1 4  ? 11.330  -11.350 -8.121  1.00 20.00  ? 5  DT A "C1'"  1 
ATOM 106  N N1     . DT A 1 4  ? 11.770  -10.096 -8.779  1.00 20.00  ? 5  DT A N1     1 
ATOM 107  C C2     . DT A 1 4  ? 11.604  -8.917  -8.081  1.00 20.00  ? 5  DT A C2     1 
ATOM 108  O O2     . DT A 1 4  ? 11.113  -8.871  -6.963  1.00 20.00  ? 5  DT A O2     1 
ATOM 109  N N3     . DT A 1 4  ? 12.035  -7.789  -8.738  1.00 20.00  ? 5  DT A N3     1 
ATOM 110  C C4     . DT A 1 4  ? 12.611  -7.728  -9.994  1.00 20.00  ? 5  DT A C4     1 
ATOM 111  O O4     . DT A 1 4  ? 12.966  -6.651  -10.465 1.00 20.00  ? 5  DT A O4     1 
ATOM 112  C C5     . DT A 1 4  ? 12.753  -8.994  -10.669 1.00 20.00  ? 5  DT A C5     1 
ATOM 113  C C7     . DT A 1 4  ? 13.354  -9.009  -12.039 1.00 20.00  ? 5  DT A C7     1 
ATOM 114  C C6     . DT A 1 4  ? 12.337  -10.100 -10.039 1.00 20.00  ? 5  DT A C6     1 
ATOM 115  H "H5'"  . DT A 1 4  ? 14.339  -13.441 -7.921  1.00 24.00  ? 5  DT A "H5'"  1 
ATOM 116  H "H5''" . DT A 1 4  ? 13.631  -15.022 -7.595  1.00 24.00  ? 5  DT A "H5''" 1 
ATOM 117  H "H4'"  . DT A 1 4  ? 12.233  -13.789 -6.400  1.00 24.00  ? 5  DT A "H4'"  1 
ATOM 118  H "H3'"  . DT A 1 4  ? 10.774  -14.601 -8.545  1.00 24.00  ? 5  DT A "H3'"  1 
ATOM 119  H "H2'"  . DT A 1 4  ? 11.403  -12.607 -9.924  1.00 24.00  ? 5  DT A "H2'"  1 
ATOM 120  H "H2''" . DT A 1 4  ? 9.763   -12.260 -9.352  1.00 24.00  ? 5  DT A "H2''" 1 
ATOM 121  H "H1'"  . DT A 1 4  ? 10.517  -11.056 -7.439  1.00 24.00  ? 5  DT A "H1'"  1 
ATOM 122  H H3     . DT A 1 4  ? 11.914  -6.916  -8.254  1.00 24.00  ? 5  DT A H3     1 
ATOM 123  H H71    . DT A 1 4  ? 13.237  -10.010 -12.480 1.00 24.00  ? 5  DT A H71    1 
ATOM 124  H H72    . DT A 1 4  ? 12.844  -8.268  -12.672 1.00 24.00  ? 5  DT A H72    1 
ATOM 125  H H73    . DT A 1 4  ? 14.422  -8.759  -11.974 1.00 24.00  ? 5  DT A H73    1 
ATOM 126  H H6     . DT A 1 4  ? 12.460  -11.060 -10.559 1.00 24.00  ? 5  DT A H6     1 
ATOM 127  P P      . DC A 1 5  ? 8.550   -14.411 -7.042  1.00 20.00  ? 6  DC A P      1 
ATOM 128  O OP1    . DC A 1 5  ? 8.865   -15.692 -6.361  1.00 20.00  ? 6  DC A OP1    1 
ATOM 129  O OP2    . DC A 1 5  ? 7.997   -14.426 -8.422  1.00 20.00  ? 6  DC A OP2    1 
ATOM 130  O "O5'"  . DC A 1 5  ? 7.547   -13.580 -6.116  1.00 20.00  ? 6  DC A "O5'"  1 
ATOM 131  C "C5'"  . DC A 1 5  ? 8.044   -12.761 -5.035  1.00 20.00  ? 6  DC A "C5'"  1 
ATOM 132  C "C4'"  . DC A 1 5  ? 7.186   -11.528 -4.839  1.00 20.00  ? 6  DC A "C4'"  1 
ATOM 133  O "O4'"  . DC A 1 5  ? 7.709   -10.466 -5.683  1.00 20.00  ? 6  DC A "O4'"  1 
ATOM 134  C "C3'"  . DC A 1 5  ? 5.713   -11.659 -5.242  1.00 20.00  ? 6  DC A "C3'"  1 
ATOM 135  O "O3'"  . DC A 1 5  ? 4.933   -10.756 -4.450  1.00 20.00  ? 6  DC A "O3'"  1 
ATOM 136  C "C2'"  . DC A 1 5  ? 5.747   -11.200 -6.685  1.00 20.00  ? 6  DC A "C2'"  1 
ATOM 137  C "C1'"  . DC A 1 5  ? 6.681   -10.010 -6.550  1.00 20.00  ? 6  DC A "C1'"  1 
ATOM 138  N N1     . DC A 1 5  ? 7.320   -9.531  -7.795  1.00 20.00  ? 6  DC A N1     1 
ATOM 139  C C2     . DC A 1 5  ? 7.602   -8.163  -7.923  1.00 20.00  ? 6  DC A C2     1 
ATOM 140  O O2     . DC A 1 5  ? 7.273   -7.386  -7.014  1.00 20.00  ? 6  DC A O2     1 
ATOM 141  N N3     . DC A 1 5  ? 8.219   -7.712  -9.039  1.00 20.00  ? 6  DC A N3     1 
ATOM 142  C C4     . DC A 1 5  ? 8.554   -8.566  -10.007 1.00 20.00  ? 6  DC A C4     1 
ATOM 143  N N4     . DC A 1 5  ? 9.166   -8.081  -11.088 1.00 20.00  ? 6  DC A N4     1 
ATOM 144  C C5     . DC A 1 5  ? 8.273   -9.956  -9.913  1.00 20.00  ? 6  DC A C5     1 
ATOM 145  C C6     . DC A 1 5  ? 7.667   -10.394 -8.803  1.00 20.00  ? 6  DC A C6     1 
ATOM 146  H "H5'"  . DC A 1 5  ? 9.079   -12.457 -5.236  1.00 24.00  ? 6  DC A "H5'"  1 
ATOM 147  H "H5''" . DC A 1 5  ? 8.061   -13.350 -4.107  1.00 24.00  ? 6  DC A "H5''" 1 
ATOM 148  H "H4'"  . DC A 1 5  ? 7.242   -11.306 -3.763  1.00 24.00  ? 6  DC A "H4'"  1 
ATOM 149  H "H3'"  . DC A 1 5  ? 5.297   -12.669 -5.103  1.00 24.00  ? 6  DC A "H3'"  1 
ATOM 150  H "H2'"  . DC A 1 5  ? 6.130   -11.981 -7.355  1.00 24.00  ? 6  DC A "H2'"  1 
ATOM 151  H "H2''" . DC A 1 5  ? 4.751   -10.914 -7.051  1.00 24.00  ? 6  DC A "H2''" 1 
ATOM 152  H "H1'"  . DC A 1 5  ? 6.097   -9.163  -6.160  1.00 24.00  ? 6  DC A "H1'"  1 
ATOM 153  H H41    . DC A 1 5  ? 9.367   -7.102  -11.156 1.00 24.00  ? 6  DC A H41    1 
ATOM 154  H H42    . DC A 1 5  ? 9.430   -8.695  -11.832 1.00 24.00  ? 6  DC A H42    1 
ATOM 155  H H5     . DC A 1 5  ? 8.548   -10.650 -10.721 1.00 24.00  ? 6  DC A H5     1 
ATOM 156  H H6     . DC A 1 5  ? 7.453   -11.467 -8.704  1.00 24.00  ? 6  DC A H6     1 
ATOM 157  P P      . DC A 1 6  ? 3.444   -11.114 -3.956  1.00 20.00  ? 7  DC A P      1 
ATOM 158  O OP1    . DC A 1 6  ? 3.546   -11.908 -2.705  1.00 20.00  ? 7  DC A OP1    1 
ATOM 159  O OP2    . DC A 1 6  ? 2.697   -11.662 -5.118  1.00 20.00  ? 7  DC A OP2    1 
ATOM 160  O "O5'"  . DC A 1 6  ? 2.823   -9.686  -3.599  1.00 20.00  ? 7  DC A "O5'"  1 
ATOM 161  C "C5'"  . DC A 1 6  ? 3.657   -8.611  -3.115  1.00 20.00  ? 7  DC A "C5'"  1 
ATOM 162  C "C4'"  . DC A 1 6  ? 3.141   -7.268  -3.583  1.00 20.00  ? 7  DC A "C4'"  1 
ATOM 163  O "O4'"  . DC A 1 6  ? 3.775   -6.967  -4.856  1.00 20.00  ? 7  DC A "O4'"  1 
ATOM 164  C "C3'"  . DC A 1 6  ? 1.633   -7.203  -3.849  1.00 20.00  ? 7  DC A "C3'"  1 
ATOM 165  O "O3'"  . DC A 1 6  ? 1.141   -5.883  -3.586  1.00 20.00  ? 7  DC A "O3'"  1 
ATOM 166  C "C2'"  . DC A 1 6  ? 1.565   -7.521  -5.331  1.00 20.00  ? 7  DC A "C2'"  1 
ATOM 167  C "C1'"  . DC A 1 6  ? 2.772   -6.749  -5.838  1.00 20.00  ? 7  DC A "C1'"  1 
ATOM 168  N N1     . DC A 1 6  ? 3.318   -7.191  -7.141  1.00 20.00  ? 7  DC A N1     1 
ATOM 169  C C2     . DC A 1 6  ? 3.915   -6.245  -7.991  1.00 20.00  ? 7  DC A C2     1 
ATOM 170  O O2     . DC A 1 6  ? 3.958   -5.053  -7.649  1.00 20.00  ? 7  DC A O2     1 
ATOM 171  N N3     . DC A 1 6  ? 4.432   -6.648  -9.174  1.00 20.00  ? 7  DC A N3     1 
ATOM 172  C C4     . DC A 1 6  ? 4.371   -7.934  -9.528  1.00 20.00  ? 7  DC A C4     1 
ATOM 173  N N4     . DC A 1 6  ? 4.897   -8.296  -10.698 1.00 20.00  ? 7  DC A N4     1 
ATOM 174  C C5     . DC A 1 6  ? 3.772   -8.912  -8.694  1.00 20.00  ? 7  DC A C5     1 
ATOM 175  C C6     . DC A 1 6  ? 3.267   -8.509  -7.524  1.00 20.00  ? 7  DC A C6     1 
ATOM 176  H "H5'"  . DC A 1 6  ? 4.691   -8.748  -3.461  1.00 24.00  ? 7  DC A "H5'"  1 
ATOM 177  H "H5''" . DC A 1 6  ? 3.687   -8.634  -2.015  1.00 24.00  ? 7  DC A "H5''" 1 
ATOM 178  H "H4'"  . DC A 1 6  ? 3.395   -6.560  -2.779  1.00 24.00  ? 7  DC A "H4'"  1 
ATOM 179  H "H3'"  . DC A 1 6  ? 1.046   -7.893  -3.225  1.00 24.00  ? 7  DC A "H3'"  1 
ATOM 180  H "H2'"  . DC A 1 6  ? 1.628   -8.600  -5.513  1.00 24.00  ? 7  DC A "H2'"  1 
ATOM 181  H "H2''" . DC A 1 6  ? 0.629   -7.172  -5.788  1.00 24.00  ? 7  DC A "H2''" 1 
ATOM 182  H "H1'"  . DC A 1 6  ? 2.478   -5.697  -5.966  1.00 24.00  ? 7  DC A "H1'"  1 
ATOM 183  H H41    . DC A 1 6  ? 5.324   -7.612  -11.290 1.00 24.00  ? 7  DC A H41    1 
ATOM 184  H H42    . DC A 1 6  ? 4.865   -9.253  -10.986 1.00 24.00  ? 7  DC A H42    1 
ATOM 185  H H5     . DC A 1 6  ? 3.723   -9.968  -8.999  1.00 24.00  ? 7  DC A H5     1 
ATOM 186  H H6     . DC A 1 6  ? 2.815   -9.257  -6.862  1.00 24.00  ? 7  DC A H6     1 
ATOM 187  P P      . DA A 1 7  ? -0.439  -5.582  -3.549  1.00 20.00  ? 8  DA A P      1 
ATOM 188  O OP1    . DA A 1 7  ? -0.797  -5.059  -2.207  1.00 20.00  ? 8  DA A OP1    1 
ATOM 189  O OP2    . DA A 1 7  ? -1.166  -6.741  -4.130  1.00 20.00  ? 8  DA A OP2    1 
ATOM 190  O "O5'"  . DA A 1 7  ? -0.628  -4.422  -4.620  1.00 20.00  ? 8  DA A "O5'"  1 
ATOM 191  C "C5'"  . DA A 1 7  ? -0.418  -3.050  -4.243  1.00 20.00  ? 8  DA A "C5'"  1 
ATOM 192  C "C4'"  . DA A 1 7  ? -0.321  -2.182  -5.472  1.00 20.00  ? 8  DA A "C4'"  1 
ATOM 193  O "O4'"  . DA A 1 7  ? 0.869   -2.502  -6.232  1.00 20.00  ? 8  DA A "O4'"  1 
ATOM 194  C "C3'"  . DA A 1 7  ? -1.443  -2.349  -6.485  1.00 20.00  ? 8  DA A "C3'"  1 
ATOM 195  O "O3'"  . DA A 1 7  ? -2.625  -1.642  -6.096  1.00 20.00  ? 8  DA A "O3'"  1 
ATOM 196  C "C2'"  . DA A 1 7  ? -0.793  -1.710  -7.691  1.00 20.00  ? 8  DA A "C2'"  1 
ATOM 197  C "C1'"  . DA A 1 7  ? 0.614   -2.273  -7.616  1.00 20.00  ? 8  DA A "C1'"  1 
ATOM 198  N N9     . DA A 1 7  ? 0.754   -3.530  -8.348  1.00 20.00  ? 8  DA A N9     1 
ATOM 199  C C8     . DA A 1 7  ? 0.453   -4.801  -7.926  1.00 20.00  ? 8  DA A C8     1 
ATOM 200  N N7     . DA A 1 7  ? 0.667   -5.723  -8.832  1.00 20.00  ? 8  DA A N7     1 
ATOM 201  C C5     . DA A 1 7  ? 1.147   -5.012  -9.921  1.00 20.00  ? 8  DA A C5     1 
ATOM 202  C C6     . DA A 1 7  ? 1.568   -5.414  -11.196 1.00 20.00  ? 8  DA A C6     1 
ATOM 203  N N6     . DA A 1 7  ? 1.565   -6.684  -11.602 1.00 20.00  ? 8  DA A N6     1 
ATOM 204  N N1     . DA A 1 7  ? 1.996   -4.458  -12.049 1.00 20.00  ? 8  DA A N1     1 
ATOM 205  C C2     . DA A 1 7  ? 1.994   -3.185  -11.631 1.00 20.00  ? 8  DA A C2     1 
ATOM 206  N N3     . DA A 1 7  ? 1.624   -2.684  -10.456 1.00 20.00  ? 8  DA A N3     1 
ATOM 207  C C4     . DA A 1 7  ? 1.205   -3.662  -9.636  1.00 20.00  ? 8  DA A C4     1 
ATOM 208  H "H5'"  . DA A 1 7  ? 0.504   -2.963  -3.650  1.00 24.00  ? 8  DA A "H5'"  1 
ATOM 209  H "H5''" . DA A 1 7  ? -1.246  -2.705  -3.606  1.00 24.00  ? 8  DA A "H5''" 1 
ATOM 210  H "H4'"  . DA A 1 7  ? -0.344  -1.147  -5.095  1.00 24.00  ? 8  DA A "H4'"  1 
ATOM 211  H "H3'"  . DA A 1 7  ? -1.737  -3.397  -6.651  1.00 24.00  ? 8  DA A "H3'"  1 
ATOM 212  H "H2'"  . DA A 1 7  ? -1.298  -1.997  -8.618  1.00 24.00  ? 8  DA A "H2'"  1 
ATOM 213  H "H2''" . DA A 1 7  ? -0.806  -0.611  -7.634  1.00 24.00  ? 8  DA A "H2''" 1 
ATOM 214  H "H1'"  . DA A 1 7  ? 1.297   -1.556  -8.092  1.00 24.00  ? 8  DA A "H1'"  1 
ATOM 215  H H8     . DA A 1 7  ? 0.067   -5.025  -6.922  1.00 24.00  ? 8  DA A H8     1 
ATOM 216  H H61    . DA A 1 7  ? 1.878   -6.918  -12.523 1.00 24.00  ? 8  DA A H61    1 
ATOM 217  H H62    . DA A 1 7  ? 1.250   -7.403  -10.986 1.00 24.00  ? 8  DA A H62    1 
ATOM 218  H H2     . DA A 1 7  ? 2.352   -2.449  -12.366 1.00 24.00  ? 8  DA A H2     1 
ATOM 219  P P      . DG A 1 8  ? -3.973  -1.780  -6.968  1.00 69.69  ? 9  DG A P      1 
ATOM 220  O OP1    . DG A 1 8  ? -3.683  -2.625  -8.163  1.00 0.00   ? 9  DG A OP1    1 
ATOM 221  O OP2    . DG A 1 8  ? -4.527  -0.416  -7.167  1.00 69.69  ? 9  DG A OP2    1 
ATOM 222  O "O5'"  . DG A 1 8  ? -4.957  -2.578  -6.003  1.00 69.69  ? 9  DG A "O5'"  1 
ATOM 223  C "C5'"  . DG A 1 8  ? -5.510  -3.855  -6.384  1.00 67.33  ? 9  DG A "C5'"  1 
ATOM 224  C "C4'"  . DG A 1 8  ? -6.518  -4.314  -5.353  1.00 68.12  ? 9  DG A "C4'"  1 
ATOM 225  O "O4'"  . DG A 1 8  ? -7.223  -3.164  -4.839  1.00 63.79  ? 9  DG A "O4'"  1 
ATOM 226  C "C3'"  . DG A 1 8  ? -7.602  -5.270  -5.872  1.00 70.10  ? 9  DG A "C3'"  1 
ATOM 227  O "O3'"  . DG A 1 8  ? -7.451  -6.597  -5.313  1.00 68.39  ? 9  DG A "O3'"  1 
ATOM 228  C "C2'"  . DG A 1 8  ? -8.923  -4.596  -5.503  1.00 66.17  ? 9  DG A "C2'"  1 
ATOM 229  C "C1'"  . DG A 1 8  ? -8.513  -3.584  -4.447  1.00 70.28  ? 9  DG A "C1'"  1 
ATOM 230  N N9     . DG A 1 8  ? -9.362  -2.396  -4.381  1.00 65.01  ? 9  DG A N9     1 
ATOM 231  C C8     . DG A 1 8  ? -10.591 -2.287  -3.778  1.00 58.39  ? 9  DG A C8     1 
ATOM 232  N N7     . DG A 1 8  ? -11.098 -1.088  -3.870  1.00 62.34  ? 9  DG A N7     1 
ATOM 233  C C5     . DG A 1 8  ? -10.148 -0.365  -4.576  1.00 61.99  ? 9  DG A C5     1 
ATOM 234  C C6     . DG A 1 8  ? -10.137 0.997   -4.972  1.00 55.85  ? 9  DG A C6     1 
ATOM 235  O O6     . DG A 1 8  ? -10.994 1.866   -4.772  1.00 56.33  ? 9  DG A O6     1 
ATOM 236  N N1     . DG A 1 8  ? -8.975  1.322   -5.665  1.00 55.72  ? 9  DG A N1     1 
ATOM 237  C C2     . DG A 1 8  ? -7.954  0.448   -5.944  1.00 53.84  ? 9  DG A C2     1 
ATOM 238  N N2     . DG A 1 8  ? -6.913  0.953   -6.624  1.00 48.41  ? 9  DG A N2     1 
ATOM 239  N N3     . DG A 1 8  ? -7.952  -0.824  -5.580  1.00 58.09  ? 9  DG A N3     1 
ATOM 240  C C4     . DG A 1 8  ? -9.072  -1.159  -4.904  1.00 60.11  ? 9  DG A C4     1 
ATOM 241  H "H5'"  . DG A 1 8  ? -4.705  -4.598  -6.478  1.00 80.80  ? 9  DG A "H5'"  1 
ATOM 242  H "H5''" . DG A 1 8  ? -5.993  -3.775  -7.371  1.00 80.80  ? 9  DG A "H5''" 1 
ATOM 243  H "H4'"  . DG A 1 8  ? -5.917  -4.846  -4.601  1.00 81.74  ? 9  DG A "H4'"  1 
ATOM 244  H "H3'"  . DG A 1 8  ? -7.527  -5.415  -6.961  1.00 84.12  ? 9  DG A "H3'"  1 
ATOM 245  H "H2'"  . DG A 1 8  ? -9.381  -4.102  -6.372  1.00 79.40  ? 9  DG A "H2'"  1 
ATOM 246  H "H2''" . DG A 1 8  ? -9.667  -5.311  -5.126  1.00 79.40  ? 9  DG A "H2''" 1 
ATOM 247  H "H1'"  . DG A 1 8  ? -8.559  -4.058  -3.456  1.00 84.34  ? 9  DG A "H1'"  1 
ATOM 248  H H8     . DG A 1 8  ? -11.095 -3.123  -3.271  1.00 70.07  ? 9  DG A H8     1 
ATOM 249  H H1     . DG A 1 8  ? -8.878  2.263   -5.987  1.00 66.86  ? 9  DG A H1     1 
ATOM 250  H H21    . DG A 1 8  ? -6.915  1.914   -6.899  1.00 58.09  ? 9  DG A H21    1 
ATOM 251  H H22    . DG A 1 8  ? -6.134  0.366   -6.859  1.00 58.09  ? 9  DG A H22    1 
ATOM 252  P P      . DT A 1 9  ? -7.769  -7.009  -3.778  1.00 71.37  ? 10 DT A P      1 
ATOM 253  O OP1    . DT A 1 9  ? -7.726  -8.491  -3.690  1.00 89.83  ? 10 DT A OP1    1 
ATOM 254  O OP2    . DT A 1 9  ? -8.995  -6.299  -3.330  1.00 77.88  ? 10 DT A OP2    1 
ATOM 255  O "O5'"  . DT A 1 9  ? -6.537  -6.436  -2.941  1.00 74.74  ? 10 DT A "O5'"  1 
ATOM 256  C "C5'"  . DT A 1 9  ? -6.095  -7.103  -1.739  1.00 77.93  ? 10 DT A "C5'"  1 
ATOM 257  C "C4'"  . DT A 1 9  ? -4.904  -6.387  -1.139  1.00 80.69  ? 10 DT A "C4'"  1 
ATOM 258  O "O4'"  . DT A 1 9  ? -5.164  -4.961  -1.146  1.00 80.88  ? 10 DT A "O4'"  1 
ATOM 259  C "C3'"  . DT A 1 9  ? -4.589  -6.741  0.318   1.00 83.01  ? 10 DT A "C3'"  1 
ATOM 260  O "O3'"  . DT A 1 9  ? -3.180  -6.609  0.570   1.00 79.93  ? 10 DT A "O3'"  1 
ATOM 261  C "C2'"  . DT A 1 9  ? -5.370  -5.679  1.072   1.00 83.93  ? 10 DT A "C2'"  1 
ATOM 262  C "C1'"  . DT A 1 9  ? -5.156  -4.465  0.184   1.00 78.57  ? 10 DT A "C1'"  1 
ATOM 263  N N1     . DT A 1 9  ? -6.210  -3.437  0.285   1.00 74.11  ? 10 DT A N1     1 
ATOM 264  C C2     . DT A 1 9  ? -5.837  -2.138  0.554   1.00 67.22  ? 10 DT A C2     1 
ATOM 265  O O2     . DT A 1 9  ? -4.674  -1.791  0.689   1.00 62.82  ? 10 DT A O2     1 
ATOM 266  N N3     . DT A 1 9  ? -6.882  -1.252  0.655   1.00 64.20  ? 10 DT A N3     1 
ATOM 267  C C4     . DT A 1 9  ? -8.231  -1.533  0.516   1.00 69.86  ? 10 DT A C4     1 
ATOM 268  O O4     . DT A 1 9  ? -9.067  -0.642  0.654   1.00 68.05  ? 10 DT A O4     1 
ATOM 269  C C5     . DT A 1 9  ? -8.546  -2.911  0.222   1.00 69.04  ? 10 DT A C5     1 
ATOM 270  C C7     . DT A 1 9  ? -9.976  -3.304  0.038   1.00 66.01  ? 10 DT A C7     1 
ATOM 271  C C6     . DT A 1 9  ? -7.535  -3.781  0.123   1.00 66.76  ? 10 DT A C6     1 
ATOM 272  H "H5'"  . DT A 1 9  ? -5.823  -8.145  -1.968  1.00 93.52  ? 10 DT A "H5'"  1 
ATOM 273  H "H5''" . DT A 1 9  ? -6.917  -7.140  -1.006  1.00 93.52  ? 10 DT A "H5''" 1 
ATOM 274  H "H4'"  . DT A 1 9  ? -4.049  -6.691  -1.761  1.00 96.83  ? 10 DT A "H4'"  1 
ATOM 275  H "H3'"  . DT A 1 9  ? -4.872  -7.768  0.594   1.00 99.61  ? 10 DT A "H3'"  1 
ATOM 276  H "H2'"  . DT A 1 9  ? -6.432  -5.945  1.174   1.00 100.72 ? 10 DT A "H2'"  1 
ATOM 277  H "H2''" . DT A 1 9  ? -4.979  -5.524  2.087   1.00 100.72 ? 10 DT A "H2''" 1 
ATOM 278  H "H1'"  . DT A 1 9  ? -4.218  -3.978  0.488   1.00 94.28  ? 10 DT A "H1'"  1 
ATOM 279  H H3     . DT A 1 9  ? -6.640  -0.296  0.844   1.00 77.04  ? 10 DT A H3     1 
ATOM 280  H H71    . DT A 1 9  ? -10.044 -4.095  -0.724  1.00 79.21  ? 10 DT A H71    1 
ATOM 281  H H72    . DT A 1 9  ? -10.380 -3.676  0.990   1.00 79.21  ? 10 DT A H72    1 
ATOM 282  H H73    . DT A 1 9  ? -10.558 -2.429  -0.290  1.00 79.21  ? 10 DT A H73    1 
ATOM 283  H H6     . DT A 1 9  ? -7.777  -4.829  -0.108  1.00 80.11  ? 10 DT A H6     1 
ATOM 284  P P      . DC A 1 10 ? -2.538  -7.072  1.974   1.00 84.66  ? 11 DC A P      1 
ATOM 285  O OP1    . DC A 1 10 ? -1.286  -7.818  1.688   1.00 79.05  ? 11 DC A OP1    1 
ATOM 286  O OP2    . DC A 1 10 ? -3.611  -7.724  2.770   1.00 81.30  ? 11 DC A OP2    1 
ATOM 287  O "O5'"  . DC A 1 10 ? -2.148  -5.707  2.705   1.00 86.32  ? 11 DC A "O5'"  1 
ATOM 288  C "C5'"  . DC A 1 10 ? -0.930  -5.009  2.373   1.00 89.46  ? 11 DC A "C5'"  1 
ATOM 289  C "C4'"  . DC A 1 10 ? -0.711  -3.826  3.293   1.00 85.00  ? 11 DC A "C4'"  1 
ATOM 290  O "O4'"  . DC A 1 10 ? -1.798  -2.878  3.121   1.00 81.57  ? 11 DC A "O4'"  1 
ATOM 291  C "C3'"  . DC A 1 10 ? -0.695  -4.170  4.788   1.00 80.98  ? 11 DC A "C3'"  1 
ATOM 292  O "O3'"  . DC A 1 10 ? 0.239   -3.336  5.488   1.00 88.27  ? 11 DC A "O3'"  1 
ATOM 293  C "C2'"  . DC A 1 10 ? -2.112  -3.838  5.208   1.00 79.53  ? 11 DC A "C2'"  1 
ATOM 294  C "C1'"  . DC A 1 10 ? -2.358  -2.586  4.391   1.00 75.89  ? 11 DC A "C1'"  1 
ATOM 295  N N1     . DC A 1 10 ? -3.777  -2.239  4.214   1.00 67.08  ? 11 DC A N1     1 
ATOM 296  C C2     . DC A 1 10 ? -4.182  -0.909  4.388   1.00 59.66  ? 11 DC A C2     1 
ATOM 297  O O2     . DC A 1 10 ? -3.334  -0.042  4.653   1.00 60.31  ? 11 DC A O2     1 
ATOM 298  N N3     . DC A 1 10 ? -5.489  -0.596  4.256   1.00 60.73  ? 11 DC A N3     1 
ATOM 299  C C4     . DC A 1 10 ? -6.377  -1.545  3.961   1.00 56.23  ? 11 DC A C4     1 
ATOM 300  N N4     . DC A 1 10 ? -7.658  -1.191  3.851   1.00 54.51  ? 11 DC A N4     1 
ATOM 301  C C5     . DC A 1 10 ? -5.996  -2.901  3.771   1.00 59.65  ? 11 DC A C5     1 
ATOM 302  C C6     . DC A 1 10 ? -4.700  -3.202  3.902   1.00 61.80  ? 11 DC A C6     1 
ATOM 303  H "H5'"  . DC A 1 10 ? -0.973  -4.666  1.329   1.00 107.35 ? 11 DC A "H5'"  1 
ATOM 304  H "H5''" . DC A 1 10 ? -0.076  -5.700  2.444   1.00 107.35 ? 11 DC A "H5''" 1 
ATOM 305  H "H4'"  . DC A 1 10 ? 0.274   -3.424  3.013   1.00 102.00 ? 11 DC A "H4'"  1 
ATOM 306  H "H3'"  . DC A 1 10 ? -0.410  -5.213  4.994   1.00 97.18  ? 11 DC A "H3'"  1 
ATOM 307  H "H2'"  . DC A 1 10 ? -2.810  -4.651  4.963   1.00 95.44  ? 11 DC A "H2'"  1 
ATOM 308  H "H2''" . DC A 1 10 ? -2.201  -3.654  6.286   1.00 95.44  ? 11 DC A "H2''" 1 
ATOM 309  H "H1'"  . DC A 1 10 ? -1.894  -1.739  4.915   1.00 91.07  ? 11 DC A "H1'"  1 
ATOM 310  H H41    . DC A 1 10 ? -7.927  -0.238  3.986   1.00 65.41  ? 11 DC A H41    1 
ATOM 311  H H42    . DC A 1 10 ? -8.351  -1.878  3.635   1.00 65.41  ? 11 DC A H42    1 
ATOM 312  H H5     . DC A 1 10 ? -6.738  -3.674  3.524   1.00 71.58  ? 11 DC A H5     1 
ATOM 313  H H6     . DC A 1 10 ? -4.373  -4.239  3.750   1.00 74.16  ? 11 DC A H6     1 
ATOM 314  P P      . DC A 1 11 ? 0.539   -3.582  7.052   1.00 84.10  ? 12 DC A P      1 
ATOM 315  O OP1    . DC A 1 11 ? 1.806   -2.881  7.386   1.00 84.62  ? 12 DC A OP1    1 
ATOM 316  O OP2    . DC A 1 11 ? 0.406   -5.039  7.313   1.00 70.12  ? 12 DC A OP2    1 
ATOM 317  O "O5'"  . DC A 1 11 ? -0.658  -2.835  7.800   1.00 86.24  ? 12 DC A "O5'"  1 
ATOM 318  C "C5'"  . DC A 1 11 ? -0.570  -1.428  8.091   1.00 86.83  ? 12 DC A "C5'"  1 
ATOM 319  C "C4'"  . DC A 1 11 ? -1.891  -0.896  8.606   1.00 88.79  ? 12 DC A "C4'"  1 
ATOM 320  O "O4'"  . DC A 1 11 ? -2.959  -1.173  7.683   1.00 86.38  ? 12 DC A "O4'"  1 
ATOM 321  C "C3'"  . DC A 1 11 ? -2.408  -1.514  9.899   1.00 83.73  ? 12 DC A "C3'"  1 
ATOM 322  O "O3'"  . DC A 1 11 ? -1.766  -0.938  11.043  1.00 80.96  ? 12 DC A "O3'"  1 
ATOM 323  C "C2'"  . DC A 1 11 ? -3.882  -1.139  9.857   1.00 79.17  ? 12 DC A "C2'"  1 
ATOM 324  C "C1'"  . DC A 1 11 ? -4.174  -0.932  8.377   1.00 71.58  ? 12 DC A "C1'"  1 
ATOM 325  N N1     . DC A 1 11 ? -5.201  -1.845  7.857   1.00 58.40  ? 12 DC A N1     1 
ATOM 326  C C2     . DC A 1 11 ? -6.492  -1.353  7.624   1.00 51.25  ? 12 DC A C2     1 
ATOM 327  O O2     . DC A 1 11 ? -6.734  -0.153  7.847   1.00 48.47  ? 12 DC A O2     1 
ATOM 328  N N3     . DC A 1 11 ? -7.441  -2.197  7.163   1.00 45.10  ? 12 DC A N3     1 
ATOM 329  C C4     . DC A 1 11 ? -7.144  -3.478  6.936   1.00 51.52  ? 12 DC A C4     1 
ATOM 330  N N4     . DC A 1 11 ? -8.117  -4.275  6.485   1.00 47.45  ? 12 DC A N4     1 
ATOM 331  C C5     . DC A 1 11 ? -5.839  -4.001  7.163   1.00 53.71  ? 12 DC A C5     1 
ATOM 332  C C6     . DC A 1 11 ? -4.908  -3.157  7.619   1.00 54.86  ? 12 DC A C6     1 
ATOM 333  H "H5'"  . DC A 1 11 ? -0.277  -0.878  7.185   1.00 104.20 ? 12 DC A "H5'"  1 
ATOM 334  H "H5''" . DC A 1 11 ? 0.218   -1.252  8.839   1.00 104.20 ? 12 DC A "H5''" 1 
ATOM 335  H "H4'"  . DC A 1 11 ? -1.721  0.178   8.773   1.00 106.55 ? 12 DC A "H4'"  1 
ATOM 336  H "H3'"  . DC A 1 11 ? -2.238  -2.600  9.958   1.00 100.48 ? 12 DC A "H3'"  1 
ATOM 337  H "H2'"  . DC A 1 11 ? -4.509  -1.934  10.286  1.00 95.00  ? 12 DC A "H2'"  1 
ATOM 338  H "H2''" . DC A 1 11 ? -4.083  -0.229  10.440  1.00 95.00  ? 12 DC A "H2''" 1 
ATOM 339  H "H1'"  . DC A 1 11 ? -4.574  0.083   8.248   1.00 85.90  ? 12 DC A "H1'"  1 
ATOM 340  H H41    . DC A 1 11 ? -9.033  -3.905  6.327   1.00 56.94  ? 12 DC A H41    1 
ATOM 341  H H42    . DC A 1 11 ? -7.931  -5.240  6.305   1.00 56.94  ? 12 DC A H42    1 
ATOM 342  H H5     . DC A 1 11 ? -5.606  -5.058  6.971   1.00 64.45  ? 12 DC A H5     1 
ATOM 343  H H6     . DC A 1 11 ? -3.888  -3.525  7.805   1.00 65.83  ? 12 DC A H6     1 
ATOM 344  P P      . DG A 1 12 ? -2.204  -1.388  12.530  1.00 74.45  ? 13 DG A P      1 
ATOM 345  O OP1    . DG A 1 12 ? -3.394  -2.271  12.422  1.00 65.44  ? 13 DG A OP1    1 
ATOM 346  O OP2    . DG A 1 12 ? -2.313  -0.153  13.351  1.00 68.65  ? 13 DG A OP2    1 
ATOM 347  O "O5'"  . DG A 1 12 ? -0.967  -2.241  13.067  1.00 72.64  ? 13 DG A "O5'"  1 
ATOM 348  C "C5'"  . DG A 1 12 ? 0.214   -2.375  12.254  1.00 70.26  ? 13 DG A "C5'"  1 
ATOM 349  C "C4'"  . DG A 1 12 ? 1.422   -2.784  13.066  1.00 72.50  ? 13 DG A "C4'"  1 
ATOM 350  O "O4'"  . DG A 1 12 ? 1.499   -1.945  14.256  1.00 69.97  ? 13 DG A "O4'"  1 
ATOM 351  C "C3'"  . DG A 1 12 ? 1.452   -4.230  13.590  1.00 72.60  ? 13 DG A "C3'"  1 
ATOM 352  O "O3'"  . DG A 1 12 ? 2.784   -4.751  13.445  1.00 83.61  ? 13 DG A "O3'"  1 
ATOM 353  C "C2'"  . DG A 1 12 ? 1.116   -4.060  15.057  1.00 66.23  ? 13 DG A "C2'"  1 
ATOM 354  C "C1'"  . DG A 1 12 ? 1.855   -2.773  15.351  1.00 62.58  ? 13 DG A "C1'"  1 
ATOM 355  N N9     . DG A 1 12 ? 1.471   -2.123  16.605  1.00 59.97  ? 13 DG A N9     1 
ATOM 356  C C8     . DG A 1 12 ? 0.272   -2.240  17.266  1.00 59.89  ? 13 DG A C8     1 
ATOM 357  N N7     . DG A 1 12 ? 0.231   -1.563  18.380  1.00 57.14  ? 13 DG A N7     1 
ATOM 358  C C5     . DG A 1 12 ? 1.475   -0.959  18.464  1.00 53.80  ? 13 DG A C5     1 
ATOM 359  C C6     . DG A 1 12 ? 2.014   -0.114  19.469  1.00 53.41  ? 13 DG A C6     1 
ATOM 360  O O6     . DG A 1 12 ? 1.475   0.281   20.509  1.00 62.52  ? 13 DG A O6     1 
ATOM 361  N N1     . DG A 1 12 ? 3.318   0.270   19.171  1.00 49.32  ? 13 DG A N1     1 
ATOM 362  C C2     . DG A 1 12 ? 4.009   -0.108  18.043  1.00 56.58  ? 13 DG A C2     1 
ATOM 363  N N2     . DG A 1 12 ? 5.258   0.365   17.928  1.00 58.46  ? 13 DG A N2     1 
ATOM 364  N N3     . DG A 1 12 ? 3.518   -0.896  17.096  1.00 56.67  ? 13 DG A N3     1 
ATOM 365  C C4     . DG A 1 12 ? 2.253   -1.286  17.372  1.00 55.23  ? 13 DG A C4     1 
ATOM 366  H "H5'"  . DG A 1 12 ? 0.424   -1.422  11.749  1.00 84.31  ? 13 DG A "H5'"  1 
ATOM 367  H "H5''" . DG A 1 12 ? 0.033   -3.117  11.462  1.00 84.31  ? 13 DG A "H5''" 1 
ATOM 368  H "H4'"  . DG A 1 12 ? 2.265   -2.659  12.373  1.00 87.00  ? 13 DG A "H4'"  1 
ATOM 369  H "H3'"  . DG A 1 12 ? 0.773   -4.915  13.062  1.00 87.12  ? 13 DG A "H3'"  1 
ATOM 370  H "H2'"  . DG A 1 12 ? 0.032   -3.973  15.222  1.00 79.48  ? 13 DG A "H2'"  1 
ATOM 371  H "H2''" . DG A 1 12 ? 1.476   -4.900  15.667  1.00 79.48  ? 13 DG A "H2''" 1 
ATOM 372  H "H1'"  . DG A 1 12 ? 2.930   -2.992  15.425  1.00 75.10  ? 13 DG A "H1'"  1 
ATOM 373  H H8     . DG A 1 12 ? -0.572  -2.840  16.895  1.00 71.87  ? 13 DG A H8     1 
ATOM 374  H H1     . DG A 1 12 ? 3.789   0.868   19.830  1.00 59.18  ? 13 DG A H1     1 
ATOM 375  H H21    . DG A 1 12 ? 5.645   0.961   18.632  1.00 70.15  ? 13 DG A H21    1 
ATOM 376  H H22    . DG A 1 12 ? 5.814   0.126   17.135  1.00 70.15  ? 13 DG A H22    1 
ATOM 377  P P      . DT A 1 13 ? 3.265   -5.390  12.046  1.00 80.63  ? 14 DT A P      1 
ATOM 378  O OP1    . DT A 1 13 ? 2.977   -4.433  10.950  1.00 93.62  ? 14 DT A OP1    1 
ATOM 379  O OP2    . DT A 1 13 ? 2.715   -6.769  11.970  1.00 79.22  ? 14 DT A OP2    1 
ATOM 380  O "O5'"  . DT A 1 13 ? 4.845   -5.507  12.217  1.00 82.03  ? 14 DT A "O5'"  1 
ATOM 381  C "C5'"  . DT A 1 13 ? 5.693   -4.432  11.764  1.00 84.18  ? 14 DT A "C5'"  1 
ATOM 382  C "C4'"  . DT A 1 13 ? 6.775   -4.141  12.778  1.00 85.66  ? 14 DT A "C4'"  1 
ATOM 383  O "O4'"  . DT A 1 13 ? 6.187   -3.716  14.019  1.00 81.61  ? 14 DT A "O4'"  1 
ATOM 384  C "C3'"  . DT A 1 13 ? 7.642   -5.344  13.152  1.00 83.37  ? 14 DT A "C3'"  1 
ATOM 385  O "O3'"  . DT A 1 13 ? 8.865   -5.355  12.385  1.00 84.39  ? 14 DT A "O3'"  1 
ATOM 386  C "C2'"  . DT A 1 13 ? 7.857   -5.217  14.667  1.00 80.80  ? 14 DT A "C2'"  1 
ATOM 387  C "C1'"  . DT A 1 13 ? 7.148   -3.918  15.032  1.00 74.91  ? 14 DT A "C1'"  1 
ATOM 388  N N1     . DT A 1 13 ? 6.397   -3.936  16.304  1.00 62.16  ? 14 DT A N1     1 
ATOM 389  C C2     . DT A 1 13 ? 6.820   -3.135  17.346  1.00 63.51  ? 14 DT A C2     1 
ATOM 390  O O2     . DT A 1 13 ? 7.823   -2.436  17.298  1.00 66.54  ? 14 DT A O2     1 
ATOM 391  N N3     . DT A 1 13 ? 6.023   -3.190  18.464  1.00 59.28  ? 14 DT A N3     1 
ATOM 392  C C4     . DT A 1 13 ? 4.880   -3.946  18.643  1.00 62.01  ? 14 DT A C4     1 
ATOM 393  O O4     . DT A 1 13 ? 4.261   -3.890  19.702  1.00 69.17  ? 14 DT A O4     1 
ATOM 394  C C5     . DT A 1 13 ? 4.504   -4.765  17.515  1.00 56.26  ? 14 DT A C5     1 
ATOM 395  C C7     . DT A 1 13 ? 3.282   -5.620  17.618  1.00 55.81  ? 14 DT A C7     1 
ATOM 396  C C6     . DT A 1 13 ? 5.270   -4.719  16.420  1.00 58.79  ? 14 DT A C6     1 
ATOM 397  H "H5'"  . DT A 1 13 ? 5.092   -3.525  11.600  1.00 101.02 ? 14 DT A "H5'"  1 
ATOM 398  H "H5''" . DT A 1 13 ? 6.149   -4.692  10.799  1.00 101.02 ? 14 DT A "H5''" 1 
ATOM 399  H "H4'"  . DT A 1 13 ? 7.407   -3.380  12.298  1.00 102.79 ? 14 DT A "H4'"  1 
ATOM 400  H "H3'"  . DT A 1 13 ? 7.147   -6.294  12.902  1.00 100.04 ? 14 DT A "H3'"  1 
ATOM 401  H "H2'"  . DT A 1 13 ? 7.431   -6.076  15.205  1.00 96.96  ? 14 DT A "H2'"  1 
ATOM 402  H "H2''" . DT A 1 13 ? 8.924   -5.189  14.930  1.00 96.96  ? 14 DT A "H2''" 1 
ATOM 403  H "H1'"  . DT A 1 13 ? 7.900   -3.122  15.124  1.00 89.89  ? 14 DT A "H1'"  1 
ATOM 404  H H3     . DT A 1 13 ? 6.299   -2.616  19.239  1.00 71.14  ? 14 DT A H3     1 
ATOM 405  H H71    . DT A 1 13 ? 3.131   -6.157  16.670  1.00 66.97  ? 14 DT A H71    1 
ATOM 406  H H72    . DT A 1 13 ? 3.409   -6.346  18.434  1.00 66.97  ? 14 DT A H72    1 
ATOM 407  H H73    . DT A 1 13 ? 2.407   -4.987  17.826  1.00 66.97  ? 14 DT A H73    1 
ATOM 408  H H6     . DT A 1 13 ? 4.981   -5.342  15.559  1.00 70.55  ? 14 DT A H6     1 
ATOM 409  P P      . DG A 1 14 ? 10.026  -4.236  12.498  1.00 80.03  ? 15 DG A P      1 
ATOM 410  O OP1    . DG A 1 14 ? 11.315  -4.894  12.171  1.00 93.83  ? 15 DG A OP1    1 
ATOM 411  O OP2    . DG A 1 14 ? 9.886   -3.532  13.797  1.00 77.47  ? 15 DG A OP2    1 
ATOM 412  O "O5'"  . DG A 1 14 ? 9.700   -3.189  11.335  1.00 82.10  ? 15 DG A "O5'"  1 
ATOM 413  C "C5'"  . DG A 1 14 ? 9.612   -3.601  9.955   1.00 71.18  ? 15 DG A "C5'"  1 
ATOM 414  C "C4'"  . DG A 1 14 ? 8.864   -2.584  9.116   1.00 71.40  ? 15 DG A "C4'"  1 
ATOM 415  O "O4'"  . DG A 1 14 ? 7.796   -1.980  9.886   1.00 69.57  ? 15 DG A "O4'"  1 
ATOM 416  C "C3'"  . DG A 1 14 ? 9.721   -1.430  8.576   1.00 73.98  ? 15 DG A "C3'"  1 
ATOM 417  O "O3'"  . DG A 1 14 ? 9.585   -1.246  7.149   1.00 79.51  ? 15 DG A "O3'"  1 
ATOM 418  C "C2'"  . DG A 1 14 ? 9.266   -0.182  9.317   1.00 73.09  ? 15 DG A "C2'"  1 
ATOM 419  C "C1'"  . DG A 1 14 ? 8.036   -0.597  10.109  1.00 71.86  ? 15 DG A "C1'"  1 
ATOM 420  N N9     . DG A 1 14 ? 8.123   -0.396  11.554  1.00 64.41  ? 15 DG A N9     1 
ATOM 421  C C8     . DG A 1 14 ? 9.250   -0.202  12.318  1.00 61.72  ? 15 DG A C8     1 
ATOM 422  N N7     . DG A 1 14 ? 8.988   -0.058  13.587  1.00 61.51  ? 15 DG A N7     1 
ATOM 423  C C5     . DG A 1 14 ? 7.609   -0.163  13.667  1.00 54.65  ? 15 DG A C5     1 
ATOM 424  C C6     . DG A 1 14 ? 6.757   -0.126  14.796  1.00 59.14  ? 15 DG A C6     1 
ATOM 425  O O6     . DG A 1 14 ? 7.064   0.042   15.978  1.00 56.47  ? 15 DG A O6     1 
ATOM 426  N N1     . DG A 1 14 ? 5.424   -0.305  14.442  1.00 61.26  ? 15 DG A N1     1 
ATOM 427  C C2     . DG A 1 14 ? 4.974   -0.490  13.158  1.00 65.38  ? 15 DG A C2     1 
ATOM 428  N N2     . DG A 1 14 ? 3.653   -0.633  13.001  1.00 64.20  ? 15 DG A N2     1 
ATOM 429  N N3     . DG A 1 14 ? 5.761   -0.523  12.096  1.00 62.25  ? 15 DG A N3     1 
ATOM 430  C C4     . DG A 1 14 ? 7.059   -0.363  12.423  1.00 62.47  ? 15 DG A C4     1 
ATOM 431  H "H5'"  . DG A 1 14 ? 9.104   -4.575  9.890   1.00 85.42  ? 15 DG A "H5'"  1 
ATOM 432  H "H5''" . DG A 1 14 ? 10.623  -3.743  9.547   1.00 85.42  ? 15 DG A "H5''" 1 
ATOM 433  H "H4'"  . DG A 1 14 ? 8.514   -3.178  8.260   1.00 85.68  ? 15 DG A "H4'"  1 
ATOM 434  H "H3'"  . DG A 1 14 ? 10.793  -1.614  8.735   1.00 88.78  ? 15 DG A "H3'"  1 
ATOM 435  H "H2'"  . DG A 1 14 ? 10.061  0.205   9.967   1.00 87.71  ? 15 DG A "H2'"  1 
ATOM 436  H "H2''" . DG A 1 14 ? 9.029   0.633   8.617   1.00 87.71  ? 15 DG A "H2''" 1 
ATOM 437  H "H1'"  . DG A 1 14 ? 7.204   0.043   9.778   1.00 86.23  ? 15 DG A "H1'"  1 
ATOM 438  H H8     . DG A 1 14 ? 10.272  -0.177  11.915  1.00 74.06  ? 15 DG A H8     1 
ATOM 439  H H1     . DG A 1 14 ? 4.746   -0.313  15.184  1.00 73.51  ? 15 DG A H1     1 
ATOM 440  H H21    . DG A 1 14 ? 3.042   -0.613  13.796  1.00 77.04  ? 15 DG A H21    1 
ATOM 441  H H22    . DG A 1 14 ? 3.274   -0.769  12.086  1.00 77.04  ? 15 DG A H22    1 
ATOM 442  P P      . DG A 1 15 ? 8.167   -1.126  6.378   1.00 79.83  ? 16 DG A P      1 
ATOM 443  O OP1    . DG A 1 15 ? 7.208   -2.113  6.932   1.00 81.17  ? 16 DG A OP1    1 
ATOM 444  O OP2    . DG A 1 15 ? 8.461   -1.161  4.922   1.00 75.21  ? 16 DG A OP2    1 
ATOM 445  O "O5'"  . DG A 1 15 ? 7.635   0.340   6.720   1.00 73.75  ? 16 DG A "O5'"  1 
ATOM 446  C "C5'"  . DG A 1 15 ? 6.311   0.715   6.287   1.00 62.06  ? 16 DG A "C5'"  1 
ATOM 447  C "C4'"  . DG A 1 15 ? 5.799   1.962   6.979   1.00 59.71  ? 16 DG A "C4'"  1 
ATOM 448  O "O4'"  . DG A 1 15 ? 6.131   1.958   8.389   1.00 52.50  ? 16 DG A "O4'"  1 
ATOM 449  C "C3'"  . DG A 1 15 ? 6.349   3.294   6.448   1.00 58.50  ? 16 DG A "C3'"  1 
ATOM 450  O "O3'"  . DG A 1 15 ? 5.296   4.008   5.782   1.00 59.95  ? 16 DG A "O3'"  1 
ATOM 451  C "C2'"  . DG A 1 15 ? 6.801   4.049   7.690   1.00 51.73  ? 16 DG A "C2'"  1 
ATOM 452  C "C1'"  . DG A 1 15 ? 6.082   3.309   8.799   1.00 54.77  ? 16 DG A "C1'"  1 
ATOM 453  N N9     . DG A 1 15 ? 6.662   3.468   10.132  1.00 53.66  ? 16 DG A N9     1 
ATOM 454  C C8     . DG A 1 15 ? 7.967   3.752   10.465  1.00 54.94  ? 16 DG A C8     1 
ATOM 455  N N7     . DG A 1 15 ? 8.152   3.879   11.754  1.00 57.41  ? 16 DG A N7     1 
ATOM 456  C C5     . DG A 1 15 ? 6.897   3.661   12.304  1.00 54.79  ? 16 DG A C5     1 
ATOM 457  C C6     . DG A 1 15 ? 6.466   3.687   13.656  1.00 52.38  ? 16 DG A C6     1 
ATOM 458  O O6     . DG A 1 15 ? 7.136   3.922   14.671  1.00 61.25  ? 16 DG A O6     1 
ATOM 459  N N1     . DG A 1 15 ? 5.105   3.415   13.770  1.00 55.37  ? 16 DG A N1     1 
ATOM 460  C C2     . DG A 1 15 ? 4.267   3.149   12.710  1.00 50.93  ? 16 DG A C2     1 
ATOM 461  N N2     . DG A 1 15 ? 2.984   2.892   13.000  1.00 44.90  ? 16 DG A N2     1 
ATOM 462  N N3     . DG A 1 15 ? 4.656   3.130   11.446  1.00 52.51  ? 16 DG A N3     1 
ATOM 463  C C4     . DG A 1 15 ? 5.972   3.394   11.317  1.00 55.70  ? 16 DG A C4     1 
ATOM 464  H "H5'"  . DG A 1 15 ? 5.615   -0.115  6.475   1.00 74.47  ? 16 DG A "H5'"  1 
ATOM 465  H "H5''" . DG A 1 15 ? 6.317   0.879   5.199   1.00 74.47  ? 16 DG A "H5''" 1 
ATOM 466  H "H4'"  . DG A 1 15 ? 4.718   1.950   6.782   1.00 71.65  ? 16 DG A "H4'"  1 
ATOM 467  H "H3'"  . DG A 1 15 ? 7.158   3.166   5.715   1.00 70.20  ? 16 DG A "H3'"  1 
ATOM 468  H "H2'"  . DG A 1 15 ? 7.894   4.018   7.807   1.00 62.08  ? 16 DG A "H2'"  1 
ATOM 469  H "H2''" . DG A 1 15 ? 6.516   5.111   7.652   1.00 62.08  ? 16 DG A "H2''" 1 
ATOM 470  H "H1'"  . DG A 1 15 ? 5.063   3.714   8.867   1.00 65.72  ? 16 DG A "H1'"  1 
ATOM 471  H H8     . DG A 1 15 ? 8.774   3.862   9.727   1.00 65.93  ? 16 DG A H8     1 
ATOM 472  H H1     . DG A 1 15 ? 4.709   3.417   14.695  1.00 66.44  ? 16 DG A H1     1 
ATOM 473  H H21    . DG A 1 15 ? 2.669   2.897   13.950  1.00 53.88  ? 16 DG A H21    1 
ATOM 474  H H22    . DG A 1 15 ? 2.338   2.692   12.264  1.00 53.88  ? 16 DG A H22    1 
ATOM 475  P P      . DT A 1 16 ? 5.617   5.058   4.602   1.00 60.04  ? 17 DT A P      1 
ATOM 476  O OP1    . DT A 1 16 ? 4.429   5.136   3.717   1.00 58.14  ? 17 DT A OP1    1 
ATOM 477  O OP2    . DT A 1 16 ? 6.939   4.712   4.019   1.00 72.22  ? 17 DT A OP2    1 
ATOM 478  O "O5'"  . DT A 1 16 ? 5.758   6.450   5.371   1.00 54.06  ? 17 DT A "O5'"  1 
ATOM 479  C "C5'"  . DT A 1 16 ? 6.189   7.628   4.664   1.00 56.87  ? 17 DT A "C5'"  1 
ATOM 480  C "C4'"  . DT A 1 16 ? 6.647   8.711   5.617   1.00 57.78  ? 17 DT A "C4'"  1 
ATOM 481  O "O4'"  . DT A 1 16 ? 5.537   9.215   6.393   1.00 52.57  ? 17 DT A "O4'"  1 
ATOM 482  C "C3'"  . DT A 1 16 ? 7.686   8.301   6.653   1.00 58.01  ? 17 DT A "C3'"  1 
ATOM 483  O "O3'"  . DT A 1 16 ? 8.994   8.367   6.066   1.00 67.02  ? 17 DT A "O3'"  1 
ATOM 484  C "C2'"  . DT A 1 16 ? 7.495   9.370   7.716   1.00 52.70  ? 17 DT A "C2'"  1 
ATOM 485  C "C1'"  . DT A 1 16 ? 5.988   9.611   7.684   1.00 50.91  ? 17 DT A "C1'"  1 
ATOM 486  N N1     . DT A 1 16 ? 5.211   8.864   8.693   1.00 43.96  ? 17 DT A N1     1 
ATOM 487  C C2     . DT A 1 16 ? 5.166   9.359   9.979   1.00 41.61  ? 17 DT A C2     1 
ATOM 488  O O2     . DT A 1 16 ? 5.750   10.374  10.324  1.00 44.38  ? 17 DT A O2     1 
ATOM 489  N N3     . DT A 1 16 ? 4.409   8.618   10.852  1.00 39.87  ? 17 DT A N3     1 
ATOM 490  C C4     . DT A 1 16 ? 3.711   7.456   10.577  1.00 43.09  ? 17 DT A C4     1 
ATOM 491  O O4     . DT A 1 16 ? 3.065   6.903   11.465  1.00 43.57  ? 17 DT A O4     1 
ATOM 492  C C5     . DT A 1 16 ? 3.808   6.989   9.213   1.00 41.04  ? 17 DT A C5     1 
ATOM 493  C C7     . DT A 1 16 ? 3.092   5.737   8.821   1.00 40.63  ? 17 DT A C7     1 
ATOM 494  C C6     . DT A 1 16 ? 4.540   7.707   8.352   1.00 41.97  ? 17 DT A C6     1 
ATOM 495  H "H5'"  . DT A 1 16 ? 5.364   8.007   4.042   1.00 68.24  ? 17 DT A "H5'"  1 
ATOM 496  H "H5''" . DT A 1 16 ? 7.009   7.369   3.978   1.00 68.24  ? 17 DT A "H5''" 1 
ATOM 497  H "H4'"  . DT A 1 16 ? 7.107   9.468   4.964   1.00 69.34  ? 17 DT A "H4'"  1 
ATOM 498  H "H3'"  . DT A 1 16 ? 7.551   7.278   7.034   1.00 69.61  ? 17 DT A "H3'"  1 
ATOM 499  H "H2'"  . DT A 1 16 ? 7.836   9.025   8.704   1.00 63.24  ? 17 DT A "H2'"  1 
ATOM 500  H "H2''" . DT A 1 16 ? 8.063   10.281  7.485   1.00 63.24  ? 17 DT A "H2''" 1 
ATOM 501  H "H1'"  . DT A 1 16 ? 5.819   10.674  7.912   1.00 61.09  ? 17 DT A "H1'"  1 
ATOM 502  H H3     . DT A 1 16 ? 4.353   8.961   11.790  1.00 47.84  ? 17 DT A H3     1 
ATOM 503  H H71    . DT A 1 16 ? 2.029   5.962   8.647   1.00 48.76  ? 17 DT A H71    1 
ATOM 504  H H72    . DT A 1 16 ? 3.184   4.994   9.625   1.00 48.76  ? 17 DT A H72    1 
ATOM 505  H H73    . DT A 1 16 ? 3.536   5.335   7.898   1.00 48.76  ? 17 DT A H73    1 
ATOM 506  H H6     . DT A 1 16 ? 4.612   7.353   7.312   1.00 50.36  ? 17 DT A H6     1 
ATOM 507  P P      . DA A 1 17 ? 10.232  7.542   6.685   1.00 62.63  ? 18 DA A P      1 
ATOM 508  O OP1    . DA A 1 17 ? 11.442  7.807   5.867   1.00 67.34  ? 18 DA A OP1    1 
ATOM 509  O OP2    . DA A 1 17 ? 9.797   6.146   6.947   1.00 63.33  ? 18 DA A OP2    1 
ATOM 510  O "O5'"  . DA A 1 17 ? 10.443  8.161   8.139   1.00 53.92  ? 18 DA A "O5'"  1 
ATOM 511  C "C5'"  . DA A 1 17 ? 11.246  9.344   8.327   1.00 53.86  ? 18 DA A "C5'"  1 
ATOM 512  C "C4'"  . DA A 1 17 ? 11.794  9.402   9.736   1.00 65.22  ? 18 DA A "C4'"  1 
ATOM 513  O "O4'"  . DA A 1 17 ? 10.695  9.483   10.677  1.00 63.57  ? 18 DA A "O4'"  1 
ATOM 514  C "C3'"  . DA A 1 17 ? 12.611  8.182   10.173  1.00 67.35  ? 18 DA A "C3'"  1 
ATOM 515  O "O3'"  . DA A 1 17 ? 13.609  8.576   11.125  1.00 82.18  ? 18 DA A "O3'"  1 
ATOM 516  C "C2'"  . DA A 1 17 ? 11.564  7.335   10.871  1.00 65.88  ? 18 DA A "C2'"  1 
ATOM 517  C "C1'"  . DA A 1 17 ? 10.787  8.412   11.605  1.00 64.44  ? 18 DA A "C1'"  1 
ATOM 518  N N9     . DA A 1 17 ? 9.431   8.038   12.006  1.00 59.43  ? 18 DA A N9     1 
ATOM 519  C C8     . DA A 1 17 ? 8.430   7.510   11.230  1.00 57.18  ? 18 DA A C8     1 
ATOM 520  N N7     . DA A 1 17 ? 7.312   7.298   11.882  1.00 53.00  ? 18 DA A N7     1 
ATOM 521  C C5     . DA A 1 17 ? 7.597   7.714   13.175  1.00 50.77  ? 18 DA A C5     1 
ATOM 522  C C6     . DA A 1 17 ? 6.819   7.777   14.342  1.00 50.94  ? 18 DA A C6     1 
ATOM 523  N N6     . DA A 1 17 ? 5.545   7.389   14.408  1.00 55.13  ? 18 DA A N6     1 
ATOM 524  N N1     . DA A 1 17 ? 7.402   8.264   15.460  1.00 47.33  ? 18 DA A N1     1 
ATOM 525  C C2     . DA A 1 17 ? 8.679   8.661   15.395  1.00 49.22  ? 18 DA A C2     1 
ATOM 526  N N3     . DA A 1 17 ? 9.510   8.654   14.359  1.00 55.38  ? 18 DA A N3     1 
ATOM 527  C C4     . DA A 1 17 ? 8.901   8.166   13.265  1.00 54.21  ? 18 DA A C4     1 
ATOM 528  H "H5'"  . DA A 1 17 ? 10.642  10.240  8.126   1.00 64.63  ? 18 DA A "H5'"  1 
ATOM 529  H "H5''" . DA A 1 17 ? 12.075  9.349   7.604   1.00 64.63  ? 18 DA A "H5''" 1 
ATOM 530  H "H4'"  . DA A 1 17 ? 12.454  10.281  9.748   1.00 78.26  ? 18 DA A "H4'"  1 
ATOM 531  H "H3'"  . DA A 1 17 ? 13.127  7.666   9.348   1.00 80.82  ? 18 DA A "H3'"  1 
ATOM 532  H "H2'"  . DA A 1 17 ? 10.937  6.776   10.160  1.00 79.06  ? 18 DA A "H2'"  1 
ATOM 533  H "H2''" . DA A 1 17 ? 12.011  6.603   11.559  1.00 79.06  ? 18 DA A "H2''" 1 
ATOM 534  H "H1'"  . DA A 1 17 ? 11.330  8.656   12.531  1.00 77.33  ? 18 DA A "H1'"  1 
ATOM 535  H H8     . DA A 1 17 ? 8.553   7.285   10.160  1.00 68.62  ? 18 DA A H8     1 
ATOM 536  H H61    . DA A 1 17 ? 5.040   7.464   15.273  1.00 66.16  ? 18 DA A H61    1 
ATOM 537  H H62    . DA A 1 17 ? 5.090   7.026   13.594  1.00 66.16  ? 18 DA A H62    1 
ATOM 538  H H2     . DA A 1 17 ? 9.101   9.044   16.336  1.00 59.06  ? 18 DA A H2     1 
ATOM 539  P P      . DG A 1 18 ? 15.024  7.814   11.235  1.00 79.14  ? 19 DG A P      1 
ATOM 540  O OP1    . DG A 1 18 ? 15.951  8.403   10.237  1.00 72.67  ? 19 DG A OP1    1 
ATOM 541  O OP2    . DG A 1 18 ? 14.769  6.350   11.231  1.00 83.12  ? 19 DG A OP2    1 
ATOM 542  O "O5'"  . DG A 1 18 ? 15.511  8.241   12.692  1.00 69.20  ? 19 DG A "O5'"  1 
ATOM 543  C "C5'"  . DG A 1 18 ? 14.563  8.217   13.778  1.00 66.38  ? 19 DG A "C5'"  1 
ATOM 544  C "C4'"  . DG A 1 18 ? 15.208  7.845   15.095  1.00 76.65  ? 19 DG A "C4'"  1 
ATOM 545  O "O4'"  . DG A 1 18 ? 14.206  7.930   16.134  1.00 69.85  ? 19 DG A "O4'"  1 
ATOM 546  C "C3'"  . DG A 1 18 ? 15.811  6.435   15.154  1.00 80.89  ? 19 DG A "C3'"  1 
ATOM 547  O "O3'"  . DG A 1 18 ? 17.160  6.507   15.687  1.00 101.76 ? 19 DG A "O3'"  1 
ATOM 548  C "C2'"  . DG A 1 18 ? 14.814  5.655   16.007  1.00 75.03  ? 19 DG A "C2'"  1 
ATOM 549  C "C1'"  . DG A 1 18 ? 14.164  6.724   16.872  1.00 71.90  ? 19 DG A "C1'"  1 
ATOM 550  N N9     . DG A 1 18 ? 12.773  6.485   17.270  1.00 65.87  ? 19 DG A N9     1 
ATOM 551  C C8     . DG A 1 18 ? 12.253  6.751   18.513  1.00 72.87  ? 19 DG A C8     1 
ATOM 552  N N7     . DG A 1 18 ? 10.990  6.455   18.620  1.00 68.40  ? 19 DG A N7     1 
ATOM 553  C C5     . DG A 1 18 ? 10.647  5.958   17.375  1.00 63.05  ? 19 DG A C5     1 
ATOM 554  C C6     . DG A 1 18 ? 9.404   5.467   16.910  1.00 58.43  ? 19 DG A C6     1 
ATOM 555  O O6     . DG A 1 18 ? 8.340   5.389   17.536  1.00 61.48  ? 19 DG A O6     1 
ATOM 556  N N1     . DG A 1 18 ? 9.476   5.045   15.586  1.00 57.12  ? 19 DG A N1     1 
ATOM 557  C C2     . DG A 1 18 ? 10.607  5.100   14.809  1.00 60.01  ? 19 DG A C2     1 
ATOM 558  N N2     . DG A 1 18 ? 10.489  4.660   13.544  1.00 57.36  ? 19 DG A N2     1 
ATOM 559  N N3     . DG A 1 18 ? 11.774  5.559   15.234  1.00 64.50  ? 19 DG A N3     1 
ATOM 560  C C4     . DG A 1 18 ? 11.730  5.969   16.520  1.00 64.76  ? 19 DG A C4     1 
ATOM 561  H "H5'"  . DG A 1 18 ? 13.761  7.500   13.551  1.00 79.66  ? 19 DG A "H5'"  1 
ATOM 562  H "H5''" . DG A 1 18 ? 14.084  9.204   13.870  1.00 79.66  ? 19 DG A "H5''" 1 
ATOM 563  H "H4'"  . DG A 1 18 ? 16.030  8.567   15.209  1.00 91.98  ? 19 DG A "H4'"  1 
ATOM 564  H "H3'"  . DG A 1 18 ? 15.919  5.988   14.154  1.00 97.07  ? 19 DG A "H3'"  1 
ATOM 565  H "H2'"  . DG A 1 18 ? 14.088  5.130   15.378  1.00 90.04  ? 19 DG A "H2'"  1 
ATOM 566  H "H2''" . DG A 1 18 ? 15.290  4.882   16.620  1.00 90.04  ? 19 DG A "H2''" 1 
ATOM 567  H "H1'"  . DG A 1 18 ? 14.724  6.774   17.816  1.00 86.28  ? 19 DG A "H1'"  1 
ATOM 568  H H8     . DG A 1 18 ? 12.847  7.173   19.336  1.00 87.44  ? 19 DG A H8     1 
ATOM 569  H H1     . DG A 1 18 ? 8.645   4.663   15.169  1.00 68.54  ? 19 DG A H1     1 
ATOM 570  H H21    . DG A 1 18 ? 9.610   4.312   13.205  1.00 68.83  ? 19 DG A H21    1 
ATOM 571  H H22    . DG A 1 18 ? 11.282  4.677   12.936  1.00 68.83  ? 19 DG A H22    1 
ATOM 572  P P      . DG A 1 19 ? 17.735  5.647   16.936  1.00 104.91 ? 20 DG A P      1 
ATOM 573  O OP1    . DG A 1 19 ? 19.105  6.149   17.221  1.00 97.42  ? 20 DG A OP1    1 
ATOM 574  O OP2    . DG A 1 19 ? 17.556  4.209   16.617  1.00 106.81 ? 20 DG A OP2    1 
ATOM 575  O "O5'"  . DG A 1 19 ? 16.811  6.014   18.188  1.00 104.16 ? 20 DG A "O5'"  1 
ATOM 576  C "C5'"  . DG A 1 19 ? 17.180  5.584   19.521  1.00 88.14  ? 20 DG A "C5'"  1 
ATOM 577  C "C4'"  . DG A 1 19 ? 16.156  4.656   20.162  1.00 96.09  ? 20 DG A "C4'"  1 
ATOM 578  O "O4'"  . DG A 1 19 ? 14.991  4.470   19.313  1.00 98.58  ? 20 DG A "O4'"  1 
ATOM 579  C "C3'"  . DG A 1 19 ? 16.658  3.241   20.518  1.00 92.72  ? 20 DG A "C3'"  1 
ATOM 580  O "O3'"  . DG A 1 19 ? 16.304  2.944   21.885  1.00 89.14  ? 20 DG A "O3'"  1 
ATOM 581  C "C2'"  . DG A 1 19 ? 15.876  2.374   19.538  1.00 94.27  ? 20 DG A "C2'"  1 
ATOM 582  C "C1'"  . DG A 1 19 ? 14.569  3.131   19.497  1.00 97.85  ? 20 DG A "C1'"  1 
ATOM 583  N N9     . DG A 1 19 ? 13.609  2.750   18.456  1.00 100.40 ? 20 DG A N9     1 
ATOM 584  C C8     . DG A 1 19 ? 12.248  2.630   18.620  1.00 102.02 ? 20 DG A C8     1 
ATOM 585  N N7     . DG A 1 19 ? 11.624  2.286   17.530  1.00 92.89  ? 20 DG A N7     1 
ATOM 586  C C5     . DG A 1 19 ? 12.627  2.166   16.582  1.00 87.88  ? 20 DG A C5     1 
ATOM 587  C C6     . DG A 1 19 ? 12.549  1.848   15.202  1.00 83.07  ? 20 DG A C6     1 
ATOM 588  O O6     . DG A 1 19 ? 11.550  1.573   14.532  1.00 74.61  ? 20 DG A O6     1 
ATOM 589  N N1     . DG A 1 19 ? 13.800  1.866   14.597  1.00 89.42  ? 20 DG A N1     1 
ATOM 590  C C2     . DG A 1 19 ? 14.976  2.157   15.239  1.00 97.68  ? 20 DG A C2     1 
ATOM 591  N N2     . DG A 1 19 ? 16.086  2.136   14.489  1.00 90.42  ? 20 DG A N2     1 
ATOM 592  N N3     . DG A 1 19 ? 15.061  2.449   16.525  1.00 95.08  ? 20 DG A N3     1 
ATOM 593  C C4     . DG A 1 19 ? 13.859  2.444   17.134  1.00 96.65  ? 20 DG A C4     1 
ATOM 594  H "H5'"  . DG A 1 19 ? 17.318  6.467   20.162  1.00 105.77 ? 20 DG A "H5'"  1 
ATOM 595  H "H5''" . DG A 1 19 ? 18.155  5.074   19.480  1.00 105.77 ? 20 DG A "H5''" 1 
ATOM 596  H "H4'"  . DG A 1 19 ? 15.922  5.157   21.113  1.00 115.31 ? 20 DG A "H4'"  1 
ATOM 597  H "H3'"  . DG A 1 19 ? 17.748  3.119   20.431  1.00 111.26 ? 20 DG A "H3'"  1 
ATOM 598  H "H2'"  . DG A 1 19 ? 16.373  2.325   18.560  1.00 113.12 ? 20 DG A "H2'"  1 
ATOM 599  H "H2''" . DG A 1 19 ? 15.740  1.343   19.883  1.00 113.12 ? 20 DG A "H2''" 1 
ATOM 600  H "H1'"  . DG A 1 19 ? 14.056  2.958   20.453  1.00 117.42 ? 20 DG A "H1'"  1 
ATOM 601  H H8     . DG A 1 19 ? 11.736  2.810   19.576  1.00 122.42 ? 20 DG A H8     1 
ATOM 602  H H1     . DG A 1 19 ? 13.844  1.654   13.621  1.00 107.30 ? 20 DG A H1     1 
ATOM 603  H H21    . DG A 1 19 ? 16.030  1.915   13.515  1.00 108.50 ? 20 DG A H21    1 
ATOM 604  H H22    . DG A 1 19 ? 16.973  2.342   14.905  1.00 108.50 ? 20 DG A H22    1 
ATOM 605  P P      . DG A 1 20 ? 16.729  1.574   22.635  1.00 92.25  ? 21 DG A P      1 
ATOM 606  O OP1    . DG A 1 20 ? 15.595  1.157   23.499  1.00 84.40  ? 21 DG A OP1    1 
ATOM 607  O OP2    . DG A 1 20 ? 18.064  1.797   23.248  1.00 100.04 ? 21 DG A OP2    1 
ATOM 608  O "O5'"  . DG A 1 20 ? 16.905  0.497   21.473  1.00 96.38  ? 21 DG A "O5'"  1 
ATOM 609  C "C5'"  . DG A 1 20 ? 16.519  -0.889  21.635  1.00 96.36  ? 21 DG A "C5'"  1 
ATOM 610  C "C4'"  . DG A 1 20 ? 15.061  -1.090  21.281  1.00 84.98  ? 21 DG A "C4'"  1 
ATOM 611  O "O4'"  . DG A 1 20 ? 14.853  -0.845  19.875  1.00 80.00  ? 21 DG A "O4'"  1 
ATOM 612  C "C3'"  . DG A 1 20 ? 14.487  -2.495  21.544  1.00 82.76  ? 21 DG A "C3'"  1 
ATOM 613  O "O3'"  . DG A 1 20 ? 13.457  -2.425  22.543  1.00 84.94  ? 21 DG A "O3'"  1 
ATOM 614  C "C2'"  . DG A 1 20 ? 13.921  -2.918  20.191  1.00 77.17  ? 21 DG A "C2'"  1 
ATOM 615  C "C1'"  . DG A 1 20 ? 13.714  -1.587  19.500  1.00 86.03  ? 21 DG A "C1'"  1 
ATOM 616  N N9     . DG A 1 20 ? 13.685  -1.643  18.043  1.00 91.79  ? 21 DG A N9     1 
ATOM 617  C C8     . DG A 1 20 ? 12.600  -1.889  17.238  1.00 94.39  ? 21 DG A C8     1 
ATOM 618  N N7     . DG A 1 20 ? 12.893  -1.858  15.967  1.00 90.61  ? 21 DG A N7     1 
ATOM 619  C C5     . DG A 1 20 ? 14.250  -1.574  15.931  1.00 94.56  ? 21 DG A C5     1 
ATOM 620  C C6     . DG A 1 20 ? 15.129  -1.413  14.829  1.00 98.36  ? 21 DG A C6     1 
ATOM 621  O O6     . DG A 1 20 ? 14.874  -1.487  13.621  1.00 105.91 ? 21 DG A O6     1 
ATOM 622  N N1     . DG A 1 20 ? 16.426  -1.130  15.246  1.00 98.90  ? 21 DG A N1     1 
ATOM 623  C C2     . DG A 1 20 ? 16.828  -1.020  16.554  1.00 102.37 ? 21 DG A C2     1 
ATOM 624  N N2     . DG A 1 20 ? 18.124  -0.741  16.755  1.00 107.24 ? 21 DG A N2     1 
ATOM 625  N N3     . DG A 1 20 ? 16.019  -1.167  17.589  1.00 92.11  ? 21 DG A N3     1 
ATOM 626  C C4     . DG A 1 20 ? 14.754  -1.442  17.206  1.00 91.31  ? 21 DG A C4     1 
ATOM 627  H "H5'"  . DG A 1 20 ? 16.695  -1.208  22.673  1.00 115.63 ? 21 DG A "H5'"  1 
ATOM 628  H "H5''" . DG A 1 20 ? 17.146  -1.526  20.994  1.00 115.63 ? 21 DG A "H5''" 1 
ATOM 629  H "H4'"  . DG A 1 20 ? 14.525  -0.387  21.935  1.00 101.98 ? 21 DG A "H4'"  1 
ATOM 630  H "H3'"  . DG A 1 20 ? 15.239  -3.203  21.924  1.00 99.31  ? 21 DG A "H3'"  1 
ATOM 631  H "H2'"  . DG A 1 20 ? 14.618  -3.565  19.639  1.00 92.60  ? 21 DG A "H2'"  1 
ATOM 632  H "H2''" . DG A 1 20 ? 12.980  -3.477  20.295  1.00 92.60  ? 21 DG A "H2''" 1 
ATOM 633  H "H1'"  . DG A 1 20 ? 12.755  -1.159  19.826  1.00 103.24 ? 21 DG A "H1'"  1 
ATOM 634  H H8     . DG A 1 20 ? 11.590  -2.092  17.623  1.00 113.27 ? 21 DG A H8     1 
ATOM 635  H H1     . DG A 1 20 ? 17.120  -1.000  14.537  1.00 118.68 ? 21 DG A H1     1 
ATOM 636  H H21    . DG A 1 20 ? 18.739  -0.624  15.975  1.00 128.69 ? 21 DG A H21    1 
ATOM 637  H H22    . DG A 1 20 ? 18.476  -0.645  17.687  1.00 128.69 ? 21 DG A H22    1 
ATOM 638  P P      . DC A 1 21 ? 12.831  -3.751  23.218  1.00 89.77  ? 22 DC A P      1 
ATOM 639  O OP1    . DC A 1 21 ? 13.106  -3.689  24.676  1.00 85.28  ? 22 DC A OP1    1 
ATOM 640  O OP2    . DC A 1 21 ? 13.298  -4.929  22.444  1.00 93.99  ? 22 DC A OP2    1 
ATOM 641  O "O5'"  . DC A 1 21 ? 11.255  -3.578  23.005  1.00 97.52  ? 22 DC A "O5'"  1 
ATOM 642  C "C5'"  . DC A 1 21 ? 10.293  -4.458  23.630  1.00 89.12  ? 22 DC A "C5'"  1 
ATOM 643  C "C4'"  . DC A 1 21 ? 9.177   -4.892  22.691  1.00 79.56  ? 22 DC A "C4'"  1 
ATOM 644  O "O4'"  . DC A 1 21 ? 9.599   -4.871  21.299  1.00 78.43  ? 22 DC A "O4'"  1 
ATOM 645  C "C3'"  . DC A 1 21 ? 8.662   -6.325  22.936  1.00 71.83  ? 22 DC A "C3'"  1 
ATOM 646  O "O3'"  . DC A 1 21 ? 7.237   -6.362  23.151  1.00 73.90  ? 22 DC A "O3'"  1 
ATOM 647  C "C2'"  . DC A 1 21 ? 8.981   -7.064  21.648  1.00 69.90  ? 22 DC A "C2'"  1 
ATOM 648  C "C1'"  . DC A 1 21 ? 8.948   -5.944  20.637  1.00 72.58  ? 22 DC A "C1'"  1 
ATOM 649  N N1     . DC A 1 21 ? 9.607   -6.254  19.355  1.00 63.62  ? 22 DC A N1     1 
ATOM 650  C C2     . DC A 1 21 ? 10.938  -5.882  19.147  1.00 66.25  ? 22 DC A C2     1 
ATOM 651  O O2     . DC A 1 21 ? 11.550  -5.302  20.053  1.00 78.34  ? 22 DC A O2     1 
ATOM 652  N N3     . DC A 1 21 ? 11.530  -6.169  17.965  1.00 64.24  ? 22 DC A N3     1 
ATOM 653  C C4     . DC A 1 21 ? 10.846  -6.803  17.012  1.00 66.09  ? 22 DC A C4     1 
ATOM 654  N N4     . DC A 1 21 ? 11.472  -7.066  15.864  1.00 56.42  ? 22 DC A N4     1 
ATOM 655  C C5     . DC A 1 21 ? 9.489   -7.194  17.194  1.00 65.23  ? 22 DC A C5     1 
ATOM 656  C C6     . DC A 1 21 ? 8.915   -6.903  18.369  1.00 64.82  ? 22 DC A C6     1 
ATOM 657  H "H5'"  . DC A 1 21 ? 9.855   -3.957  24.505  1.00 106.94 ? 22 DC A "H5'"  1 
ATOM 658  H "H5''" . DC A 1 21 ? 10.813  -5.350  24.011  1.00 106.94 ? 22 DC A "H5''" 1 
ATOM 659  H "H4'"  . DC A 1 21 ? 8.363   -4.191  22.897  1.00 95.47  ? 22 DC A "H4'"  1 
ATOM 660  H "H3'"  . DC A 1 21 ? 9.117   -6.797  23.818  1.00 86.20  ? 22 DC A "H3'"  1 
ATOM 661  H "H2'"  . DC A 1 21 ? 9.966   -7.556  21.689  1.00 83.88  ? 22 DC A "H2'"  1 
ATOM 662  H "H2''" . DC A 1 21 ? 8.237   -7.844  21.428  1.00 83.88  ? 22 DC A "H2''" 1 
ATOM 663  H "H1'"  . DC A 1 21 ? 7.894   -5.746  20.391  1.00 87.10  ? 22 DC A "H1'"  1 
ATOM 664  H H41    . DC A 1 21 ? 12.424  -6.789  15.739  1.00 67.70  ? 22 DC A H41    1 
ATOM 665  H H42    . DC A 1 21 ? 10.988  -7.537  15.124  1.00 67.70  ? 22 DC A H42    1 
ATOM 666  H H5     . DC A 1 21 ? 8.933   -7.714  16.401  1.00 78.28  ? 22 DC A H5     1 
ATOM 667  H H6     . DC A 1 21 ? 7.867   -7.190  18.543  1.00 77.78  ? 22 DC A H6     1 
ATOM 668  P P      . DA A 1 22 ? 6.612   -6.332  24.640  1.00 98.61  ? 23 DA A P      1 
ATOM 669  O OP1    . DA A 1 22 ? 7.664   -5.900  25.595  1.00 94.23  ? 23 DA A OP1    1 
ATOM 670  O OP2    . DA A 1 22 ? 5.891   -7.612  24.862  1.00 86.44  ? 23 DA A OP2    1 
ATOM 671  O "O5'"  . DA A 1 22 ? 5.450   -5.234  24.621  1.00 98.08  ? 23 DA A "O5'"  1 
ATOM 672  C "C5'"  . DA A 1 22 ? 5.653   -3.893  24.132  1.00 91.88  ? 23 DA A "C5'"  1 
ATOM 673  C "C4'"  . DA A 1 22 ? 5.629   -2.908  25.278  1.00 86.18  ? 23 DA A "C4'"  1 
ATOM 674  O "O4'"  . DA A 1 22 ? 6.632   -1.898  25.059  1.00 83.99  ? 23 DA A "O4'"  1 
ATOM 675  C "C3'"  . DA A 1 22 ? 4.355   -2.081  25.422  1.00 80.31  ? 23 DA A "C3'"  1 
ATOM 676  O "O3'"  . DA A 1 22 ? 4.298   -1.518  26.743  1.00 79.18  ? 23 DA A "O3'"  1 
ATOM 677  C "C2'"  . DA A 1 22 ? 4.560   -0.975  24.386  1.00 75.72  ? 23 DA A "C2'"  1 
ATOM 678  C "C1'"  . DA A 1 22 ? 6.082   -0.870  24.243  1.00 75.83  ? 23 DA A "C1'"  1 
ATOM 679  N N9     . DA A 1 22 ? 6.592   -1.015  22.872  1.00 64.88  ? 23 DA A N9     1 
ATOM 680  C C8     . DA A 1 22 ? 6.033   -1.683  21.806  1.00 63.02  ? 23 DA A C8     1 
ATOM 681  N N7     . DA A 1 22 ? 6.745   -1.626  20.709  1.00 57.39  ? 23 DA A N7     1 
ATOM 682  C C5     . DA A 1 22 ? 7.848   -0.868  21.066  1.00 56.96  ? 23 DA A C5     1 
ATOM 683  C C6     . DA A 1 22 ? 8.967   -0.426  20.336  1.00 58.43  ? 23 DA A C6     1 
ATOM 684  N N6     . DA A 1 22 ? 9.181   -0.714  19.049  1.00 62.73  ? 23 DA A N6     1 
ATOM 685  N N1     . DA A 1 22 ? 9.876   0.334   20.986  1.00 53.42  ? 23 DA A N1     1 
ATOM 686  C C2     . DA A 1 22 ? 9.669   0.617   22.277  1.00 55.61  ? 23 DA A C2     1 
ATOM 687  N N3     . DA A 1 22 ? 8.661   0.260   23.067  1.00 58.27  ? 23 DA A N3     1 
ATOM 688  C C4     . DA A 1 22 ? 7.770   -0.486  22.394  1.00 58.57  ? 23 DA A C4     1 
ATOM 689  H "H5'"  . DA A 1 22 ? 4.861   -3.645  23.411  1.00 110.26 ? 23 DA A "H5'"  1 
ATOM 690  H "H5''" . DA A 1 22 ? 6.607   -3.822  23.599  1.00 110.26 ? 23 DA A "H5''" 1 
ATOM 691  H "H4'"  . DA A 1 22 ? 5.776   -3.508  26.189  1.00 103.42 ? 23 DA A "H4'"  1 
ATOM 692  H "H3'"  . DA A 1 22 ? 3.429   -2.658  25.276  1.00 96.37  ? 23 DA A "H3'"  1 
ATOM 693  H "H2'"  . DA A 1 22 ? 4.074   -1.220  23.433  1.00 90.86  ? 23 DA A "H2'"  1 
ATOM 694  H "H2''" . DA A 1 22 ? 4.126   -0.022  24.720  1.00 90.86  ? 23 DA A "H2''" 1 
ATOM 695  H "H1'"  . DA A 1 22 ? 6.371   0.142   24.557  1.00 91.00  ? 23 DA A "H1'"  1 
ATOM 696  H H8     . DA A 1 22 ? 5.075   -2.216  21.863  1.00 75.62  ? 23 DA A H8     1 
ATOM 697  H H61    . DA A 1 22 ? 8.528   -1.280  18.536  1.00 75.28  ? 23 DA A H61    1 
ATOM 698  H H62    . DA A 1 22 ? 9.998   -0.364  18.592  1.00 75.28  ? 23 DA A H62    1 
ATOM 699  H H2     . DA A 1 22 ? 10.444  1.233   22.753  1.00 66.73  ? 23 DA A H2     1 
ATOM 700  P P      . DG A 1 23 ? 2.979   -0.773  27.297  1.00 90.49  ? 24 DG A P      1 
ATOM 701  O OP1    . DG A 1 23 ? 2.936   -0.940  28.772  1.00 88.69  ? 24 DG A OP1    1 
ATOM 702  O OP2    . DG A 1 23 ? 1.822   -1.217  26.476  1.00 80.47  ? 24 DG A OP2    1 
ATOM 703  O "O5'"  . DG A 1 23 ? 3.252   0.765   26.976  1.00 82.65  ? 24 DG A "O5'"  1 
ATOM 704  C "C5'"  . DG A 1 23 ? 4.523   1.349   27.325  1.00 77.37  ? 24 DG A "C5'"  1 
ATOM 705  C "C4'"  . DG A 1 23 ? 4.689   2.730   26.731  1.00 72.78  ? 24 DG A "C4'"  1 
ATOM 706  O "O4'"  . DG A 1 23 ? 5.363   2.599   25.451  1.00 71.63  ? 24 DG A "O4'"  1 
ATOM 707  C "C3'"  . DG A 1 23 ? 3.406   3.517   26.427  1.00 71.67  ? 24 DG A "C3'"  1 
ATOM 708  O "O3'"  . DG A 1 23 ? 3.631   4.906   26.720  1.00 81.40  ? 24 DG A "O3'"  1 
ATOM 709  C "C2'"  . DG A 1 23 ? 3.241   3.325   24.934  1.00 64.74  ? 24 DG A "C2'"  1 
ATOM 710  C "C1'"  . DG A 1 23 ? 4.688   3.406   24.501  1.00 61.70  ? 24 DG A "C1'"  1 
ATOM 711  N N9     . DG A 1 23 ? 4.958   2.893   23.162  1.00 54.46  ? 24 DG A N9     1 
ATOM 712  C C8     . DG A 1 23 ? 4.098   2.214   22.326  1.00 54.82  ? 24 DG A C8     1 
ATOM 713  N N7     . DG A 1 23 ? 4.638   1.901   21.178  1.00 53.45  ? 24 DG A N7     1 
ATOM 714  C C5     . DG A 1 23 ? 5.929   2.401   21.267  1.00 51.90  ? 24 DG A C5     1 
ATOM 715  C C6     . DG A 1 23 ? 6.988   2.372   20.327  1.00 51.01  ? 24 DG A C6     1 
ATOM 716  O O6     . DG A 1 23 ? 6.984   1.888   19.193  1.00 47.94  ? 24 DG A O6     1 
ATOM 717  N N1     . DG A 1 23 ? 8.134   2.989   20.818  1.00 51.77  ? 24 DG A N1     1 
ATOM 718  C C2     . DG A 1 23 ? 8.245   3.567   22.060  1.00 59.41  ? 24 DG A C2     1 
ATOM 719  N N2     . DG A 1 23 ? 9.436   4.103   22.362  1.00 66.28  ? 24 DG A N2     1 
ATOM 720  N N3     . DG A 1 23 ? 7.263   3.606   22.944  1.00 56.98  ? 24 DG A N3     1 
ATOM 721  C C4     . DG A 1 23 ? 6.143   3.010   22.482  1.00 52.78  ? 24 DG A C4     1 
ATOM 722  H "H5'"  . DG A 1 23 ? 5.338   0.700   26.973  1.00 92.84  ? 24 DG A "H5'"  1 
ATOM 723  H "H5''" . DG A 1 23 ? 4.614   1.405   28.419  1.00 92.84  ? 24 DG A "H5''" 1 
ATOM 724  H "H4'"  . DG A 1 23 ? 5.261   3.290   27.487  1.00 87.34  ? 24 DG A "H4'"  1 
ATOM 725  H "H3'"  . DG A 1 23 ? 2.532   3.191   27.009  1.00 86.00  ? 24 DG A "H3'"  1 
ATOM 726  H "H2'"  . DG A 1 23 ? 2.779   2.357   24.690  1.00 77.69  ? 24 DG A "H2'"  1 
ATOM 727  H "H2''" . DG A 1 23 ? 2.622   4.112   24.478  1.00 77.69  ? 24 DG A "H2''" 1 
ATOM 728  H "H1'"  . DG A 1 23 ? 4.995   4.463   24.500  1.00 74.04  ? 24 DG A "H1'"  1 
ATOM 729  H H8     . DG A 1 23 ? 3.062   1.963   22.593  1.00 65.78  ? 24 DG A H8     1 
ATOM 730  H H1     . DG A 1 23 ? 8.935   3.014   20.221  1.00 62.12  ? 24 DG A H1     1 
ATOM 731  H H21    . DG A 1 23 ? 10.182  4.074   21.696  1.00 79.54  ? 24 DG A H21    1 
ATOM 732  H H22    . DG A 1 23 ? 9.577   4.538   23.252  1.00 79.54  ? 24 DG A H22    1 
ATOM 733  P P      . DG A 1 24 ? 2.516   5.796   27.468  1.00 88.73  ? 25 DG A P      1 
ATOM 734  O OP1    . DG A 1 24 ? 2.347   5.269   28.846  1.00 77.35  ? 25 DG A OP1    1 
ATOM 735  O OP2    . DG A 1 24 ? 1.334   5.888   26.571  1.00 85.78  ? 25 DG A OP2    1 
ATOM 736  O "O5'"  . DG A 1 24 ? 3.182   7.248   27.567  1.00 79.74  ? 25 DG A "O5'"  1 
ATOM 737  C "C5'"  . DG A 1 24 ? 4.601   7.414   27.785  1.00 70.70  ? 25 DG A "C5'"  1 
ATOM 738  C "C4'"  . DG A 1 24 ? 5.279   8.144   26.641  1.00 68.29  ? 25 DG A "C4'"  1 
ATOM 739  O "O4'"  . DG A 1 24 ? 5.408   7.280   25.493  1.00 70.25  ? 25 DG A "O4'"  1 
ATOM 740  C "C3'"  . DG A 1 24 ? 4.598   9.410   26.102  1.00 65.16  ? 25 DG A "C3'"  1 
ATOM 741  O "O3'"  . DG A 1 24 ? 5.322   10.566  26.555  1.00 69.41  ? 25 DG A "O3'"  1 
ATOM 742  C "C2'"  . DG A 1 24 ? 4.695   9.295   24.584  1.00 61.36  ? 25 DG A "C2'"  1 
ATOM 743  C "C1'"  . DG A 1 24 ? 5.625   8.114   24.372  1.00 59.45  ? 25 DG A "C1'"  1 
ATOM 744  N N9     . DG A 1 24 ? 5.342   7.340   23.168  1.00 52.98  ? 25 DG A N9     1 
ATOM 745  C C8     . DG A 1 24 ? 4.147   6.756   22.822  1.00 50.57  ? 25 DG A C8     1 
ATOM 746  N N7     . DG A 1 24 ? 4.193   6.133   21.676  1.00 49.76  ? 25 DG A N7     1 
ATOM 747  C C5     . DG A 1 24 ? 5.493   6.323   21.237  1.00 48.43  ? 25 DG A C5     1 
ATOM 748  C C6     . DG A 1 24 ? 6.127   5.881   20.052  1.00 49.30  ? 25 DG A C6     1 
ATOM 749  O O6     . DG A 1 24 ? 5.641   5.216   19.131  1.00 51.60  ? 25 DG A O6     1 
ATOM 750  N N1     . DG A 1 24 ? 7.455   6.292   19.994  1.00 49.77  ? 25 DG A N1     1 
ATOM 751  C C2     . DG A 1 24 ? 8.092   7.035   20.963  1.00 53.08  ? 25 DG A C2     1 
ATOM 752  N N2     . DG A 1 24 ? 9.379   7.339   20.740  1.00 56.05  ? 25 DG A N2     1 
ATOM 753  N N3     . DG A 1 24 ? 7.508   7.454   22.075  1.00 51.34  ? 25 DG A N3     1 
ATOM 754  C C4     . DG A 1 24 ? 6.217   7.064   22.145  1.00 52.01  ? 25 DG A C4     1 
ATOM 755  H "H5'"  . DG A 1 24 ? 5.072   6.430   27.920  1.00 84.84  ? 25 DG A "H5'"  1 
ATOM 756  H "H5''" . DG A 1 24 ? 4.763   7.970   28.719  1.00 84.84  ? 25 DG A "H5''" 1 
ATOM 757  H "H4'"  . DG A 1 24 ? 6.247   8.451   27.066  1.00 81.95  ? 25 DG A "H4'"  1 
ATOM 758  H "H3'"  . DG A 1 24 ? 3.562   9.528   26.451  1.00 78.19  ? 25 DG A "H3'"  1 
ATOM 759  H "H2'"  . DG A 1 24 ? 3.708   9.126   24.127  1.00 73.63  ? 25 DG A "H2'"  1 
ATOM 760  H "H2''" . DG A 1 24 ? 5.096   10.215  24.136  1.00 73.63  ? 25 DG A "H2''" 1 
ATOM 761  H "H1'"  . DG A 1 24 ? 6.654   8.487   24.273  1.00 71.34  ? 25 DG A "H1'"  1 
ATOM 762  H H8     . DG A 1 24 ? 3.246   6.803   23.451  1.00 60.68  ? 25 DG A H8     1 
ATOM 763  H H1     . DG A 1 24 ? 7.981   6.024   19.182  1.00 59.72  ? 25 DG A H1     1 
ATOM 764  H H21    . DG A 1 24 ? 9.835   7.027   19.904  1.00 67.26  ? 25 DG A H21    1 
ATOM 765  H H22    . DG A 1 24 ? 9.888   7.876   21.413  1.00 67.26  ? 25 DG A H22    1 
ATOM 766  P P      . DT A 1 25 ? 4.664   11.662  27.537  1.00 76.62  ? 26 DT A P      1 
ATOM 767  O OP1    . DT A 1 25 ? 5.646   12.759  27.731  1.00 73.68  ? 26 DT A OP1    1 
ATOM 768  O OP2    . DT A 1 25 ? 4.115   10.957  28.723  1.00 79.41  ? 26 DT A OP2    1 
ATOM 769  O "O5'"  . DT A 1 25 ? 3.440   12.232  26.690  1.00 70.99  ? 26 DT A "O5'"  1 
ATOM 770  C "C5'"  . DT A 1 25 ? 3.593   13.441  25.918  1.00 60.87  ? 26 DT A "C5'"  1 
ATOM 771  C "C4'"  . DT A 1 25 ? 2.473   13.574  24.907  1.00 61.11  ? 26 DT A "C4'"  1 
ATOM 772  O "O4'"  . DT A 1 25 ? 2.615   14.799  24.143  1.00 56.57  ? 26 DT A "O4'"  1 
ATOM 773  C "C3'"  . DT A 1 25 ? 2.440   12.497  23.831  1.00 59.68  ? 26 DT A "C3'"  1 
ATOM 774  O "O3'"  . DT A 1 25 ? 1.164   12.509  23.176  1.00 53.40  ? 26 DT A "O3'"  1 
ATOM 775  C "C2'"  . DT A 1 25 ? 3.498   13.012  22.871  1.00 55.97  ? 26 DT A "C2'"  1 
ATOM 776  C "C1'"  . DT A 1 25 ? 3.200   14.508  22.875  1.00 59.69  ? 26 DT A "C1'"  1 
ATOM 777  N N1     . DT A 1 25 ? 4.347   15.412  22.628  1.00 61.61  ? 26 DT A N1     1 
ATOM 778  C C2     . DT A 1 25 ? 4.320   16.178  21.480  1.00 64.91  ? 26 DT A C2     1 
ATOM 779  O O2     . DT A 1 25 ? 3.407   16.143  20.671  1.00 63.69  ? 26 DT A O2     1 
ATOM 780  N N3     . DT A 1 25 ? 5.408   16.997  21.307  1.00 66.62  ? 26 DT A N3     1 
ATOM 781  C C4     . DT A 1 25 ? 6.498   17.127  22.145  1.00 65.47  ? 26 DT A C4     1 
ATOM 782  O O4     . DT A 1 25 ? 7.403   17.905  21.857  1.00 60.89  ? 26 DT A O4     1 
ATOM 783  C C5     . DT A 1 25 ? 6.464   16.298  23.327  1.00 71.88  ? 26 DT A C5     1 
ATOM 784  C C7     . DT A 1 25 ? 7.601   16.369  24.297  1.00 74.48  ? 26 DT A C7     1 
ATOM 785  C C6     . DT A 1 25 ? 5.407   15.496  23.507  1.00 67.26  ? 26 DT A C6     1 
ATOM 786  H "H5'"  . DT A 1 25 ? 4.561   13.413  25.406  1.00 73.04  ? 26 DT A "H5'"  1 
ATOM 787  H "H5''" . DT A 1 25 ? 3.603   14.316  26.586  1.00 73.04  ? 26 DT A "H5''" 1 
ATOM 788  H "H4'"  . DT A 1 25 ? 1.546   13.508  25.497  1.00 73.33  ? 26 DT A "H4'"  1 
ATOM 789  H "H3'"  . DT A 1 25 ? 2.627   11.478  24.202  1.00 71.62  ? 26 DT A "H3'"  1 
ATOM 790  H "H2'"  . DT A 1 25 ? 4.518   12.787  23.219  1.00 67.16  ? 26 DT A "H2'"  1 
ATOM 791  H "H2''" . DT A 1 25 ? 3.395   12.571  21.869  1.00 67.16  ? 26 DT A "H2''" 1 
ATOM 792  H "H1'"  . DT A 1 25 ? 2.518   14.690  22.032  1.00 71.63  ? 26 DT A "H1'"  1 
ATOM 793  H H3     . DT A 1 25 ? 5.411   17.564  20.485  1.00 79.94  ? 26 DT A H3     1 
ATOM 794  H H71    . DT A 1 25 ? 7.408   15.687  25.138  1.00 89.38  ? 26 DT A H71    1 
ATOM 795  H H72    . DT A 1 25 ? 8.532   16.073  23.792  1.00 89.38  ? 26 DT A H72    1 
ATOM 796  H H73    . DT A 1 25 ? 7.699   17.397  24.674  1.00 89.38  ? 26 DT A H73    1 
ATOM 797  H H6     . DT A 1 25 ? 5.389   14.874  24.407  1.00 80.71  ? 26 DT A H6     1 
ATOM 798  P P      . DT A 1 26 ? 0.562   11.172  22.510  1.00 53.94  ? 27 DT A P      1 
ATOM 799  O OP1    . DT A 1 26 ? -0.914  11.320  22.448  1.00 52.46  ? 27 DT A OP1    1 
ATOM 800  O OP2    . DT A 1 26 ? 1.147   10.002  23.213  1.00 66.41  ? 27 DT A OP2    1 
ATOM 801  O "O5'"  . DT A 1 26 ? 1.141   11.191  21.021  1.00 51.26  ? 27 DT A "O5'"  1 
ATOM 802  C "C5'"  . DT A 1 26 ? 0.253   11.266  19.886  1.00 48.01  ? 27 DT A "C5'"  1 
ATOM 803  C "C4'"  . DT A 1 26 ? 0.369   10.030  19.015  1.00 47.63  ? 27 DT A "C4'"  1 
ATOM 804  O "O4'"  . DT A 1 26 ? 1.684   9.994   18.404  1.00 48.02  ? 27 DT A "O4'"  1 
ATOM 805  C "C3'"  . DT A 1 26 ? 0.203   8.690   19.746  1.00 50.47  ? 27 DT A "C3'"  1 
ATOM 806  O "O3'"  . DT A 1 26 ? -0.443  7.714   18.915  1.00 50.41  ? 27 DT A "O3'"  1 
ATOM 807  C "C2'"  . DT A 1 26 ? 1.647   8.273   19.977  1.00 50.16  ? 27 DT A "C2'"  1 
ATOM 808  C "C1'"  . DT A 1 26 ? 2.297   8.749   18.689  1.00 49.34  ? 27 DT A "C1'"  1 
ATOM 809  N N1     . DT A 1 26 ? 3.756   8.975   18.737  1.00 48.23  ? 27 DT A N1     1 
ATOM 810  C C2     . DT A 1 26 ? 4.519   8.538   17.672  1.00 51.25  ? 27 DT A C2     1 
ATOM 811  O O2     . DT A 1 26 ? 4.048   7.952   16.706  1.00 52.35  ? 27 DT A O2     1 
ATOM 812  N N3     . DT A 1 26 ? 5.860   8.814   17.778  1.00 49.10  ? 27 DT A N3     1 
ATOM 813  C C4     . DT A 1 26 ? 6.501   9.458   18.819  1.00 50.03  ? 27 DT A C4     1 
ATOM 814  O O4     . DT A 1 26 ? 7.716   9.640   18.778  1.00 53.62  ? 27 DT A O4     1 
ATOM 815  C C5     . DT A 1 26 ? 5.644   9.882   19.903  1.00 48.54  ? 27 DT A C5     1 
ATOM 816  C C7     . DT A 1 26 ? 6.245   10.585  21.076  1.00 43.51  ? 27 DT A C7     1 
ATOM 817  C C6     . DT A 1 26 ? 4.334   9.625   19.808  1.00 49.03  ? 27 DT A C6     1 
ATOM 818  H "H5'"  . DT A 1 26 ? 0.486   12.160  19.290  1.00 57.61  ? 27 DT A "H5'"  1 
ATOM 819  H "H5''" . DT A 1 26 ? -0.786  11.379  20.232  1.00 57.61  ? 27 DT A "H5''" 1 
ATOM 820  H "H4'"  . DT A 1 26 ? -0.451  10.132  18.292  1.00 57.16  ? 27 DT A "H4'"  1 
ATOM 821  H "H3'"  . DT A 1 26 ? -0.382  8.761   20.674  1.00 60.56  ? 27 DT A "H3'"  1 
ATOM 822  H "H2'"  . DT A 1 26 ? 2.073   8.746   20.873  1.00 60.19  ? 27 DT A "H2'"  1 
ATOM 823  H "H2''" . DT A 1 26 ? 1.742   7.187   20.112  1.00 60.19  ? 27 DT A "H2''" 1 
ATOM 824  H "H1'"  . DT A 1 26 ? 2.135   7.975   17.925  1.00 59.21  ? 27 DT A "H1'"  1 
ATOM 825  H H3     . DT A 1 26 ? 6.437   8.518   17.012  1.00 58.92  ? 27 DT A H3     1 
ATOM 826  H H71    . DT A 1 26 ? 5.546   10.546  21.925  1.00 52.21  ? 27 DT A H71    1 
ATOM 827  H H72    . DT A 1 26 ? 7.188   10.094  21.357  1.00 52.21  ? 27 DT A H72    1 
ATOM 828  H H73    . DT A 1 26 ? 6.444   11.635  20.815  1.00 52.21  ? 27 DT A H73    1 
ATOM 829  H H6     . DT A 1 26 ? 3.685   9.957   20.631  1.00 58.84  ? 27 DT A H6     1 
ATOM 830  P P      . DG A 1 27 ? -2.024  7.790   18.616  1.00 53.17  ? 28 DG A P      1 
ATOM 831  O OP1    . DG A 1 27 ? -2.229  8.645   17.419  1.00 54.92  ? 28 DG A OP1    1 
ATOM 832  O OP2    . DG A 1 27 ? -2.714  8.141   19.884  1.00 50.75  ? 28 DG A OP2    1 
ATOM 833  O "O5'"  . DG A 1 27 ? -2.418  6.290   18.245  1.00 49.26  ? 28 DG A "O5'"  1 
ATOM 834  C "C5'"  . DG A 1 27 ? -2.355  5.254   19.246  1.00 49.66  ? 28 DG A "C5'"  1 
ATOM 835  C "C4'"  . DG A 1 27 ? -2.686  3.896   18.658  1.00 53.22  ? 28 DG A "C4'"  1 
ATOM 836  O "O4'"  . DG A 1 27 ? -2.012  3.756   17.392  1.00 47.89  ? 28 DG A "O4'"  1 
ATOM 837  C "C3'"  . DG A 1 27 ? -2.290  2.684   19.514  1.00 55.51  ? 28 DG A "C3'"  1 
ATOM 838  O "O3'"  . DG A 1 27 ? -3.436  2.010   20.088  1.00 60.73  ? 28 DG A "O3'"  1 
ATOM 839  C "C2'"  . DG A 1 27 ? -1.631  1.709   18.548  1.00 54.77  ? 28 DG A "C2'"  1 
ATOM 840  C "C1'"  . DG A 1 27 ? -1.443  2.468   17.246  1.00 46.75  ? 28 DG A "C1'"  1 
ATOM 841  N N9     . DG A 1 27 ? -0.062  2.646   16.814  1.00 49.26  ? 28 DG A N9     1 
ATOM 842  C C8     . DG A 1 27 ? 0.446   2.326   15.581  1.00 50.92  ? 28 DG A C8     1 
ATOM 843  N N7     . DG A 1 27 ? 1.705   2.632   15.452  1.00 58.39  ? 28 DG A N7     1 
ATOM 844  C C5     . DG A 1 27 ? 2.053   3.176   16.676  1.00 54.39  ? 28 DG A C5     1 
ATOM 845  C C6     . DG A 1 27 ? 3.289   3.709   17.112  1.00 52.70  ? 28 DG A C6     1 
ATOM 846  O O6     . DG A 1 27 ? 4.348   3.787   16.475  1.00 53.78  ? 28 DG A O6     1 
ATOM 847  N N1     . DG A 1 27 ? 3.211   4.180   18.422  1.00 47.58  ? 28 DG A N1     1 
ATOM 848  C C2     . DG A 1 27 ? 2.079   4.141   19.205  1.00 53.09  ? 28 DG A C2     1 
ATOM 849  N N2     . DG A 1 27 ? 2.180   4.639   20.449  1.00 57.51  ? 28 DG A N2     1 
ATOM 850  N N3     . DG A 1 27 ? 0.919   3.645   18.801  1.00 58.19  ? 28 DG A N3     1 
ATOM 851  C C4     . DG A 1 27 ? 0.976   3.188   17.534  1.00 54.21  ? 28 DG A C4     1 
ATOM 852  H "H5'"  . DG A 1 27 ? -3.051  5.491   20.061  1.00 59.59  ? 28 DG A "H5'"  1 
ATOM 853  H "H5''" . DG A 1 27 ? -1.347  5.226   19.688  1.00 59.59  ? 28 DG A "H5''" 1 
ATOM 854  H "H4'"  . DG A 1 27 ? -3.777  3.907   18.566  1.00 63.86  ? 28 DG A "H4'"  1 
ATOM 855  H "H3'"  . DG A 1 27 ? -1.634  2.947   20.358  1.00 66.61  ? 28 DG A "H3'"  1 
ATOM 856  H "H2'"  . DG A 1 27 ? -0.670  1.348   18.942  1.00 65.72  ? 28 DG A "H2'"  1 
ATOM 857  H "H2''" . DG A 1 27 ? -2.256  0.816   18.402  1.00 65.72  ? 28 DG A "H2''" 1 
ATOM 858  H "H1'"  . DG A 1 27 ? -1.918  1.872   16.451  1.00 56.10  ? 28 DG A "H1'"  1 
ATOM 859  H H8     . DG A 1 27 ? -0.149  1.857   14.784  1.00 61.10  ? 28 DG A H8     1 
ATOM 860  H H1     . DG A 1 27 ? 4.040   4.577   18.819  1.00 57.10  ? 28 DG A H1     1 
ATOM 861  H H21    . DG A 1 27 ? 3.047   5.024   20.776  1.00 69.01  ? 28 DG A H21    1 
ATOM 862  H H22    . DG A 1 27 ? 1.383   4.629   21.050  1.00 69.01  ? 28 DG A H22    1 
ATOM 863  P P      . DG A 1 28 ? -4.677  2.719   20.841  1.00 62.05  ? 29 DG A P      1 
ATOM 864  O OP1    . DG A 1 28 ? -4.370  4.151   21.068  1.00 59.63  ? 29 DG A OP1    1 
ATOM 865  O OP2    . DG A 1 28 ? -5.043  1.865   21.999  1.00 76.09  ? 29 DG A OP2    1 
ATOM 866  O "O5'"  . DG A 1 28 ? -5.851  2.597   19.763  1.00 71.69  ? 29 DG A "O5'"  1 
ATOM 867  C "C5'"  . DG A 1 28 ? -6.471  3.752   19.152  1.00 74.90  ? 29 DG A "C5'"  1 
ATOM 868  C "C4'"  . DG A 1 28 ? -7.288  3.322   17.951  1.00 71.86  ? 29 DG A "C4'"  1 
ATOM 869  O "O4'"  . DG A 1 28 ? -7.151  4.315   16.902  1.00 78.21  ? 29 DG A "O4'"  1 
ATOM 870  C "C3'"  . DG A 1 28 ? -6.822  2.016   17.295  1.00 75.14  ? 29 DG A "C3'"  1 
ATOM 871  O "O3'"  . DG A 1 28 ? -7.799  1.435   16.408  1.00 77.26  ? 29 DG A "O3'"  1 
ATOM 872  C "C2'"  . DG A 1 28 ? -5.686  2.556   16.448  1.00 69.99  ? 29 DG A "C2'"  1 
ATOM 873  C "C1'"  . DG A 1 28 ? -6.381  3.762   15.838  1.00 70.83  ? 29 DG A "C1'"  1 
ATOM 874  N N9     . DG A 1 28 ? -5.505  4.819   15.331  1.00 69.31  ? 29 DG A N9     1 
ATOM 875  C C8     . DG A 1 28 ? -5.667  6.168   15.526  1.00 72.20  ? 29 DG A C8     1 
ATOM 876  N N7     . DG A 1 28 ? -4.747  6.887   14.948  1.00 63.03  ? 29 DG A N7     1 
ATOM 877  C C5     . DG A 1 28 ? -3.923  5.958   14.333  1.00 65.91  ? 29 DG A C5     1 
ATOM 878  C C6     . DG A 1 28 ? -2.751  6.150   13.555  1.00 67.30  ? 29 DG A C6     1 
ATOM 879  O O6     . DG A 1 28 ? -2.199  7.210   13.240  1.00 63.93  ? 29 DG A O6     1 
ATOM 880  N N1     . DG A 1 28 ? -2.220  4.939   13.124  1.00 63.79  ? 29 DG A N1     1 
ATOM 881  C C2     . DG A 1 28 ? -2.747  3.703   13.404  1.00 65.99  ? 29 DG A C2     1 
ATOM 882  N N2     . DG A 1 28 ? -2.080  2.654   12.898  1.00 68.63  ? 29 DG A N2     1 
ATOM 883  N N3     . DG A 1 28 ? -3.842  3.508   14.127  1.00 68.14  ? 29 DG A N3     1 
ATOM 884  C C4     . DG A 1 28 ? -4.373  4.673   14.560  1.00 67.68  ? 29 DG A C4     1 
ATOM 885  H "H5'"  . DG A 1 28 ? -5.710  4.483   18.843  1.00 89.88  ? 29 DG A "H5'"  1 
ATOM 886  H "H5''" . DG A 1 28 ? -7.123  4.258   19.884  1.00 89.88  ? 29 DG A "H5''" 1 
ATOM 887  H "H4'"  . DG A 1 28 ? -8.307  3.203   18.338  1.00 86.23  ? 29 DG A "H4'"  1 
ATOM 888  H "H3'"  . DG A 1 28 ? -6.512  1.235   18.004  1.00 90.17  ? 29 DG A "H3'"  1 
ATOM 889  H "H2'"  . DG A 1 28 ? -4.809  2.833   17.047  1.00 83.99  ? 29 DG A "H2'"  1 
ATOM 890  H "H2''" . DG A 1 28 ? -5.356  1.834   15.692  1.00 83.99  ? 29 DG A "H2''" 1 
ATOM 891  H "H1'"  . DG A 1 28 ? -6.979  3.419   14.979  1.00 85.00  ? 29 DG A "H1'"  1 
ATOM 892  H H8     . DG A 1 28 ? -6.493  6.601   16.112  1.00 86.64  ? 29 DG A H8     1 
ATOM 893  H H1     . DG A 1 28 ? -1.391  4.973   12.568  1.00 76.55  ? 29 DG A H1     1 
ATOM 894  H H21    . DG A 1 28 ? -1.255  2.803   12.353  1.00 82.36  ? 29 DG A H21    1 
ATOM 895  H H22    . DG A 1 28 ? -2.403  1.716   13.063  1.00 82.36  ? 29 DG A H22    1 
ATOM 896  P P      . DG A 1 29 ? -9.295  0.994   16.829  1.00 87.18  ? 30 DG A P      1 
ATOM 897  O OP1    . DG A 1 29 ? -9.657  1.597   18.136  1.00 96.97  ? 30 DG A OP1    1 
ATOM 898  O OP2    . DG A 1 29 ? -9.398  -0.477  16.660  1.00 91.34  ? 30 DG A OP2    1 
ATOM 899  O "O5'"  . DG A 1 29 ? -10.165 1.693   15.686  1.00 83.05  ? 30 DG A "O5'"  1 
ATOM 900  C "C5'"  . DG A 1 29 ? -10.238 3.133   15.607  1.00 80.32  ? 30 DG A "C5'"  1 
ATOM 901  C "C4'"  . DG A 1 29 ? -10.156 3.620   14.174  1.00 71.76  ? 30 DG A "C4'"  1 
ATOM 902  O "O4'"  . DG A 1 29 ? -9.286  2.743   13.407  1.00 67.43  ? 30 DG A "O4'"  1 
ATOM 903  C "C3'"  . DG A 1 29 ? -11.481 3.648   13.398  1.00 68.23  ? 30 DG A "C3'"  1 
ATOM 904  O "O3'"  . DG A 1 29 ? -11.508 4.723   12.442  1.00 65.82  ? 30 DG A "O3'"  1 
ATOM 905  C "C2'"  . DG A 1 29 ? -11.435 2.329   12.655  1.00 66.97  ? 30 DG A "C2'"  1 
ATOM 906  C "C1'"  . DG A 1 29 ? -9.977  2.308   12.244  1.00 65.80  ? 30 DG A "C1'"  1 
ATOM 907  N N9     . DG A 1 29 ? -9.470  0.993   11.864  1.00 58.59  ? 30 DG A N9     1 
ATOM 908  C C8     . DG A 1 29 ? -10.173 -0.021  11.259  1.00 57.25  ? 30 DG A C8     1 
ATOM 909  N N7     . DG A 1 29 ? -9.453  -1.085  11.042  1.00 55.58  ? 30 DG A N7     1 
ATOM 910  C C5     . DG A 1 29 ? -8.198  -0.756  11.532  1.00 56.04  ? 30 DG A C5     1 
ATOM 911  C C6     . DG A 1 29 ? -7.007  -1.523  11.584  1.00 58.23  ? 30 DG A C6     1 
ATOM 912  O O6     . DG A 1 29 ? -6.819  -2.678  11.183  1.00 59.94  ? 30 DG A O6     1 
ATOM 913  N N1     . DG A 1 29 ? -5.966  -0.815  12.177  1.00 54.95  ? 30 DG A N1     1 
ATOM 914  C C2     . DG A 1 29 ? -6.059  0.473   12.654  1.00 52.39  ? 30 DG A C2     1 
ATOM 915  N N2     . DG A 1 29 ? -4.942  0.997   13.189  1.00 41.83  ? 30 DG A N2     1 
ATOM 916  N N3     . DG A 1 29 ? -7.168  1.199   12.610  1.00 53.52  ? 30 DG A N3     1 
ATOM 917  C C4     . DG A 1 29 ? -8.191  0.524   12.043  1.00 55.13  ? 30 DG A C4     1 
ATOM 918  H "H5'"  . DG A 1 29 ? -9.423  3.578   16.192  1.00 96.38  ? 30 DG A "H5'"  1 
ATOM 919  H "H5''" . DG A 1 29 ? -11.179 3.480   16.060  1.00 96.38  ? 30 DG A "H5''" 1 
ATOM 920  H "H4'"  . DG A 1 29 ? -9.779  4.647   14.262  1.00 86.11  ? 30 DG A "H4'"  1 
ATOM 921  H "H3'"  . DG A 1 29 ? -12.371 3.756   14.036  1.00 81.88  ? 30 DG A "H3'"  1 
ATOM 922  H "H2'"  . DG A 1 29 ? -11.700 1.478   13.298  1.00 80.36  ? 30 DG A "H2'"  1 
ATOM 923  H "H2''" . DG A 1 29 ? -12.113 2.316   11.789  1.00 80.36  ? 30 DG A "H2''" 1 
ATOM 924  H "H1'"  . DG A 1 29 ? -9.850  2.960   11.368  1.00 78.96  ? 30 DG A "H1'"  1 
ATOM 925  H H8     . DG A 1 29 ? -11.236 0.058   10.984  1.00 68.70  ? 30 DG A H8     1 
ATOM 926  H H1     . DG A 1 29 ? -5.080  -1.285  12.262  1.00 65.94  ? 30 DG A H1     1 
ATOM 927  H H21    . DG A 1 29 ? -4.096  0.461   13.224  1.00 50.20  ? 30 DG A H21    1 
ATOM 928  H H22    . DG A 1 29 ? -4.943  1.932   13.551  1.00 50.20  ? 30 DG A H22    1 
ATOM 929  P P      . DG A 1 30 ? -11.590 6.269   12.891  1.00 63.79  ? 31 DG A P      1 
ATOM 930  O OP1    . DG A 1 30 ? -11.293 6.363   14.342  1.00 75.13  ? 31 DG A OP1    1 
ATOM 931  O OP2    . DG A 1 30 ? -12.867 6.823   12.370  1.00 62.10  ? 31 DG A OP2    1 
ATOM 932  O "O5'"  . DG A 1 30 ? -10.392 6.941   12.077  1.00 68.60  ? 31 DG A "O5'"  1 
ATOM 933  C "C5'"  . DG A 1 30 ? -9.027  6.858   12.539  1.00 55.04  ? 31 DG A "C5'"  1 
ATOM 934  C "C4'"  . DG A 1 30 ? -8.075  7.467   11.532  1.00 51.11  ? 31 DG A "C4'"  1 
ATOM 935  O "O4'"  . DG A 1 30 ? -7.850  6.522   10.455  1.00 49.36  ? 31 DG A "O4'"  1 
ATOM 936  C "C3'"  . DG A 1 30 ? -8.552  8.748   10.848  1.00 48.44  ? 31 DG A "C3'"  1 
ATOM 937  O "O3'"  . DG A 1 30 ? -7.424  9.540   10.447  1.00 44.08  ? 31 DG A "O3'"  1 
ATOM 938  C "C2'"  . DG A 1 30 ? -9.270  8.204   9.628   1.00 49.54  ? 31 DG A "C2'"  1 
ATOM 939  C "C1'"  . DG A 1 30 ? -8.379  7.034   9.237   1.00 46.44  ? 31 DG A "C1'"  1 
ATOM 940  N N9     . DG A 1 30 ? -9.087  5.941   8.573   1.00 47.43  ? 31 DG A N9     1 
ATOM 941  C C8     . DG A 1 30 ? -10.340 5.979   8.009   1.00 44.59  ? 31 DG A C8     1 
ATOM 942  N N7     . DG A 1 30 ? -10.710 4.835   7.501   1.00 45.57  ? 31 DG A N7     1 
ATOM 943  C C5     . DG A 1 30 ? -9.636  3.991   7.739   1.00 49.35  ? 31 DG A C5     1 
ATOM 944  C C6     . DG A 1 30 ? -9.459  2.620   7.414   1.00 47.30  ? 31 DG A C6     1 
ATOM 945  O O6     . DG A 1 30 ? -10.245 1.857   6.840   1.00 49.51  ? 31 DG A O6     1 
ATOM 946  N N1     . DG A 1 30 ? -8.220  2.153   7.838   1.00 40.85  ? 31 DG A N1     1 
ATOM 947  C C2     . DG A 1 30 ? -7.276  2.906   8.487   1.00 41.01  ? 31 DG A C2     1 
ATOM 948  N N2     . DG A 1 30 ? -6.144  2.264   8.800   1.00 31.81  ? 31 DG A N2     1 
ATOM 949  N N3     . DG A 1 30 ? -7.426  4.183   8.797   1.00 41.55  ? 31 DG A N3     1 
ATOM 950  C C4     . DG A 1 30 ? -8.624  4.658   8.396   1.00 42.37  ? 31 DG A C4     1 
ATOM 951  H "H5'"  . DG A 1 30 ? -8.756  5.806   12.710  1.00 66.05  ? 31 DG A "H5'"  1 
ATOM 952  H "H5''" . DG A 1 30 ? -8.929  7.374   13.506  1.00 66.05  ? 31 DG A "H5''" 1 
ATOM 953  H "H4'"  . DG A 1 30 ? -7.173  7.707   12.115  1.00 61.33  ? 31 DG A "H4'"  1 
ATOM 954  H "H3'"  . DG A 1 30 ? -9.192  9.380   11.482  1.00 58.13  ? 31 DG A "H3'"  1 
ATOM 955  H "H2'"  . DG A 1 30 ? -10.296 7.886   9.862   1.00 59.45  ? 31 DG A "H2'"  1 
ATOM 956  H "H2''" . DG A 1 30 ? -9.340  8.953   8.827   1.00 59.45  ? 31 DG A "H2''" 1 
ATOM 957  H "H1'"  . DG A 1 30 ? -7.622  7.394   8.526   1.00 55.73  ? 31 DG A "H1'"  1 
ATOM 958  H H8     . DG A 1 30 ? -10.968 6.881   7.987   1.00 53.51  ? 31 DG A H8     1 
ATOM 959  H H1     . DG A 1 30 ? -7.993  1.191   7.661   1.00 49.02  ? 31 DG A H1     1 
ATOM 960  H H21    . DG A 1 30 ? -6.046  1.297   8.553   1.00 38.17  ? 31 DG A H21    1 
ATOM 961  H H22    . DG A 1 30 ? -5.404  2.745   9.272   1.00 38.17  ? 31 DG A H22    1 
ATOM 962  P P      . DT A 1 31 ? -7.391  11.134  10.693  1.00 45.66  ? 32 DT A P      1 
ATOM 963  O OP1    . DT A 1 31 ? -5.994  11.603  10.508  1.00 49.90  ? 32 DT A OP1    1 
ATOM 964  O OP2    . DT A 1 31 ? -8.089  11.416  11.975  1.00 44.87  ? 32 DT A OP2    1 
ATOM 965  O "O5'"  . DT A 1 31 ? -8.277  11.732  9.508   1.00 43.69  ? 32 DT A "O5'"  1 
ATOM 966  C "C5'"  . DT A 1 31 ? -9.659  12.085  9.723   1.00 38.38  ? 32 DT A "C5'"  1 
ATOM 967  C "C4'"  . DT A 1 31 ? -10.254 12.739  8.492   1.00 40.36  ? 32 DT A "C4'"  1 
ATOM 968  O "O4'"  . DT A 1 31 ? -9.653  14.046  8.301   1.00 41.30  ? 32 DT A "O4'"  1 
ATOM 969  C "C3'"  . DT A 1 31 ? -10.039 11.990  7.175   1.00 41.23  ? 32 DT A "C3'"  1 
ATOM 970  O "O3'"  . DT A 1 31 ? -11.161 12.194  6.305   1.00 41.63  ? 32 DT A "O3'"  1 
ATOM 971  C "C2'"  . DT A 1 31 ? -8.813  12.688  6.612   1.00 38.11  ? 32 DT A "C2'"  1 
ATOM 972  C "C1'"  . DT A 1 31 ? -9.109  14.125  6.993   1.00 38.61  ? 32 DT A "C1'"  1 
ATOM 973  N N1     . DT A 1 31 ? -7.927  15.005  7.041   1.00 37.63  ? 32 DT A N1     1 
ATOM 974  C C2     . DT A 1 31 ? -7.794  15.980  6.077   1.00 43.38  ? 32 DT A C2     1 
ATOM 975  O O2     . DT A 1 31 ? -8.604  16.154  5.179   1.00 49.13  ? 32 DT A O2     1 
ATOM 976  N N3     . DT A 1 31 ? -6.664  16.752  6.197   1.00 42.70  ? 32 DT A N3     1 
ATOM 977  C C4     . DT A 1 31 ? -5.682  16.651  7.163   1.00 42.28  ? 32 DT A C4     1 
ATOM 978  O O4     . DT A 1 31 ? -4.722  17.419  7.143   1.00 50.73  ? 32 DT A O4     1 
ATOM 979  C C5     . DT A 1 31 ? -5.888  15.610  8.145   1.00 37.51  ? 32 DT A C5     1 
ATOM 980  C C7     . DT A 1 31 ? -4.877  15.421  9.230   1.00 34.30  ? 32 DT A C7     1 
ATOM 981  C C6     . DT A 1 31 ? -6.986  14.852  8.035   1.00 35.74  ? 32 DT A C6     1 
ATOM 982  H "H5'"  . DT A 1 31 ? -9.739  12.769  10.581  1.00 46.06  ? 32 DT A "H5'"  1 
ATOM 983  H "H5''" . DT A 1 31 ? -10.237 11.185  9.979   1.00 46.06  ? 32 DT A "H5''" 1 
ATOM 984  H "H4'"  . DT A 1 31 ? -11.337 12.771  8.692   1.00 48.43  ? 32 DT A "H4'"  1 
ATOM 985  H "H3'"  . DT A 1 31 ? -9.908  10.906  7.300   1.00 49.48  ? 32 DT A "H3'"  1 
ATOM 986  H "H2'"  . DT A 1 31 ? -7.881  12.316  7.062   1.00 45.73  ? 32 DT A "H2'"  1 
ATOM 987  H "H2''" . DT A 1 31 ? -8.722  12.555  5.523   1.00 45.73  ? 32 DT A "H2''" 1 
ATOM 988  H "H1'"  . DT A 1 31 ? -9.784  14.551  6.237   1.00 46.33  ? 32 DT A "H1'"  1 
ATOM 989  H H3     . DT A 1 31 ? -6.541  17.469  5.510   1.00 51.24  ? 32 DT A H3     1 
ATOM 990  H H71    . DT A 1 31 ? -5.172  14.568  9.860   1.00 41.16  ? 32 DT A H71    1 
ATOM 991  H H72    . DT A 1 31 ? -3.890  15.225  8.786   1.00 41.16  ? 32 DT A H72    1 
ATOM 992  H H73    . DT A 1 31 ? -4.827  16.332  9.846   1.00 41.16  ? 32 DT A H73    1 
ATOM 993  H H6     . DT A 1 31 ? -7.143  14.057  8.781   1.00 42.89  ? 32 DT A H6     1 
ATOM 994  P P      . DG A 1 32 ? -11.464 11.187  5.082   1.00 43.18  ? 33 DG A P      1 
ATOM 995  O OP1    . DG A 1 32 ? -11.987 11.988  3.945   1.00 47.87  ? 33 DG A OP1    1 
ATOM 996  O OP2    . DG A 1 32 ? -12.272 10.060  5.616   1.00 47.00  ? 33 DG A OP2    1 
ATOM 997  O "O5'"  . DG A 1 32 ? -10.031 10.620  4.681   1.00 44.00  ? 33 DG A "O5'"  1 
ATOM 998  C "C5'"  . DG A 1 32 ? -9.644  9.291   5.075   1.00 44.88  ? 33 DG A "C5'"  1 
ATOM 999  C "C4'"  . DG A 1 32 ? -8.159  9.083   4.876   1.00 49.01  ? 33 DG A "C4'"  1 
ATOM 1000 O "O4'"  . DG A 1 32 ? -7.716  7.956   5.669   1.00 52.70  ? 33 DG A "O4'"  1 
ATOM 1001 C "C3'"  . DG A 1 32 ? -7.706  8.792   3.446   1.00 44.92  ? 33 DG A "C3'"  1 
ATOM 1002 O "O3'"  . DG A 1 32 ? -7.356  10.020  2.789   1.00 47.69  ? 33 DG A "O3'"  1 
ATOM 1003 C "C2'"  . DG A 1 32 ? -6.479  7.924   3.663   1.00 45.37  ? 33 DG A "C2'"  1 
ATOM 1004 C "C1'"  . DG A 1 32 ? -6.837  7.135   4.912   1.00 48.29  ? 33 DG A "C1'"  1 
ATOM 1005 N N9     . DG A 1 32 ? -7.510  5.867   4.652   1.00 45.83  ? 33 DG A N9     1 
ATOM 1006 C C8     . DG A 1 32 ? -8.844  5.664   4.393   1.00 44.65  ? 33 DG A C8     1 
ATOM 1007 N N7     . DG A 1 32 ? -9.145  4.410   4.212   1.00 45.90  ? 33 DG A N7     1 
ATOM 1008 C C5     . DG A 1 32 ? -7.941  3.743   4.359   1.00 48.49  ? 33 DG A C5     1 
ATOM 1009 C C6     . DG A 1 32 ? -7.644  2.362   4.272   1.00 47.50  ? 33 DG A C6     1 
ATOM 1010 O O6     . DG A 1 32 ? -8.422  1.429   4.046   1.00 53.27  ? 33 DG A O6     1 
ATOM 1011 N N1     . DG A 1 32 ? -6.291  2.113   4.482   1.00 44.75  ? 33 DG A N1     1 
ATOM 1012 C C2     . DG A 1 32 ? -5.345  3.073   4.746   1.00 46.47  ? 33 DG A C2     1 
ATOM 1013 N N2     . DG A 1 32 ? -4.085  2.642   4.917   1.00 45.66  ? 33 DG A N2     1 
ATOM 1014 N N3     . DG A 1 32 ? -5.613  4.366   4.835   1.00 46.04  ? 33 DG A N3     1 
ATOM 1015 C C4     . DG A 1 32 ? -6.921  4.627   4.633   1.00 43.48  ? 33 DG A C4     1 
ATOM 1016 H "H5'"  . DG A 1 32 ? -10.206 8.553   4.485   1.00 53.86  ? 33 DG A "H5'"  1 
ATOM 1017 H "H5''" . DG A 1 32 ? -9.902  9.119   6.130   1.00 53.86  ? 33 DG A "H5''" 1 
ATOM 1018 H "H4'"  . DG A 1 32 ? -7.712  10.041  5.178   1.00 58.81  ? 33 DG A "H4'"  1 
ATOM 1019 H "H3'"  . DG A 1 32 ? -8.474  8.303   2.827   1.00 53.90  ? 33 DG A "H3'"  1 
ATOM 1020 H "H2'"  . DG A 1 32 ? -6.288  7.265   2.804   1.00 54.44  ? 33 DG A "H2'"  1 
ATOM 1021 H "H2''" . DG A 1 32 ? -5.573  8.529   3.808   1.00 54.44  ? 33 DG A "H2''" 1 
ATOM 1022 H "H1'"  . DG A 1 32 ? -5.903  6.884   5.433   1.00 57.95  ? 33 DG A "H1'"  1 
ATOM 1023 H H8     . DG A 1 32 ? -9.583  6.476   4.343   1.00 53.58  ? 33 DG A H8     1 
ATOM 1024 H H1     . DG A 1 32 ? -5.984  1.161   4.434   1.00 53.70  ? 33 DG A H1     1 
ATOM 1025 H H21    . DG A 1 32 ? -3.869  1.663   4.849   1.00 54.79  ? 33 DG A H21    1 
ATOM 1026 H H22    . DG A 1 32 ? -3.356  3.299   5.110   1.00 54.79  ? 33 DG A H22    1 
ATOM 1027 P P      . DA A 1 33 ? -7.074  10.068  1.202   1.00 42.18  ? 34 DA A P      1 
ATOM 1028 O OP1    . DA A 1 33 ? -6.647  11.443  0.831   1.00 43.42  ? 34 DA A OP1    1 
ATOM 1029 O OP2    . DA A 1 33 ? -8.212  9.422   0.497   1.00 40.75  ? 34 DA A OP2    1 
ATOM 1030 O "O5'"  . DA A 1 33 ? -5.852  9.068   0.970   1.00 42.48  ? 34 DA A "O5'"  1 
ATOM 1031 C "C5'"  . DA A 1 33 ? -4.489  9.477   1.212   1.00 43.99  ? 34 DA A "C5'"  1 
ATOM 1032 C "C4'"  . DA A 1 33 ? -3.528  8.361   0.865   1.00 42.79  ? 34 DA A "C4'"  1 
ATOM 1033 O "O4'"  . DA A 1 33 ? -4.075  7.104   1.344   1.00 44.56  ? 34 DA A "O4'"  1 
ATOM 1034 C "C3'"  . DA A 1 33 ? -3.284  8.153   -0.634  1.00 39.24  ? 34 DA A "C3'"  1 
ATOM 1035 O "O3'"  . DA A 1 33 ? -1.960  7.646   -0.866  1.00 42.02  ? 34 DA A "O3'"  1 
ATOM 1036 C "C2'"  . DA A 1 33 ? -4.322  7.103   -0.975  1.00 40.33  ? 34 DA A "C2'"  1 
ATOM 1037 C "C1'"  . DA A 1 33 ? -4.248  6.213   0.252   1.00 44.69  ? 34 DA A "C1'"  1 
ATOM 1038 N N9     . DA A 1 33 ? -5.464  5.426   0.467   1.00 44.51  ? 34 DA A N9     1 
ATOM 1039 C C8     . DA A 1 33 ? -6.762  5.870   0.480   1.00 49.45  ? 34 DA A C8     1 
ATOM 1040 N N7     . DA A 1 33 ? -7.645  4.916   0.644   1.00 44.46  ? 34 DA A N7     1 
ATOM 1041 C C5     . DA A 1 33 ? -6.876  3.767   0.746   1.00 42.31  ? 34 DA A C5     1 
ATOM 1042 C C6     . DA A 1 33 ? -7.221  2.414   0.871   1.00 44.65  ? 34 DA A C6     1 
ATOM 1043 N N6     . DA A 1 33 ? -8.481  1.985   0.951   1.00 38.19  ? 34 DA A N6     1 
ATOM 1044 N N1     . DA A 1 33 ? -6.219  1.507   0.900   1.00 47.84  ? 34 DA A N1     1 
ATOM 1045 C C2     . DA A 1 33 ? -4.959  1.950   0.813   1.00 50.70  ? 34 DA A C2     1 
ATOM 1046 N N3     . DA A 1 33 ? -4.509  3.196   0.690   1.00 53.29  ? 34 DA A N3     1 
ATOM 1047 C C4     . DA A 1 33 ? -5.530  4.068   0.654   1.00 46.05  ? 34 DA A C4     1 
ATOM 1048 H "H5'"  . DA A 1 33 ? -4.366  9.761   2.267   1.00 52.79  ? 34 DA A "H5'"  1 
ATOM 1049 H "H5''" . DA A 1 33 ? -4.257  10.370  0.612   1.00 52.79  ? 34 DA A "H5''" 1 
ATOM 1050 H "H4'"  . DA A 1 33 ? -2.576  8.644   1.338   1.00 51.35  ? 34 DA A "H4'"  1 
ATOM 1051 H "H3'"  . DA A 1 33 ? -3.382  9.074   -1.229  1.00 47.09  ? 34 DA A "H3'"  1 
ATOM 1052 H "H2'"  . DA A 1 33 ? -5.322  7.540   -1.111  1.00 48.40  ? 34 DA A "H2'"  1 
ATOM 1053 H "H2''" . DA A 1 33 ? -4.078  6.558   -1.897  1.00 48.40  ? 34 DA A "H2''" 1 
ATOM 1054 H "H1'"  . DA A 1 33 ? -3.428  5.494   0.111   1.00 53.63  ? 34 DA A "H1'"  1 
ATOM 1055 H H8     . DA A 1 33 ? -7.039  6.928   0.366   1.00 59.34  ? 34 DA A H8     1 
ATOM 1056 H H61    . DA A 1 33 ? -8.673  1.006   1.029   1.00 45.83  ? 34 DA A H61    1 
ATOM 1057 H H62    . DA A 1 33 ? -9.234  2.640   0.926   1.00 45.83  ? 34 DA A H62    1 
ATOM 1058 H H2     . DA A 1 33 ? -4.184  1.170   0.847   1.00 60.84  ? 34 DA A H2     1 
ATOM 1059 P P      . DC A 1 34 ? -1.383  7.486   -2.364  1.00 49.51  ? 35 DC A P      1 
ATOM 1060 O OP1    . DC A 1 34 ? 0.068   7.802   -2.331  1.00 44.84  ? 35 DC A OP1    1 
ATOM 1061 O OP2    . DC A 1 34 ? -2.276  8.243   -3.280  1.00 50.16  ? 35 DC A OP2    1 
ATOM 1062 O "O5'"  . DC A 1 34 ? -1.547  5.934   -2.694  1.00 46.76  ? 35 DC A "O5'"  1 
ATOM 1063 C "C5'"  . DC A 1 34 ? -0.514  4.995   -2.339  1.00 53.21  ? 35 DC A "C5'"  1 
ATOM 1064 C "C4'"  . DC A 1 34 ? -0.864  3.598   -2.803  1.00 52.68  ? 35 DC A "C4'"  1 
ATOM 1065 O "O4'"  . DC A 1 34 ? -1.984  3.072   -2.064  1.00 54.13  ? 35 DC A "O4'"  1 
ATOM 1066 C "C3'"  . DC A 1 34 ? -1.297  3.468   -4.258  1.00 53.71  ? 35 DC A "C3'"  1 
ATOM 1067 O "O3'"  . DC A 1 34 ? -0.145  3.509   -5.117  1.00 67.82  ? 35 DC A "O3'"  1 
ATOM 1068 C "C2'"  . DC A 1 34 ? -1.975  2.107   -4.231  1.00 55.50  ? 35 DC A "C2'"  1 
ATOM 1069 C "C1'"  . DC A 1 34 ? -2.656  2.104   -2.865  1.00 53.88  ? 35 DC A "C1'"  1 
ATOM 1070 N N1     . DC A 1 34 ? -4.087  2.455   -2.882  1.00 53.92  ? 35 DC A N1     1 
ATOM 1071 C C2     . DC A 1 34 ? -5.036  1.429   -2.798  1.00 51.53  ? 35 DC A C2     1 
ATOM 1072 O O2     . DC A 1 34 ? -4.646  0.255   -2.728  1.00 52.30  ? 35 DC A O2     1 
ATOM 1073 N N3     . DC A 1 34 ? -6.351  1.744   -2.792  1.00 50.23  ? 35 DC A N3     1 
ATOM 1074 C C4     . DC A 1 34 ? -6.733  3.019   -2.869  1.00 44.96  ? 35 DC A C4     1 
ATOM 1075 N N4     . DC A 1 34 ? -8.041  3.283   -2.855  1.00 42.91  ? 35 DC A N4     1 
ATOM 1076 C C5     . DC A 1 34 ? -5.790  4.082   -2.964  1.00 49.13  ? 35 DC A C5     1 
ATOM 1077 C C6     . DC A 1 34 ? -4.490  3.758   -2.966  1.00 52.86  ? 35 DC A C6     1 
ATOM 1078 H "H5'"  . DC A 1 34 ? -0.369  4.999   -1.249  1.00 63.85  ? 35 DC A "H5'"  1 
ATOM 1079 H "H5''" . DC A 1 34 ? 0.441   5.308   -2.788  1.00 63.85  ? 35 DC A "H5''" 1 
ATOM 1080 H "H4'"  . DC A 1 34 ? 0.060   3.017   -2.663  1.00 63.22  ? 35 DC A "H4'"  1 
ATOM 1081 H "H3'"  . DC A 1 34 ? -1.962  4.278   -4.590  1.00 64.45  ? 35 DC A "H3'"  1 
ATOM 1082 H "H2'"  . DC A 1 34 ? -2.697  1.992   -5.052  1.00 66.60  ? 35 DC A "H2'"  1 
ATOM 1083 H "H2''" . DC A 1 34 ? -1.248  1.286   -4.326  1.00 66.60  ? 35 DC A "H2''" 1 
ATOM 1084 H "H1'"  . DC A 1 34 ? -2.604  1.080   -2.467  1.00 64.66  ? 35 DC A "H1'"  1 
ATOM 1085 H H41    . DC A 1 34 ? -8.701  2.534   -2.787  1.00 51.49  ? 35 DC A H41    1 
ATOM 1086 H H42    . DC A 1 34 ? -8.363  4.229   -2.911  1.00 51.49  ? 35 DC A H42    1 
ATOM 1087 H H5     . DC A 1 34 ? -6.116  5.131   -3.029  1.00 58.96  ? 35 DC A H5     1 
ATOM 1088 H H6     . DC A 1 34 ? -3.737  4.557   -3.034  1.00 63.43  ? 35 DC A H6     1 
ATOM 1089 P P      . DC A 1 35 ? -0.182  2.980   -6.640  1.00 20.00  ? 36 DC A P      1 
ATOM 1090 O OP1    . DC A 1 35 ? -0.800  1.632   -6.638  1.00 20.00  ? 36 DC A OP1    1 
ATOM 1091 O OP2    . DC A 1 35 ? 1.184   3.150   -7.195  1.00 20.00  ? 36 DC A OP2    1 
ATOM 1092 O "O5'"  . DC A 1 35 ? -1.175  3.962   -7.419  1.00 20.00  ? 36 DC A "O5'"  1 
ATOM 1093 C "C5'"  . DC A 1 35 ? -0.700  5.135   -8.115  1.00 20.00  ? 36 DC A "C5'"  1 
ATOM 1094 C "C4'"  . DC A 1 35 ? -0.422  4.850   -9.583  1.00 20.00  ? 36 DC A "C4'"  1 
ATOM 1095 O "O4'"  . DC A 1 35 ? 0.159   3.536   -9.761  1.00 20.00  ? 36 DC A "O4'"  1 
ATOM 1096 C "C3'"  . DC A 1 35 ? -1.635  4.791   -10.509 1.00 20.00  ? 36 DC A "C3'"  1 
ATOM 1097 O "O3'"  . DC A 1 35 ? -2.220  6.084   -10.782 1.00 20.00  ? 36 DC A "O3'"  1 
ATOM 1098 C "C2'"  . DC A 1 35 ? -1.006  4.133   -11.723 1.00 20.00  ? 36 DC A "C2'"  1 
ATOM 1099 C "C1'"  . DC A 1 35 ? -0.141  3.065   -11.076 1.00 20.00  ? 36 DC A "C1'"  1 
ATOM 1100 N N1     . DC A 1 35 ? -0.775  1.738   -10.977 1.00 20.00  ? 36 DC A N1     1 
ATOM 1101 C C2     . DC A 1 35 ? -0.499  0.781   -11.962 1.00 20.00  ? 36 DC A C2     1 
ATOM 1102 O O2     . DC A 1 35 ? 0.237   1.090   -12.912 1.00 20.00  ? 36 DC A O2     1 
ATOM 1103 N N3     . DC A 1 35 ? -1.040  -0.452  -11.864 1.00 20.00  ? 36 DC A N3     1 
ATOM 1104 C C4     . DC A 1 35 ? -1.835  -0.748  -10.836 1.00 20.00  ? 36 DC A C4     1 
ATOM 1105 N N4     . DC A 1 35 ? -2.322  -1.990  -10.756 1.00 20.00  ? 36 DC A N4     1 
ATOM 1106 C C5     . DC A 1 35 ? -2.148  0.208   -9.830  1.00 20.00  ? 36 DC A C5     1 
ATOM 1107 C C6     . DC A 1 35 ? -1.604  1.425   -9.937  1.00 20.00  ? 36 DC A C6     1 
ATOM 1108 H "H5'"  . DC A 1 35 ? 0.218   5.504   -7.632  1.00 24.00  ? 36 DC A "H5'"  1 
ATOM 1109 H "H5''" . DC A 1 35 ? -1.445  5.939   -8.032  1.00 24.00  ? 36 DC A "H5''" 1 
ATOM 1110 H "H4'"  . DC A 1 35 ? 0.238   5.665   -9.909  1.00 24.00  ? 36 DC A "H4'"  1 
ATOM 1111 H "H3'"  . DC A 1 35 ? -2.453  4.189   -10.086 1.00 24.00  ? 36 DC A "H3'"  1 
ATOM 1112 H "H2'"  . DC A 1 35 ? -1.753  3.707   -12.403 1.00 24.00  ? 36 DC A "H2'"  1 
ATOM 1113 H "H2''" . DC A 1 35 ? -0.397  4.829   -12.309 1.00 24.00  ? 36 DC A "H2''" 1 
ATOM 1114 H "H1'"  . DC A 1 35 ? 0.744   2.924   -11.712 1.00 24.00  ? 36 DC A "H1'"  1 
ATOM 1115 H H41    . DC A 1 35 ? -2.092  -2.668  -11.459 1.00 24.00  ? 36 DC A H41    1 
ATOM 1116 H H42    . DC A 1 35 ? -2.916  -2.243  -9.982  1.00 24.00  ? 36 DC A H42    1 
ATOM 1117 H H5     . DC A 1 35 ? -2.820  -0.040  -8.996  1.00 24.00  ? 36 DC A H5     1 
ATOM 1118 H H6     . DC A 1 35 ? -1.825  2.182   -9.170  1.00 24.00  ? 36 DC A H6     1 
ATOM 1119 P P      . DG A 1 36 ? -1.497  7.270   -11.615 1.00 20.00  ? 37 DG A P      1 
ATOM 1120 O OP1    . DG A 1 36 ? -0.053  6.952   -11.749 1.00 20.00  ? 37 DG A OP1    1 
ATOM 1121 O OP2    . DG A 1 36 ? -1.896  8.561   -10.998 1.00 20.00  ? 37 DG A OP2    1 
ATOM 1122 O "O5'"  . DG A 1 36 ? -2.157  7.195   -13.071 1.00 20.00  ? 37 DG A "O5'"  1 
ATOM 1123 C "C5'"  . DG A 1 36 ? -1.395  6.713   -14.199 1.00 20.00  ? 37 DG A "C5'"  1 
ATOM 1124 C "C4'"  . DG A 1 36 ? -2.273  6.072   -15.256 1.00 20.00  ? 37 DG A "C4'"  1 
ATOM 1125 O "O4'"  . DG A 1 36 ? -2.437  4.653   -14.970 1.00 20.00  ? 37 DG A "O4'"  1 
ATOM 1126 C "C3'"  . DG A 1 36 ? -3.706  6.602   -15.375 1.00 20.00  ? 37 DG A "C3'"  1 
ATOM 1127 O "O3'"  . DG A 1 36 ? -4.140  6.422   -16.728 1.00 20.00  ? 37 DG A "O3'"  1 
ATOM 1128 C "C2'"  . DG A 1 36 ? -4.465  5.653   -14.477 1.00 20.00  ? 37 DG A "C2'"  1 
ATOM 1129 C "C1'"  . DG A 1 36 ? -3.830  4.356   -14.923 1.00 20.00  ? 37 DG A "C1'"  1 
ATOM 1130 N N9     . DG A 1 36 ? -4.057  3.212   -14.044 1.00 20.00  ? 37 DG A N9     1 
ATOM 1131 C C8     . DG A 1 36 ? -4.268  3.222   -12.686 1.00 20.00  ? 37 DG A C8     1 
ATOM 1132 N N7     . DG A 1 36 ? -4.457  2.031   -12.190 1.00 20.00  ? 37 DG A N7     1 
ATOM 1133 C C5     . DG A 1 36 ? -4.365  1.183   -13.284 1.00 20.00  ? 37 DG A C5     1 
ATOM 1134 C C6     . DG A 1 36 ? -4.508  -0.225  -13.371 1.00 20.00  ? 37 DG A C6     1 
ATOM 1135 O O6     . DG A 1 36 ? -4.719  -1.032  -12.459 1.00 20.00  ? 37 DG A O6     1 
ATOM 1136 N N1     . DG A 1 36 ? -4.374  -0.676  -14.682 1.00 20.00  ? 37 DG A N1     1 
ATOM 1137 C C2     . DG A 1 36 ? -4.129  0.126   -15.769 1.00 20.00  ? 37 DG A C2     1 
ATOM 1138 N N2     . DG A 1 36 ? -4.052  -0.491  -16.961 1.00 20.00  ? 37 DG A N2     1 
ATOM 1139 N N3     . DG A 1 36 ? -3.982  1.440   -15.699 1.00 20.00  ? 37 DG A N3     1 
ATOM 1140 C C4     . DG A 1 36 ? -4.118  1.897   -14.436 1.00 20.00  ? 37 DG A C4     1 
ATOM 1141 H "H5'"  . DG A 1 36 ? -0.641  5.991   -13.866 1.00 24.00  ? 37 DG A "H5'"  1 
ATOM 1142 H "H5''" . DG A 1 36 ? -0.843  7.553   -14.648 1.00 24.00  ? 37 DG A "H5''" 1 
ATOM 1143 H "H4'"  . DG A 1 36 ? -1.756  6.280   -16.204 1.00 24.00  ? 37 DG A "H4'"  1 
ATOM 1144 H "H3'"  . DG A 1 36 ? -3.828  7.664   -15.112 1.00 24.00  ? 37 DG A "H3'"  1 
ATOM 1145 H "H2'"  . DG A 1 36 ? -4.302  5.865   -13.409 1.00 24.00  ? 37 DG A "H2'"  1 
ATOM 1146 H "H2''" . DG A 1 36 ? -5.549  5.680   -14.660 1.00 24.00  ? 37 DG A "H2''" 1 
ATOM 1147 H "H1'"  . DG A 1 36 ? -4.261  4.081   -15.897 1.00 24.00  ? 37 DG A "H1'"  1 
ATOM 1148 H H8     . DG A 1 36 ? -4.273  4.138   -12.078 1.00 24.00  ? 37 DG A H8     1 
ATOM 1149 H H1     . DG A 1 36 ? -4.461  -1.661  -14.845 1.00 24.00  ? 37 DG A H1     1 
ATOM 1150 H H21    . DG A 1 36 ? -4.173  -1.486  -17.028 1.00 24.00  ? 37 DG A H21    1 
ATOM 1151 H H22    . DG A 1 36 ? -3.884  0.044   -17.787 1.00 24.00  ? 37 DG A H22    1 
ATOM 1152 P P      . DC A 1 37 ? -5.121  7.457   -17.470 1.00 20.00  ? 38 DC A P      1 
ATOM 1153 O OP1    . DC A 1 37 ? -4.296  8.541   -18.059 1.00 20.00  ? 38 DC A OP1    1 
ATOM 1154 O OP2    . DC A 1 37 ? -6.225  7.792   -16.531 1.00 20.00  ? 38 DC A OP2    1 
ATOM 1155 O "O5'"  . DC A 1 37 ? -5.731  6.579   -18.658 1.00 20.00  ? 38 DC A "O5'"  1 
ATOM 1156 C "C5'"  . DC A 1 37 ? -4.966  5.515   -19.267 1.00 20.00  ? 38 DC A "C5'"  1 
ATOM 1157 C "C4'"  . DC A 1 37 ? -5.866  4.378   -19.702 1.00 20.00  ? 38 DC A "C4'"  1 
ATOM 1158 O "O4'"  . DC A 1 37 ? -5.979  3.430   -18.605 1.00 20.00  ? 38 DC A "O4'"  1 
ATOM 1159 C "C3'"  . DC A 1 37 ? -7.308  4.771   -20.040 1.00 20.00  ? 38 DC A "C3'"  1 
ATOM 1160 O "O3'"  . DC A 1 37 ? -7.850  3.860   -21.006 1.00 20.00  ? 38 DC A "O3'"  1 
ATOM 1161 C "C2'"  . DC A 1 37 ? -7.998  4.570   -18.708 1.00 20.00  ? 38 DC A "C2'"  1 
ATOM 1162 C "C1'"  . DC A 1 37 ? -7.354  3.262   -18.287 1.00 20.00  ? 38 DC A "C1'"  1 
ATOM 1163 N N1     . DC A 1 37 ? -7.464  2.901   -16.858 1.00 20.00  ? 38 DC A N1     1 
ATOM 1164 C C2     . DC A 1 37 ? -7.556  1.544   -16.517 1.00 20.00  ? 38 DC A C2     1 
ATOM 1165 O O2     . DC A 1 37 ? -7.546  0.691   -17.416 1.00 20.00  ? 38 DC A O2     1 
ATOM 1166 N N3     . DC A 1 37 ? -7.651  1.186   -15.216 1.00 20.00  ? 38 DC A N3     1 
ATOM 1167 C C4     . DC A 1 37 ? -7.657  2.123   -14.268 1.00 20.00  ? 38 DC A C4     1 
ATOM 1168 N N4     . DC A 1 37 ? -7.749  1.724   -12.998 1.00 20.00  ? 38 DC A N4     1 
ATOM 1169 C C5     . DC A 1 37 ? -7.565  3.509   -14.580 1.00 20.00  ? 38 DC A C5     1 
ATOM 1170 C C6     . DC A 1 37 ? -7.470  3.852   -15.870 1.00 20.00  ? 38 DC A C6     1 
ATOM 1171 H "H5'"  . DC A 1 37 ? -4.214  5.137   -18.562 1.00 24.00  ? 38 DC A "H5'"  1 
ATOM 1172 H "H5''" . DC A 1 37 ? -4.418  5.907   -20.137 1.00 24.00  ? 38 DC A "H5''" 1 
ATOM 1173 H "H4'"  . DC A 1 37 ? -5.391  3.960   -20.602 1.00 24.00  ? 38 DC A "H4'"  1 
ATOM 1174 H "H3'"  . DC A 1 37 ? -7.412  5.787   -20.448 1.00 24.00  ? 38 DC A "H3'"  1 
ATOM 1175 H "H2'"  . DC A 1 37 ? -7.800  5.396   -18.012 1.00 24.00  ? 38 DC A "H2'"  1 
ATOM 1176 H "H2''" . DC A 1 37 ? -9.088  4.484   -18.817 1.00 24.00  ? 38 DC A "H2''" 1 
ATOM 1177 H "H1'"  . DC A 1 37 ? -7.850  2.452   -18.841 1.00 24.00  ? 38 DC A "H1'"  1 
ATOM 1178 H H41    . DC A 1 37 ? -7.813  0.746   -12.779 1.00 24.00  ? 38 DC A H41    1 
ATOM 1179 H H42    . DC A 1 37 ? -7.754  2.400   -12.261 1.00 24.00  ? 38 DC A H42    1 
ATOM 1180 H H5     . DC A 1 37 ? -7.570  4.272   -13.787 1.00 24.00  ? 38 DC A H5     1 
ATOM 1181 H H6     . DC A 1 37 ? -7.390  4.915   -16.134 1.00 24.00  ? 38 DC A H6     1 
ATOM 1182 P P      . DT A 1 38 ? -8.866  4.353   -22.154 1.00 20.00  ? 39 DT A P      1 
ATOM 1183 O OP1    . DT A 1 38 ? -8.069  4.816   -23.318 1.00 20.00  ? 39 DT A OP1    1 
ATOM 1184 O OP2    . DT A 1 38 ? -9.855  5.270   -21.530 1.00 20.00  ? 39 DT A OP2    1 
ATOM 1185 O "O5'"  . DT A 1 38 ? -9.628  3.011   -22.566 1.00 20.00  ? 39 DT A "O5'"  1 
ATOM 1186 C "C5'"  . DT A 1 38 ? -8.980  1.723   -22.492 1.00 20.00  ? 39 DT A "C5'"  1 
ATOM 1187 C "C4'"  . DT A 1 38 ? -9.973  0.636   -22.132 1.00 20.00  ? 39 DT A "C4'"  1 
ATOM 1188 O "O4'"  . DT A 1 38 ? -9.986  0.470   -20.687 1.00 20.00  ? 39 DT A "O4'"  1 
ATOM 1189 C "C3'"  . DT A 1 38 ? -11.431 0.906   -22.513 1.00 20.00  ? 39 DT A "C3'"  1 
ATOM 1190 O "O3'"  . DT A 1 38 ? -12.116 -0.335  -22.719 1.00 20.00  ? 39 DT A "O3'"  1 
ATOM 1191 C "C2'"  . DT A 1 38 ? -11.953 1.558   -21.247 1.00 20.00  ? 39 DT A "C2'"  1 
ATOM 1192 C "C1'"  . DT A 1 38 ? -11.316 0.637   -20.222 1.00 20.00  ? 39 DT A "C1'"  1 
ATOM 1193 N N1     . DT A 1 38 ? -11.278 1.117   -18.821 1.00 20.00  ? 39 DT A N1     1 
ATOM 1194 C C2     . DT A 1 38 ? -11.337 0.168   -17.819 1.00 20.00  ? 39 DT A C2     1 
ATOM 1195 O O2     . DT A 1 38 ? -11.408 -1.031  -18.044 1.00 20.00  ? 39 DT A O2     1 
ATOM 1196 N N3     . DT A 1 38 ? -11.305 0.671   -16.541 1.00 20.00  ? 39 DT A N3     1 
ATOM 1197 C C4     . DT A 1 38 ? -11.215 2.001   -16.173 1.00 20.00  ? 39 DT A C4     1 
ATOM 1198 O O4     . DT A 1 38 ? -11.184 2.318   -14.987 1.00 20.00  ? 39 DT A O4     1 
ATOM 1199 C C5     . DT A 1 38 ? -11.155 2.940   -17.267 1.00 20.00  ? 39 DT A C5     1 
ATOM 1200 C C7     . DT A 1 38 ? -11.069 4.400   -16.954 1.00 20.00  ? 39 DT A C7     1 
ATOM 1201 C C6     . DT A 1 38 ? -11.188 2.461   -18.517 1.00 20.00  ? 39 DT A C6     1 
ATOM 1202 H "H5'"  . DT A 1 38 ? -8.175  1.745   -21.746 1.00 24.00  ? 39 DT A "H5'"  1 
ATOM 1203 H "H5''" . DT A 1 38 ? -8.511  1.488   -23.459 1.00 24.00  ? 39 DT A "H5''" 1 
ATOM 1204 H "H4'"  . DT A 1 38 ? -9.629  -0.252  -22.683 1.00 24.00  ? 39 DT A "H4'"  1 
ATOM 1205 H "H3'"  . DT A 1 38 ? -11.560 1.520   -23.418 1.00 24.00  ? 39 DT A "H3'"  1 
ATOM 1206 H "H2'"  . DT A 1 38 ? -11.625 2.602   -21.160 1.00 24.00  ? 39 DT A "H2'"  1 
ATOM 1207 H "H2''" . DT A 1 38 ? -13.051 1.552   -21.199 1.00 24.00  ? 39 DT A "H2''" 1 
ATOM 1208 H "H1'"  . DT A 1 38 ? -11.907 -0.292  -20.199 1.00 24.00  ? 39 DT A "H1'"  1 
ATOM 1209 H H3     . DT A 1 38 ? -11.359 0.001   -15.792 1.00 24.00  ? 39 DT A H3     1 
ATOM 1210 H H71    . DT A 1 38 ? -11.248 4.983   -17.870 1.00 24.00  ? 39 DT A H71    1 
ATOM 1211 H H72    . DT A 1 38 ? -11.828 4.659   -16.202 1.00 24.00  ? 39 DT A H72    1 
ATOM 1212 H H73    . DT A 1 38 ? -10.069 4.632   -16.560 1.00 24.00  ? 39 DT A H73    1 
ATOM 1213 H H6     . DT A 1 38 ? -11.133 3.185   -19.341 1.00 24.00  ? 39 DT A H6     1 
ATOM 1214 P P      . DA A 1 39 ? -13.260 -0.501  -23.841 1.00 20.00  ? 40 DA A P      1 
ATOM 1215 O OP1    . DA A 1 39 ? -12.629 -0.885  -25.130 1.00 20.00  ? 40 DA A OP1    1 
ATOM 1216 O OP2    . DA A 1 39 ? -14.180 0.663   -23.766 1.00 20.00  ? 40 DA A OP2    1 
ATOM 1217 O "O5'"  . DA A 1 39 ? -14.127 -1.726  -23.300 1.00 20.00  ? 40 DA A "O5'"  1 
ATOM 1218 C "C5'"  . DA A 1 39 ? -13.525 -2.788  -22.530 1.00 20.00  ? 40 DA A "C5'"  1 
ATOM 1219 C "C4'"  . DA A 1 39 ? -14.491 -3.309  -21.488 1.00 20.00  ? 40 DA A "C4'"  1 
ATOM 1220 O "O4'"  . DA A 1 39 ? -14.270 -2.610  -20.231 1.00 20.00  ? 40 DA A "O4'"  1 
ATOM 1221 C "C3'"  . DA A 1 39 ? -15.973 -3.095  -21.801 1.00 20.00  ? 40 DA A "C3'"  1 
ATOM 1222 O "O3'"  . DA A 1 39 ? -16.750 -4.118  -21.167 1.00 20.00  ? 40 DA A "O3'"  1 
ATOM 1223 C "C2'"  . DA A 1 39 ? -16.237 -1.769  -21.115 1.00 20.00  ? 40 DA A "C2'"  1 
ATOM 1224 C "C1'"  . DA A 1 39 ? -15.494 -2.020  -19.817 1.00 20.00  ? 40 DA A "C1'"  1 
ATOM 1225 N N9     . DA A 1 39 ? -15.207 -0.836  -19.005 1.00 20.00  ? 40 DA A N9     1 
ATOM 1226 C C8     . DA A 1 39 ? -14.971 0.451   -19.417 1.00 20.00  ? 40 DA A C8     1 
ATOM 1227 N N7     . DA A 1 39 ? -14.768 1.295   -18.434 1.00 20.00  ? 40 DA A N7     1 
ATOM 1228 C C5     . DA A 1 39 ? -14.877 0.511   -17.295 1.00 20.00  ? 40 DA A C5     1 
ATOM 1229 C C6     . DA A 1 39 ? -14.775 0.807   -15.925 1.00 20.00  ? 40 DA A C6     1 
ATOM 1230 N N6     . DA A 1 39 ? -14.519 2.024   -15.449 1.00 20.00  ? 40 DA A N6     1 
ATOM 1231 N N1     . DA A 1 39 ? -14.943 -0.204  -15.044 1.00 20.00  ? 40 DA A N1     1 
ATOM 1232 C C2     . DA A 1 39 ? -15.199 -1.427  -15.525 1.00 20.00  ? 40 DA A C2     1 
ATOM 1233 N N3     . DA A 1 39 ? -15.313 -1.831  -16.787 1.00 20.00  ? 40 DA A N3     1 
ATOM 1234 C C4     . DA A 1 39 ? -15.142 -0.803  -17.633 1.00 20.00  ? 40 DA A C4     1 
ATOM 1235 H "H5'"  . DA A 1 39 ? -12.611 -2.429  -22.037 1.00 24.00  ? 40 DA A "H5'"  1 
ATOM 1236 H "H5''" . DA A 1 39 ? -13.225 -3.607  -23.200 1.00 24.00  ? 40 DA A "H5''" 1 
ATOM 1237 H "H4'"  . DA A 1 39 ? -14.299 -4.391  -21.436 1.00 24.00  ? 40 DA A "H4'"  1 
ATOM 1238 H "H3'"  . DA A 1 39 ? -16.218 -3.103  -22.874 1.00 24.00  ? 40 DA A "H3'"  1 
ATOM 1239 H "H2'"  . DA A 1 39 ? -15.834 -0.916  -21.677 1.00 24.00  ? 40 DA A "H2'"  1 
ATOM 1240 H "H2''" . DA A 1 39 ? -17.310 -1.590  -20.958 1.00 24.00  ? 40 DA A "H2''" 1 
ATOM 1241 H "H1'"  . DA A 1 39 ? -16.120 -2.673  -19.191 1.00 24.00  ? 40 DA A "H1'"  1 
ATOM 1242 H H8     . DA A 1 39 ? -14.955 0.751   -20.475 1.00 24.00  ? 40 DA A H8     1 
ATOM 1243 H H61    . DA A 1 39 ? -14.455 2.171   -14.460 1.00 24.00  ? 40 DA A H61    1 
ATOM 1244 H H62    . DA A 1 39 ? -14.389 2.791   -16.077 1.00 24.00  ? 40 DA A H62    1 
ATOM 1245 H H2     . DA A 1 39 ? -15.329 -2.213  -14.767 1.00 24.00  ? 40 DA A H2     1 
ATOM 1246 P P      . DT A 1 40 ? -18.078 -4.720  -21.847 1.00 20.00  ? 41 DT A P      1 
ATOM 1247 O OP1    . DT A 1 40 ? -17.685 -5.847  -22.729 1.00 20.00  ? 41 DT A OP1    1 
ATOM 1248 O OP2    . DT A 1 40 ? -18.861 -3.587  -22.406 1.00 20.00  ? 41 DT A OP2    1 
ATOM 1249 O "O5'"  . DT A 1 40 ? -18.879 -5.308  -20.597 1.00 20.00  ? 41 DT A "O5'"  1 
ATOM 1250 C "C5'"  . DT A 1 40 ? -18.198 -5.838  -19.439 1.00 20.00  ? 41 DT A "C5'"  1 
ATOM 1251 C "C4'"  . DT A 1 40 ? -19.003 -5.595  -18.178 1.00 20.00  ? 41 DT A "C4'"  1 
ATOM 1252 O "O4'"  . DT A 1 40 ? -18.549 -4.368  -17.541 1.00 20.00  ? 41 DT A "O4'"  1 
ATOM 1253 C "C3'"  . DT A 1 40 ? -20.508 -5.403  -18.393 1.00 20.00  ? 41 DT A "C3'"  1 
ATOM 1254 O "O3'"  . DT A 1 40 ? -21.240 -5.831  -17.239 1.00 20.00  ? 41 DT A "O3'"  1 
ATOM 1255 C "C2'"  . DT A 1 40 ? -20.600 -3.893  -18.503 1.00 20.00  ? 41 DT A "C2'"  1 
ATOM 1256 C "C1'"  . DT A 1 40 ? -19.664 -3.508  -17.372 1.00 20.00  ? 41 DT A "C1'"  1 
ATOM 1257 N N1     . DT A 1 40 ? -19.198 -2.101  -17.335 1.00 20.00  ? 41 DT A N1     1 
ATOM 1258 C C2     . DT A 1 40 ? -18.938 -1.545  -16.097 1.00 20.00  ? 41 DT A C2     1 
ATOM 1259 O O2     . DT A 1 40 ? -19.057 -2.165  -15.051 1.00 20.00  ? 41 DT A O2     1 
ATOM 1260 N N3     . DT A 1 40 ? -18.527 -0.234  -16.125 1.00 20.00  ? 41 DT A N3     1 
ATOM 1261 C C4     . DT A 1 40 ? -18.349 0.558   -17.244 1.00 20.00  ? 41 DT A C4     1 
ATOM 1262 O O4     . DT A 1 40 ? -17.967 1.720   -17.129 1.00 20.00  ? 41 DT A O4     1 
ATOM 1263 C C5     . DT A 1 40 ? -18.636 -0.085  -18.504 1.00 20.00  ? 41 DT A C5     1 
ATOM 1264 C C7     . DT A 1 40 ? -18.485 0.706   -19.765 1.00 20.00  ? 41 DT A C7     1 
ATOM 1265 C C6     . DT A 1 40 ? -19.036 -1.362  -18.489 1.00 20.00  ? 41 DT A C6     1 
ATOM 1266 H "H5'"  . DT A 1 40 ? -17.208 -5.373  -19.335 1.00 24.00  ? 41 DT A "H5'"  1 
ATOM 1267 H "H5''" . DT A 1 40 ? -18.030 -6.918  -19.569 1.00 24.00  ? 41 DT A "H5''" 1 
ATOM 1268 H "H4'"  . DT A 1 40 ? -18.854 -6.499  -17.571 1.00 24.00  ? 41 DT A "H4'"  1 
ATOM 1269 H "H3'"  . DT A 1 40 ? -20.912 -5.937  -19.266 1.00 24.00  ? 41 DT A "H3'"  1 
ATOM 1270 H "H2'"  . DT A 1 40 ? -20.266 -3.535  -19.486 1.00 24.00  ? 41 DT A "H2'"  1 
ATOM 1271 H "H2''" . DT A 1 40 ? -21.625 -3.526  -18.349 1.00 24.00  ? 41 DT A "H2''" 1 
ATOM 1272 H "H1'"  . DT A 1 40 ? -20.208 -3.659  -16.429 1.00 24.00  ? 41 DT A "H1'"  1 
ATOM 1273 H H3     . DT A 1 40 ? -18.344 0.199   -15.236 1.00 24.00  ? 41 DT A H3     1 
ATOM 1274 H H71    . DT A 1 40 ? -17.485 0.541   -20.189 1.00 24.00  ? 41 DT A H71    1 
ATOM 1275 H H72    . DT A 1 40 ? -19.247 0.386   -20.491 1.00 24.00  ? 41 DT A H72    1 
ATOM 1276 H H73    . DT A 1 40 ? -18.617 1.776   -19.547 1.00 24.00  ? 41 DT A H73    1 
ATOM 1277 H H6     . DT A 1 40 ? -19.242 -1.843  -19.455 1.00 24.00  ? 41 DT A H6     1 
ATOM 1278 P P      . DA A 1 41 ? -22.673 -6.551  -17.392 1.00 20.00  ? 42 DA A P      1 
ATOM 1279 O OP1    . DA A 1 41 ? -22.466 -8.014  -17.540 1.00 20.00  ? 42 DA A OP1    1 
ATOM 1280 O OP2    . DA A 1 41 ? -23.479 -5.799  -18.390 1.00 20.00  ? 42 DA A OP2    1 
ATOM 1281 O "O5'"  . DA A 1 41 ? -23.405 -6.268  -16.001 1.00 20.00  ? 42 DA A "O5'"  1 
ATOM 1282 C "C5'"  . DA A 1 41 ? -22.675 -6.142  -14.762 1.00 20.00  ? 42 DA A "C5'"  1 
ATOM 1283 C "C4'"  . DA A 1 41 ? -23.354 -5.146  -13.845 1.00 20.00  ? 42 DA A "C4'"  1 
ATOM 1284 O "O4'"  . DA A 1 41 ? -22.745 -3.839  -14.025 1.00 20.00  ? 42 DA A "O4'"  1 
ATOM 1285 C "C3'"  . DA A 1 41 ? -24.849 -4.928  -14.106 1.00 20.00  ? 42 DA A "C3'"  1 
ATOM 1286 O "O3'"  . DA A 1 41 ? -25.511 -4.530  -12.893 1.00 20.00  ? 42 DA A "O3'"  1 
ATOM 1287 C "C2'"  . DA A 1 41 ? -24.816 -3.747  -15.053 1.00 20.00  ? 42 DA A "C2'"  1 
ATOM 1288 C "C1'"  . DA A 1 41 ? -23.762 -2.906  -14.360 1.00 20.00  ? 42 DA A "C1'"  1 
ATOM 1289 N N9     . DA A 1 41 ? -23.180 -1.834  -15.170 1.00 20.00  ? 42 DA A N9     1 
ATOM 1290 C C8     . DA A 1 41 ? -23.023 -1.785  -16.533 1.00 20.00  ? 42 DA A C8     1 
ATOM 1291 N N7     . DA A 1 41 ? -22.484 -0.671  -16.963 1.00 20.00  ? 42 DA A N7     1 
ATOM 1292 C C5     . DA A 1 41 ? -22.269 0.063   -15.806 1.00 20.00  ? 42 DA A C5     1 
ATOM 1293 C C6     . DA A 1 41 ? -21.726 1.340   -15.583 1.00 20.00  ? 42 DA A C6     1 
ATOM 1294 N N6     . DA A 1 41 ? -21.289 2.129   -16.563 1.00 20.00  ? 42 DA A N6     1 
ATOM 1295 N N1     . DA A 1 41 ? -21.651 1.783   -14.308 1.00 20.00  ? 42 DA A N1     1 
ATOM 1296 C C2     . DA A 1 41 ? -22.099 0.981   -13.332 1.00 20.00  ? 42 DA A C2     1 
ATOM 1297 N N3     . DA A 1 41 ? -22.632 -0.236  -13.416 1.00 20.00  ? 42 DA A N3     1 
ATOM 1298 C C4     . DA A 1 41 ? -22.688 -0.643  -14.694 1.00 20.00  ? 42 DA A C4     1 
ATOM 1299 H "H5'"  . DA A 1 41 ? -21.644 -5.819  -14.962 1.00 24.00  ? 42 DA A "H5'"  1 
ATOM 1300 H "H5''" . DA A 1 41 ? -22.612 -7.122  -14.267 1.00 24.00  ? 42 DA A "H5''" 1 
ATOM 1301 H "H4'"  . DA A 1 41 ? -23.231 -5.559  -12.833 1.00 24.00  ? 42 DA A "H4'"  1 
ATOM 1302 H "H3'"  . DA A 1 41 ? -25.368 -5.812  -14.509 1.00 24.00  ? 42 DA A "H3'"  1 
ATOM 1303 H "H2'"  . DA A 1 41 ? -24.525 -4.036  -16.074 1.00 24.00  ? 42 DA A "H2'"  1 
ATOM 1304 H "H2''" . DA A 1 41 ? -25.787 -3.236  -15.116 1.00 24.00  ? 42 DA A "H2''" 1 
ATOM 1305 H "H1'"  . DA A 1 41 ? -24.232 -2.415  -13.495 1.00 24.00  ? 42 DA A "H1'"  1 
ATOM 1306 H H8     . DA A 1 41 ? -23.320 -2.604  -17.203 1.00 24.00  ? 42 DA A H8     1 
ATOM 1307 H H61    . DA A 1 41 ? -20.911 3.030   -16.350 1.00 24.00  ? 42 DA A H61    1 
ATOM 1308 H H62    . DA A 1 41 ? -21.340 1.822   -17.512 1.00 24.00  ? 42 DA A H62    1 
ATOM 1309 H H2     . DA A 1 41 ? -22.016 1.388   -12.313 1.00 24.00  ? 42 DA A H2     1 
ATOM 1310 P P      . DT A 1 42 ? -27.023 -4.968  -12.537 1.00 20.00  ? 43 DT A P      1 
ATOM 1311 O OP1    . DT A 1 42 ? -26.981 -6.263  -11.811 1.00 20.00  ? 43 DT A OP1    1 
ATOM 1312 O OP2    . DT A 1 42 ? -27.842 -4.845  -13.772 1.00 20.00  ? 43 DT A OP2    1 
ATOM 1313 O "O5'"  . DT A 1 42 ? -27.493 -3.827  -11.513 1.00 20.00  ? 43 DT A "O5'"  1 
ATOM 1314 C "C5'"  . DT A 1 42 ? -26.578 -3.138  -10.615 1.00 20.00  ? 43 DT A "C5'"  1 
ATOM 1315 C "C4'"  . DT A 1 42 ? -27.014 -1.701  -10.345 1.00 20.00  ? 43 DT A "C4'"  1 
ATOM 1316 O "O4'"  . DT A 1 42 ? -26.345 -0.821  -11.296 1.00 20.00  ? 43 DT A "O4'"  1 
ATOM 1317 C "C3'"  . DT A 1 42 ? -28.514 -1.395  -10.505 1.00 20.00  ? 43 DT A "C3'"  1 
ATOM 1318 O "O3'"  . DT A 1 42 ? -28.917 -0.364  -9.593  1.00 20.00  ? 43 DT A "O3'"  1 
ATOM 1319 C "C2'"  . DT A 1 42 ? -28.576 -0.878  -11.933 1.00 20.00  ? 43 DT A "C2'"  1 
ATOM 1320 C "C1'"  . DT A 1 42 ? -27.313 -0.026  -11.965 1.00 20.00  ? 43 DT A "C1'"  1 
ATOM 1321 N N1     . DT A 1 42 ? -26.769 0.361   -13.306 1.00 20.00  ? 43 DT A N1     1 
ATOM 1322 C C2     . DT A 1 42 ? -26.103 1.590   -13.422 1.00 20.00  ? 43 DT A C2     1 
ATOM 1323 O O2     . DT A 1 42 ? -25.942 2.363   -12.489 1.00 20.00  ? 43 DT A O2     1 
ATOM 1324 N N3     . DT A 1 42 ? -25.630 1.889   -14.689 1.00 20.00  ? 43 DT A N3     1 
ATOM 1325 C C4     . DT A 1 42 ? -25.745 1.105   -15.831 1.00 20.00  ? 43 DT A C4     1 
ATOM 1326 O O4     . DT A 1 42 ? -25.274 1.510   -16.893 1.00 20.00  ? 43 DT A O4     1 
ATOM 1327 C C5     . DT A 1 42 ? -26.445 -0.166  -15.657 1.00 20.00  ? 43 DT A C5     1 
ATOM 1328 C C7     . DT A 1 42 ? -26.621 -1.067  -16.847 1.00 20.00  ? 43 DT A C7     1 
ATOM 1329 C C6     . DT A 1 42 ? -26.915 -0.472  -14.423 1.00 20.00  ? 43 DT A C6     1 
ATOM 1330 H "H5'"  . DT A 1 42 ? -25.559 -3.129  -11.030 1.00 24.00  ? 43 DT A "H5'"  1 
ATOM 1331 H "H5''" . DT A 1 42 ? -26.522 -3.689  -9.664  1.00 24.00  ? 43 DT A "H5''" 1 
ATOM 1332 H "H4'"  . DT A 1 42 ? -26.735 -1.518  -9.296  1.00 24.00  ? 43 DT A "H4'"  1 
ATOM 1333 H "H3'"  . DT A 1 42 ? -29.171 -2.260  -10.325 1.00 24.00  ? 43 DT A "H3'"  1 
ATOM 1334 H "HO3'" . DT A 1 42 ? -29.721 0.109   -9.955  1.00 24.00  ? 43 DT A "HO3'" 1 
ATOM 1335 H "H2'"  . DT A 1 42 ? -28.564 -1.699  -12.663 1.00 24.00  ? 43 DT A "H2'"  1 
ATOM 1336 H "H2''" . DT A 1 42 ? -29.484 -0.287  -12.124 1.00 24.00  ? 43 DT A "H2''" 1 
ATOM 1337 H "H1'"  . DT A 1 42 ? -27.547 0.921   -11.452 1.00 24.00  ? 43 DT A "H1'"  1 
ATOM 1338 H H3     . DT A 1 42 ? -25.150 2.766   -14.794 1.00 24.00  ? 43 DT A H3     1 
ATOM 1339 H H71    . DT A 1 42 ? -27.304 -1.893  -16.596 1.00 24.00  ? 43 DT A H71    1 
ATOM 1340 H H72    . DT A 1 42 ? -27.041 -0.493  -17.687 1.00 24.00  ? 43 DT A H72    1 
ATOM 1341 H H73    . DT A 1 42 ? -25.646 -1.480  -17.142 1.00 24.00  ? 43 DT A H73    1 
ATOM 1342 H H6     . DT A 1 42 ? -27.427 -1.436  -14.296 1.00 24.00  ? 43 DT A H6     1 
ATOM 1343 P P      . DA B 2 1  ? -22.662 12.835  -18.236 1.00 20.00  ? 1  DA B P      1 
ATOM 1344 O OP1    . DA B 2 1  ? -22.614 14.306  -18.436 1.00 20.00  ? 1  DA B OP1    1 
ATOM 1345 O OP2    . DA B 2 1  ? -21.721 11.960  -18.984 1.00 20.00  ? 1  DA B OP2    1 
ATOM 1346 O "O5'"  . DA B 2 1  ? -22.333 12.522  -16.699 1.00 20.00  ? 1  DA B "O5'"  1 
ATOM 1347 C "C5'"  . DA B 2 1  ? -23.363 12.416  -15.681 1.00 20.00  ? 1  DA B "C5'"  1 
ATOM 1348 C "C4'"  . DA B 2 1  ? -22.963 11.460  -14.564 1.00 20.00  ? 1  DA B "C4'"  1 
ATOM 1349 O "O4'"  . DA B 2 1  ? -23.465 10.127  -14.875 1.00 20.00  ? 1  DA B "O4'"  1 
ATOM 1350 C "C3'"  . DA B 2 1  ? -21.452 11.267  -14.330 1.00 20.00  ? 1  DA B "C3'"  1 
ATOM 1351 O "O3'"  . DA B 2 1  ? -21.198 10.963  -12.942 1.00 20.00  ? 1  DA B "O3'"  1 
ATOM 1352 C "C2'"  . DA B 2 1  ? -21.167 10.039  -15.181 1.00 20.00  ? 1  DA B "C2'"  1 
ATOM 1353 C "C1'"  . DA B 2 1  ? -22.389 9.200   -14.835 1.00 20.00  ? 1  DA B "C1'"  1 
ATOM 1354 N N9     . DA B 2 1  ? -22.699 8.076   -15.735 1.00 20.00  ? 1  DA B N9     1 
ATOM 1355 C C8     . DA B 2 1  ? -22.478 7.970   -17.092 1.00 20.00  ? 1  DA B C8     1 
ATOM 1356 N N7     . DA B 2 1  ? -22.852 6.824   -17.611 1.00 20.00  ? 1  DA B N7     1 
ATOM 1357 C C5     . DA B 2 1  ? -23.359 6.117   -16.526 1.00 20.00  ? 1  DA B C5     1 
ATOM 1358 C C6     . DA B 2 1  ? -23.918 4.812   -16.383 1.00 20.00  ? 1  DA B C6     1 
ATOM 1359 N N6     . DA B 2 1  ? -24.080 3.958   -17.393 1.00 20.00  ? 1  DA B N6     1 
ATOM 1360 N N1     . DA B 2 1  ? -24.325 4.398   -15.143 1.00 20.00  ? 1  DA B N1     1 
ATOM 1361 C C2     . DA B 2 1  ? -24.176 5.249   -14.102 1.00 20.00  ? 1  DA B C2     1 
ATOM 1362 N N3     . DA B 2 1  ? -23.667 6.496   -14.110 1.00 20.00  ? 1  DA B N3     1 
ATOM 1363 C C4     . DA B 2 1  ? -23.271 6.878   -15.359 1.00 20.00  ? 1  DA B C4     1 
ATOM 1364 H "H5'"  . DA B 2 1  ? -24.311 12.074  -16.126 1.00 24.00  ? 1  DA B "H5'"  1 
ATOM 1365 H "H5''" . DA B 2 1  ? -23.560 13.412  -15.257 1.00 24.00  ? 1  DA B "H5''" 1 
ATOM 1366 H "H4'"  . DA B 2 1  ? -23.399 11.893  -13.650 1.00 24.00  ? 1  DA B "H4'"  1 
ATOM 1367 H "H3'"  . DA B 2 1  ? -20.842 12.145  -14.600 1.00 24.00  ? 1  DA B "H3'"  1 
ATOM 1368 H "H2'"  . DA B 2 1  ? -21.104 10.281  -16.253 1.00 24.00  ? 1  DA B "H2'"  1 
ATOM 1369 H "H2''" . DA B 2 1  ? -20.227 9.547   -14.897 1.00 24.00  ? 1  DA B "H2''" 1 
ATOM 1370 H "H1'"  . DA B 2 1  ? -22.217 8.756   -13.841 1.00 24.00  ? 1  DA B "H1'"  1 
ATOM 1371 H H8     . DA B 2 1  ? -22.029 8.778   -17.690 1.00 24.00  ? 1  DA B H8     1 
ATOM 1372 H H61    . DA B 2 1  ? -24.481 3.057   -17.220 1.00 24.00  ? 1  DA B H61    1 
ATOM 1373 H H62    . DA B 2 1  ? -23.800 4.216   -18.317 1.00 24.00  ? 1  DA B H62    1 
ATOM 1374 H H2     . DA B 2 1  ? -24.513 4.875   -13.124 1.00 24.00  ? 1  DA B H2     1 
ATOM 1375 P P      . DT B 2 2  ? -19.874 11.455  -12.159 1.00 20.00  ? 2  DT B P      1 
ATOM 1376 O OP1    . DT B 2 2  ? -20.120 12.823  -11.639 1.00 20.00  ? 2  DT B OP1    1 
ATOM 1377 O OP2    . DT B 2 2  ? -18.702 11.205  -13.039 1.00 20.00  ? 2  DT B OP2    1 
ATOM 1378 O "O5'"  . DT B 2 2  ? -19.779 10.451  -10.916 1.00 20.00  ? 2  DT B "O5'"  1 
ATOM 1379 C "C5'"  . DT B 2 2  ? -20.961 9.890   -10.304 1.00 20.00  ? 2  DT B "C5'"  1 
ATOM 1380 C "C4'"  . DT B 2 2  ? -20.695 8.506   -9.745  1.00 20.00  ? 2  DT B "C4'"  1 
ATOM 1381 O "O4'"  . DT B 2 2  ? -21.037 7.509   -10.747 1.00 20.00  ? 2  DT B "O4'"  1 
ATOM 1382 C "C3'"  . DT B 2 2  ? -19.242 8.199   -9.362  1.00 20.00  ? 2  DT B "C3'"  1 
ATOM 1383 O "O3'"  . DT B 2 2  ? -19.219 7.226   -8.310  1.00 20.00  ? 2  DT B "O3'"  1 
ATOM 1384 C "C2'"  . DT B 2 2  ? -18.724 7.570   -10.639 1.00 20.00  ? 2  DT B "C2'"  1 
ATOM 1385 C "C1'"  . DT B 2 2  ? -19.907 6.677   -10.967 1.00 20.00  ? 2  DT B "C1'"  1 
ATOM 1386 N N1     . DT B 2 2  ? -19.976 6.129   -12.341 1.00 20.00  ? 2  DT B N1     1 
ATOM 1387 C C2     . DT B 2 2  ? -20.557 4.887   -12.507 1.00 20.00  ? 2  DT B C2     1 
ATOM 1388 O O2     . DT B 2 2  ? -21.019 4.240   -11.580 1.00 20.00  ? 2  DT B O2     1 
ATOM 1389 N N3     . DT B 2 2  ? -20.585 4.430   -13.803 1.00 20.00  ? 2  DT B N3     1 
ATOM 1390 C C4     . DT B 2 2  ? -20.103 5.081   -14.925 1.00 20.00  ? 2  DT B C4     1 
ATOM 1391 O O4     . DT B 2 2  ? -20.196 4.562   -16.034 1.00 20.00  ? 2  DT B O4     1 
ATOM 1392 C C5     . DT B 2 2  ? -19.511 6.373   -14.681 1.00 20.00  ? 2  DT B C5     1 
ATOM 1393 C C7     . DT B 2 2  ? -18.959 7.144   -15.838 1.00 20.00  ? 2  DT B C7     1 
ATOM 1394 C C6     . DT B 2 2  ? -19.478 6.829   -13.422 1.00 20.00  ? 2  DT B C6     1 
ATOM 1395 H "H5'"  . DT B 2 2  ? -21.775 9.833   -11.041 1.00 24.00  ? 2  DT B "H5'"  1 
ATOM 1396 H "H5''" . DT B 2 2  ? -21.309 10.552  -9.499  1.00 24.00  ? 2  DT B "H5''" 1 
ATOM 1397 H "H4'"  . DT B 2 2  ? -21.308 8.453   -8.834  1.00 24.00  ? 2  DT B "H4'"  1 
ATOM 1398 H "H3'"  . DT B 2 2  ? -18.665 9.073   -9.028  1.00 24.00  ? 2  DT B "H3'"  1 
ATOM 1399 H "H2'"  . DT B 2 2  ? -18.519 8.323   -11.412 1.00 24.00  ? 2  DT B "H2'"  1 
ATOM 1400 H "H2''" . DT B 2 2  ? -17.797 7.002   -10.478 1.00 24.00  ? 2  DT B "H2''" 1 
ATOM 1401 H "H1'"  . DT B 2 2  ? -19.855 5.802   -10.303 1.00 24.00  ? 2  DT B "H1'"  1 
ATOM 1402 H H3     . DT B 2 2  ? -20.995 3.522   -13.952 1.00 24.00  ? 2  DT B H3     1 
ATOM 1403 H H71    . DT B 2 2  ? -18.321 7.959   -15.465 1.00 24.00  ? 2  DT B H71    1 
ATOM 1404 H H72    . DT B 2 2  ? -18.363 6.474   -16.474 1.00 24.00  ? 2  DT B H72    1 
ATOM 1405 H H73    . DT B 2 2  ? -19.786 7.566   -16.426 1.00 24.00  ? 2  DT B H73    1 
ATOM 1406 H H6     . DT B 2 2  ? -19.033 7.818   -13.249 1.00 24.00  ? 2  DT B H6     1 
ATOM 1407 P P      . DA B 2 3  ? -18.104 7.250   -7.149  1.00 20.00  ? 3  DA B P      1 
ATOM 1408 O OP1    . DA B 2 3  ? -18.553 8.152   -6.059  1.00 20.00  ? 3  DA B OP1    1 
ATOM 1409 O OP2    . DA B 2 3  ? -16.765 7.425   -7.771  1.00 20.00  ? 3  DA B OP2    1 
ATOM 1410 O "O5'"  . DA B 2 3  ? -18.097 5.748   -6.615  1.00 20.00  ? 3  DA B "O5'"  1 
ATOM 1411 C "C5'"  . DA B 2 3  ? -19.291 4.939   -6.632  1.00 20.00  ? 3  DA B "C5'"  1 
ATOM 1412 C "C4'"  . DA B 2 3  ? -18.943 3.494   -6.905  1.00 20.00  ? 3  DA B "C4'"  1 
ATOM 1413 O "O4'"  . DA B 2 3  ? -19.025 3.241   -8.334  1.00 20.00  ? 3  DA B "O4'"  1 
ATOM 1414 C "C3'"  . DA B 2 3  ? -17.522 3.082   -6.517  1.00 20.00  ? 3  DA B "C3'"  1 
ATOM 1415 O "O3'"  . DA B 2 3  ? -17.486 1.681   -6.232  1.00 20.00  ? 3  DA B "O3'"  1 
ATOM 1416 C "C2'"  . DA B 2 3  ? -16.774 3.336   -7.808  1.00 20.00  ? 3  DA B "C2'"  1 
ATOM 1417 C "C1'"  . DA B 2 3  ? -17.774 2.740   -8.778  1.00 20.00  ? 3  DA B "C1'"  1 
ATOM 1418 N N9     . DA B 2 3  ? -17.584 3.099   -10.181 1.00 20.00  ? 3  DA B N9     1 
ATOM 1419 C C8     . DA B 2 3  ? -17.071 4.258   -10.705 1.00 20.00  ? 3  DA B C8     1 
ATOM 1420 N N7     . DA B 2 3  ? -17.005 4.263   -12.014 1.00 20.00  ? 3  DA B N7     1 
ATOM 1421 C C5     . DA B 2 3  ? -17.511 3.023   -12.376 1.00 20.00  ? 3  DA B C5     1 
ATOM 1422 C C6     . DA B 2 3  ? -17.696 2.404   -13.624 1.00 20.00  ? 3  DA B C6     1 
ATOM 1423 N N6     . DA B 2 3  ? -17.395 2.985   -14.784 1.00 20.00  ? 3  DA B N6     1 
ATOM 1424 N N1     . DA B 2 3  ? -18.211 1.155   -13.640 1.00 20.00  ? 3  DA B N1     1 
ATOM 1425 C C2     . DA B 2 3  ? -18.517 0.581   -12.470 1.00 20.00  ? 3  DA B C2     1 
ATOM 1426 N N3     . DA B 2 3  ? -18.390 1.060   -11.236 1.00 20.00  ? 3  DA B N3     1 
ATOM 1427 C C4     . DA B 2 3  ? -17.874 2.299   -11.258 1.00 20.00  ? 3  DA B C4     1 
ATOM 1428 H "H5'"  . DA B 2 3  ? -19.987 5.302   -7.400  1.00 24.00  ? 3  DA B "H5'"  1 
ATOM 1429 H "H5''" . DA B 2 3  ? -19.811 5.022   -5.665  1.00 24.00  ? 3  DA B "H5''" 1 
ATOM 1430 H "H4'"  . DA B 2 3  ? -19.655 2.908   -6.304  1.00 24.00  ? 3  DA B "H4'"  1 
ATOM 1431 H "H3'"  . DA B 2 3  ? -17.114 3.615   -5.645  1.00 24.00  ? 3  DA B "H3'"  1 
ATOM 1432 H "H2'"  . DA B 2 3  ? -16.590 4.405   -7.989  1.00 24.00  ? 3  DA B "H2'"  1 
ATOM 1433 H "H2''" . DA B 2 3  ? -15.804 2.822   -7.834  1.00 24.00  ? 3  DA B "H2''" 1 
ATOM 1434 H "H1'"  . DA B 2 3  ? -17.682 1.645   -8.728  1.00 24.00  ? 3  DA B "H1'"  1 
ATOM 1435 H H8     . DA B 2 3  ? -16.742 5.105   -10.085 1.00 24.00  ? 3  DA B H8     1 
ATOM 1436 H H61    . DA B 2 3  ? -17.552 2.497   -15.642 1.00 24.00  ? 3  DA B H61    1 
ATOM 1437 H H62    . DA B 2 3  ? -17.013 3.907   -14.797 1.00 24.00  ? 3  DA B H62    1 
ATOM 1438 H H2     . DA B 2 3  ? -18.930 -0.437  -12.540 1.00 24.00  ? 3  DA B H2     1 
ATOM 1439 P P      . DT B 2 4  ? -16.535 1.077   -5.088  1.00 20.00  ? 4  DT B P      1 
ATOM 1440 O OP1    . DT B 2 4  ? -17.291 1.061   -3.810  1.00 20.00  ? 4  DT B OP1    1 
ATOM 1441 O OP2    . DT B 2 4  ? -15.228 1.778   -5.160  1.00 20.00  ? 4  DT B OP2    1 
ATOM 1442 O "O5'"  . DT B 2 4  ? -16.322 -0.432  -5.569  1.00 20.00  ? 4  DT B "O5'"  1 
ATOM 1443 C "C5'"  . DT B 2 4  ? -17.343 -1.141  -6.304  1.00 20.00  ? 4  DT B "C5'"  1 
ATOM 1444 C "C4'"  . DT B 2 4  ? -16.732 -2.120  -7.288  1.00 20.00  ? 4  DT B "C4'"  1 
ATOM 1445 O "O4'"  . DT B 2 4  ? -16.634 -1.499  -8.600  1.00 20.00  ? 4  DT B "O4'"  1 
ATOM 1446 C "C3'"  . DT B 2 4  ? -15.310 -2.586  -6.959  1.00 20.00  ? 4  DT B "C3'"  1 
ATOM 1447 O "O3'"  . DT B 2 4  ? -15.096 -3.906  -7.474  1.00 20.00  ? 4  DT B "O3'"  1 
ATOM 1448 C "C2'"  . DT B 2 4  ? -14.480 -1.601  -7.759  1.00 20.00  ? 4  DT B "C2'"  1 
ATOM 1449 C "C1'"  . DT B 2 4  ? -15.288 -1.591  -9.044  1.00 20.00  ? 4  DT B "C1'"  1 
ATOM 1450 N N1     . DT B 2 4  ? -15.009 -0.504  -10.013 1.00 20.00  ? 4  DT B N1     1 
ATOM 1451 C C2     . DT B 2 4  ? -15.179 -0.786  -11.355 1.00 20.00  ? 4  DT B C2     1 
ATOM 1452 O O2     . DT B 2 4  ? -15.566 -1.871  -11.763 1.00 20.00  ? 4  DT B O2     1 
ATOM 1453 N N3     . DT B 2 4  ? -14.886 0.252   -12.209 1.00 20.00  ? 4  DT B N3     1 
ATOM 1454 C C4     . DT B 2 4  ? -14.456 1.518   -11.861 1.00 20.00  ? 4  DT B C4     1 
ATOM 1455 O O4     . DT B 2 4  ? -14.235 2.358   -12.732 1.00 20.00  ? 4  DT B O4     1 
ATOM 1456 C C5     . DT B 2 4  ? -14.301 1.748   -10.445 1.00 20.00  ? 4  DT B C5     1 
ATOM 1457 C C7     . DT B 2 4  ? -13.828 3.090   -9.983  1.00 20.00  ? 4  DT B C7     1 
ATOM 1458 C C6     . DT B 2 4  ? -14.582 0.744   -9.603  1.00 20.00  ? 4  DT B C6     1 
ATOM 1459 H "H5'"  . DT B 2 4  ? -17.982 -0.431  -6.846  1.00 24.00  ? 4  DT B "H5'"  1 
ATOM 1460 H "H5''" . DT B 2 4  ? -17.995 -1.681  -5.602  1.00 24.00  ? 4  DT B "H5''" 1 
ATOM 1461 H "H4'"  . DT B 2 4  ? -17.396 -2.996  -7.256  1.00 24.00  ? 4  DT B "H4'"  1 
ATOM 1462 H "H3'"  . DT B 2 4  ? -15.073 -2.600  -5.883  1.00 24.00  ? 4  DT B "H3'"  1 
ATOM 1463 H "H2'"  . DT B 2 4  ? -14.428 -0.618  -7.270  1.00 24.00  ? 4  DT B "H2'"  1 
ATOM 1464 H "H2''" . DT B 2 4  ? -13.449 -1.951  -7.909  1.00 24.00  ? 4  DT B "H2''" 1 
ATOM 1465 H "H1'"  . DT B 2 4  ? -15.058 -2.524  -9.582  1.00 24.00  ? 4  DT B "H1'"  1 
ATOM 1466 H H3     . DT B 2 4  ? -14.990 0.068   -13.193 1.00 24.00  ? 4  DT B H3     1 
ATOM 1467 H H71    . DT B 2 4  ? -13.943 3.166   -8.892  1.00 24.00  ? 4  DT B H71    1 
ATOM 1468 H H72    . DT B 2 4  ? -12.767 3.215   -10.247 1.00 24.00  ? 4  DT B H72    1 
ATOM 1469 H H73    . DT B 2 4  ? -14.420 3.877   -10.470 1.00 24.00  ? 4  DT B H73    1 
ATOM 1470 H H6     . DT B 2 4  ? -14.469 0.933   -8.526  1.00 24.00  ? 4  DT B H6     1 
ATOM 1471 P P      . DA B 2 5  ? -14.190 -4.972  -6.677  1.00 20.00  ? 5  DA B P      1 
ATOM 1472 O OP1    . DA B 2 5  ? -15.042 -5.696  -5.700  1.00 20.00  ? 5  DA B OP1    1 
ATOM 1473 O OP2    . DA B 2 5  ? -12.941 -4.300  -6.233  1.00 20.00  ? 5  DA B OP2    1 
ATOM 1474 O "O5'"  . DA B 2 5  ? -13.711 -5.995  -7.806  1.00 20.00  ? 5  DA B "O5'"  1 
ATOM 1475 C "C5'"  . DA B 2 5  ? -14.535 -6.289  -8.953  1.00 20.00  ? 5  DA B "C5'"  1 
ATOM 1476 C "C4'"  . DA B 2 5  ? -13.689 -6.565  -10.177 1.00 20.00  ? 5  DA B "C4'"  1 
ATOM 1477 O "O4'"  . DA B 2 5  ? -13.512 -5.332  -10.925 1.00 20.00  ? 5  DA B "O4'"  1 
ATOM 1478 C "C3'"  . DA B 2 5  ? -12.266 -7.068  -9.913  1.00 20.00  ? 5  DA B "C3'"  1 
ATOM 1479 O "O3'"  . DA B 2 5  ? -11.832 -7.867  -11.021 1.00 20.00  ? 5  DA B "O3'"  1 
ATOM 1480 C "C2'"  . DA B 2 5  ? -11.484 -5.771  -9.899  1.00 20.00  ? 5  DA B "C2'"  1 
ATOM 1481 C "C1'"  . DA B 2 5  ? -12.121 -5.099  -11.099 1.00 20.00  ? 5  DA B "C1'"  1 
ATOM 1482 N N9     . DA B 2 5  ? -11.887 -3.661  -11.217 1.00 20.00  ? 5  DA B N9     1 
ATOM 1483 C C8     . DA B 2 5  ? -11.660 -2.744  -10.220 1.00 20.00  ? 5  DA B C8     1 
ATOM 1484 N N7     . DA B 2 5  ? -11.474 -1.522  -10.659 1.00 20.00  ? 5  DA B N7     1 
ATOM 1485 C C5     . DA B 2 5  ? -11.588 -1.642  -12.037 1.00 20.00  ? 5  DA B C5     1 
ATOM 1486 C C6     . DA B 2 5  ? -11.484 -0.708  -13.081 1.00 20.00  ? 5  DA B C6     1 
ATOM 1487 N N6     . DA B 2 5  ? -11.239 0.587   -12.885 1.00 20.00  ? 5  DA B N6     1 
ATOM 1488 N N1     . DA B 2 5  ? -11.639 -1.154  -14.349 1.00 20.00  ? 5  DA B N1     1 
ATOM 1489 C C2     . DA B 2 5  ? -11.888 -2.457  -14.536 1.00 20.00  ? 5  DA B C2     1 
ATOM 1490 N N3     . DA B 2 5  ? -12.010 -3.430  -13.637 1.00 20.00  ? 5  DA B N3     1 
ATOM 1491 C C4     . DA B 2 5  ? -11.846 -2.953  -12.393 1.00 20.00  ? 5  DA B C4     1 
ATOM 1492 H "H5'"  . DA B 2 5  ? -15.210 -5.447  -9.157  1.00 24.00  ? 5  DA B "H5'"  1 
ATOM 1493 H "H5''" . DA B 2 5  ? -15.170 -7.160  -8.736  1.00 24.00  ? 5  DA B "H5''" 1 
ATOM 1494 H "H4'"  . DA B 2 5  ? -14.235 -7.345  -10.729 1.00 24.00  ? 5  DA B "H4'"  1 
ATOM 1495 H "H3'"  . DA B 2 5  ? -12.158 -7.672  -8.999  1.00 24.00  ? 5  DA B "H3'"  1 
ATOM 1496 H "H2'"  . DA B 2 5  ? -11.628 -5.203  -8.968  1.00 24.00  ? 5  DA B "H2'"  1 
ATOM 1497 H "H2''" . DA B 2 5  ? -10.404 -5.930  -10.029 1.00 24.00  ? 5  DA B "H2''" 1 
ATOM 1498 H "H1'"  . DA B 2 5  ? -11.696 -5.553  -12.007 1.00 24.00  ? 5  DA B "H1'"  1 
ATOM 1499 H H8     . DA B 2 5  ? -11.636 -3.007  -9.153  1.00 24.00  ? 5  DA B H8     1 
ATOM 1500 H H61    . DA B 2 5  ? -11.177 1.209   -13.666 1.00 24.00  ? 5  DA B H61    1 
ATOM 1501 H H62    . DA B 2 5  ? -11.118 0.937   -11.957 1.00 24.00  ? 5  DA B H62    1 
ATOM 1502 H H2     . DA B 2 5  ? -12.010 -2.767  -15.584 1.00 24.00  ? 5  DA B H2     1 
ATOM 1503 P P      . DG B 2 6  ? -10.866 -9.139  -10.844 1.00 20.00  ? 6  DG B P      1 
ATOM 1504 O OP1    . DG B 2 6  ? -11.706 -10.331 -10.568 1.00 20.00  ? 6  DG B OP1    1 
ATOM 1505 O OP2    . DG B 2 6  ? -9.779  -8.766  -9.900  1.00 20.00  ? 6  DG B OP2    1 
ATOM 1506 O "O5'"  . DG B 2 6  ? -10.228 -9.292  -12.301 1.00 20.00  ? 6  DG B "O5'"  1 
ATOM 1507 C "C5'"  . DG B 2 6  ? -10.972 -8.912  -13.481 1.00 20.00  ? 6  DG B "C5'"  1 
ATOM 1508 C "C4'"  . DG B 2 6  ? -10.062 -8.385  -14.570 1.00 20.00  ? 6  DG B "C4'"  1 
ATOM 1509 O "O4'"  . DG B 2 6  ? -9.949  -6.938  -14.446 1.00 20.00  ? 6  DG B "O4'"  1 
ATOM 1510 C "C3'"  . DG B 2 6  ? -8.615  -8.886  -14.559 1.00 20.00  ? 6  DG B "C3'"  1 
ATOM 1511 O "O3'"  . DG B 2 6  ? -8.121  -8.848  -15.905 1.00 20.00  ? 6  DG B "O3'"  1 
ATOM 1512 C "C2'"  . DG B 2 6  ? -7.932  -7.824  -13.722 1.00 20.00  ? 6  DG B "C2'"  1 
ATOM 1513 C "C1'"  . DG B 2 6  ? -8.573  -6.597  -14.332 1.00 20.00  ? 6  DG B "C1'"  1 
ATOM 1514 N N9     . DG B 2 6  ? -8.456  -5.369  -13.549 1.00 20.00  ? 6  DG B N9     1 
ATOM 1515 C C8     . DG B 2 6  ? -8.443  -5.243  -12.181 1.00 20.00  ? 6  DG B C8     1 
ATOM 1516 N N7     . DG B 2 6  ? -8.306  -4.007  -11.782 1.00 20.00  ? 6  DG B N7     1 
ATOM 1517 C C5     . DG B 2 6  ? -8.218  -3.274  -12.957 1.00 20.00  ? 6  DG B C5     1 
ATOM 1518 C C6     . DG B 2 6  ? -8.031  -1.882  -13.164 1.00 20.00  ? 6  DG B C6     1 
ATOM 1519 O O6     . DG B 2 6  ? -7.935  -0.984  -12.316 1.00 20.00  ? 6  DG B O6     1 
ATOM 1520 N N1     . DG B 2 6  ? -7.965  -1.568  -14.519 1.00 20.00  ? 6  DG B N1     1 
ATOM 1521 C C2     . DG B 2 6  ? -8.070  -2.477  -15.545 1.00 20.00  ? 6  DG B C2     1 
ATOM 1522 N N2     . DG B 2 6  ? -7.972  -1.989  -16.791 1.00 20.00  ? 6  DG B N2     1 
ATOM 1523 N N3     . DG B 2 6  ? -8.252  -3.775  -15.363 1.00 20.00  ? 6  DG B N3     1 
ATOM 1524 C C4     . DG B 2 6  ? -8.312  -4.101  -14.055 1.00 20.00  ? 6  DG B C4     1 
ATOM 1525 H "H5'"  . DG B 2 6  ? -11.716 -8.144  -13.228 1.00 24.00  ? 6  DG B "H5'"  1 
ATOM 1526 H "H5''" . DG B 2 6  ? -11.532 -9.780  -13.858 1.00 24.00  ? 6  DG B "H5''" 1 
ATOM 1527 H "H4'"  . DG B 2 6  ? -10.530 -8.720  -15.506 1.00 24.00  ? 6  DG B "H4'"  1 
ATOM 1528 H "H3'"  . DG B 2 6  ? -8.487  -9.909  -14.175 1.00 24.00  ? 6  DG B "H3'"  1 
ATOM 1529 H "H2'"  . DG B 2 6  ? -8.149  -7.931  -12.650 1.00 24.00  ? 6  DG B "H2'"  1 
ATOM 1530 H "H2''" . DG B 2 6  ? -6.839  -7.835  -13.845 1.00 24.00  ? 6  DG B "H2''" 1 
ATOM 1531 H "H1'"  . DG B 2 6  ? -8.079  -6.394  -15.294 1.00 24.00  ? 6  DG B "H1'"  1 
ATOM 1532 H H8     . DG B 2 6  ? -8.542  -6.094  -11.490 1.00 24.00  ? 6  DG B H8     1 
ATOM 1533 H H1     . DG B 2 6  ? -7.832  -0.604  -14.767 1.00 24.00  ? 6  DG B H1     1 
ATOM 1534 H H21    . DG B 2 6  ? -7.829  -1.006  -16.942 1.00 24.00  ? 6  DG B H21    1 
ATOM 1535 H H22    . DG B 2 6  ? -8.037  -2.606  -17.575 1.00 24.00  ? 6  DG B H22    1 
ATOM 1536 P P      . DC B 2 7  ? -7.085  -9.936  -16.479 1.00 20.00  ? 7  DC B P      1 
ATOM 1537 O OP1    . DC B 2 7  ? -7.855  -11.123 -16.927 1.00 20.00  ? 7  DC B OP1    1 
ATOM 1538 O OP2    . DC B 2 7  ? -5.995  -10.096 -15.480 1.00 20.00  ? 7  DC B OP2    1 
ATOM 1539 O "O5'"  . DC B 2 7  ? -6.471  -9.215  -17.768 1.00 20.00  ? 7  DC B "O5'"  1 
ATOM 1540 C "C5'"  . DC B 2 7  ? -7.241  -8.260  -18.531 1.00 20.00  ? 7  DC B "C5'"  1 
ATOM 1541 C "C4'"  . DC B 2 7  ? -6.345  -7.222  -19.174 1.00 20.00  ? 7  DC B "C4'"  1 
ATOM 1542 O "O4'"  . DC B 2 7  ? -6.201  -6.104  -18.257 1.00 20.00  ? 7  DC B "O4'"  1 
ATOM 1543 C "C3'"  . DC B 2 7  ? -4.918  -7.691  -19.471 1.00 20.00  ? 7  DC B "C3'"  1 
ATOM 1544 O "O3'"  . DC B 2 7  ? -4.417  -7.014  -20.632 1.00 20.00  ? 7  DC B "O3'"  1 
ATOM 1545 C "C2'"  . DC B 2 7  ? -4.175  -7.249  -18.221 1.00 20.00  ? 7  DC B "C2'"  1 
ATOM 1546 C "C1'"  . DC B 2 7  ? -4.823  -5.898  -17.982 1.00 20.00  ? 7  DC B "C1'"  1 
ATOM 1547 N N1     . DC B 2 7  ? -4.743  -5.363  -16.604 1.00 20.00  ? 7  DC B N1     1 
ATOM 1548 C C2     . DC B 2 7  ? -4.630  -3.977  -16.417 1.00 20.00  ? 7  DC B C2     1 
ATOM 1549 O O2     . DC B 2 7  ? -4.519  -3.234  -17.404 1.00 20.00  ? 7  DC B O2     1 
ATOM 1550 N N3     . DC B 2 7  ? -4.631  -3.471  -15.162 1.00 20.00  ? 7  DC B N3     1 
ATOM 1551 C C4     . DC B 2 7  ? -4.736  -4.288  -14.114 1.00 20.00  ? 7  DC B C4     1 
ATOM 1552 N N4     . DC B 2 7  ? -4.756  -3.748  -12.895 1.00 20.00  ? 7  DC B N4     1 
ATOM 1553 C C5     . DC B 2 7  ? -4.834  -5.698  -14.268 1.00 20.00  ? 7  DC B C5     1 
ATOM 1554 C C6     . DC B 2 7  ? -4.838  -6.189  -15.513 1.00 20.00  ? 7  DC B C6     1 
ATOM 1555 H "H5'"  . DC B 2 7  ? -7.972  -7.759  -17.880 1.00 24.00  ? 7  DC B "H5'"  1 
ATOM 1556 H "H5''" . DC B 2 7  ? -7.817  -8.786  -19.307 1.00 24.00  ? 7  DC B "H5''" 1 
ATOM 1557 H "H4'"  . DC B 2 7  ? -6.839  -6.959  -20.121 1.00 24.00  ? 7  DC B "H4'"  1 
ATOM 1558 H "H3'"  . DC B 2 7  ? -4.843  -8.771  -19.668 1.00 24.00  ? 7  DC B "H3'"  1 
ATOM 1559 H "H2'"  . DC B 2 7  ? -4.318  -7.954  -17.391 1.00 24.00  ? 7  DC B "H2'"  1 
ATOM 1560 H "H2''" . DC B 2 7  ? -3.093  -7.166  -18.393 1.00 24.00  ? 7  DC B "H2''" 1 
ATOM 1561 H "H1'"  . DC B 2 7  ? -4.331  -5.160  -18.631 1.00 24.00  ? 7  DC B "H1'"  1 
ATOM 1562 H H41    . DC B 2 7  ? -4.694  -2.755  -12.783 1.00 24.00  ? 7  DC B H41    1 
ATOM 1563 H H42    . DC B 2 7  ? -4.837  -4.334  -12.088 1.00 24.00  ? 7  DC B H42    1 
ATOM 1564 H H5     . DC B 2 7  ? -4.910  -6.362  -13.395 1.00 24.00  ? 7  DC B H5     1 
ATOM 1565 H H6     . DC B 2 7  ? -4.922  -7.275  -15.652 1.00 24.00  ? 7  DC B H6     1 
ATOM 1566 P P      . DG B 2 8  ? -3.214  -7.641  -21.499 1.00 20.00  ? 8  DG B P      1 
ATOM 1567 O OP1    . DG B 2 8  ? -3.316  -7.113  -22.881 1.00 20.00  ? 8  DG B OP1    1 
ATOM 1568 O OP2    . DG B 2 8  ? -3.192  -9.109  -21.276 1.00 20.00  ? 8  DG B OP2    1 
ATOM 1569 O "O5'"  . DG B 2 8  ? -1.919  -7.021  -20.816 1.00 20.00  ? 8  DG B "O5'"  1 
ATOM 1570 C "C5'"  . DG B 2 8  ? -1.387  -5.764  -21.272 1.00 20.00  ? 8  DG B "C5'"  1 
ATOM 1571 C "C4'"  . DG B 2 8  ? -0.235  -5.347  -20.392 1.00 20.00  ? 8  DG B "C4'"  1 
ATOM 1572 O "O4'"  . DG B 2 8  ? -0.724  -4.780  -19.163 1.00 20.00  ? 8  DG B "O4'"  1 
ATOM 1573 C "C3'"  . DG B 2 8  ? 0.670   -6.479  -19.913 1.00 20.00  ? 8  DG B "C3'"  1 
ATOM 1574 O "O3'"  . DG B 2 8  ? 1.639   -6.871  -20.913 1.00 20.00  ? 8  DG B "O3'"  1 
ATOM 1575 C "C2'"  . DG B 2 8  ? 1.291   -5.913  -18.641 1.00 20.00  ? 8  DG B "C2'"  1 
ATOM 1576 C "C1'"  . DG B 2 8  ? 0.356   -4.773  -18.245 1.00 20.00  ? 8  DG B "C1'"  1 
ATOM 1577 N N9     . DG B 2 8  ? -0.201  -4.892  -16.903 1.00 20.00  ? 8  DG B N9     1 
ATOM 1578 C C8     . DG B 2 8  ? -0.786  -5.994  -16.329 1.00 20.00  ? 8  DG B C8     1 
ATOM 1579 N N7     . DG B 2 8  ? -1.197  -5.778  -15.109 1.00 20.00  ? 8  DG B N7     1 
ATOM 1580 C C5     . DG B 2 8  ? -0.865  -4.452  -14.866 1.00 20.00  ? 8  DG B C5     1 
ATOM 1581 C C6     . DG B 2 8  ? -1.072  -3.642  -13.720 1.00 20.00  ? 8  DG B C6     1 
ATOM 1582 O O6     . DG B 2 8  ? -1.616  -3.943  -12.648 1.00 20.00  ? 8  DG B O6     1 
ATOM 1583 N N1     . DG B 2 8  ? -0.575  -2.354  -13.909 1.00 20.00  ? 8  DG B N1     1 
ATOM 1584 C C2     . DG B 2 8  ? 0.036   -1.905  -15.056 1.00 20.00  ? 8  DG B C2     1 
ATOM 1585 N N2     . DG B 2 8  ? 0.462   -0.633  -15.054 1.00 20.00  ? 8  DG B N2     1 
ATOM 1586 N N3     . DG B 2 8  ? 0.226   -2.648  -16.128 1.00 20.00  ? 8  DG B N3     1 
ATOM 1587 C C4     . DG B 2 8  ? -0.245  -3.898  -15.964 1.00 20.00  ? 8  DG B C4     1 
ATOM 1588 H "H5'"  . DG B 2 8  ? -2.172  -4.994  -21.250 1.00 24.00  ? 8  DG B "H5'"  1 
ATOM 1589 H "H5''" . DG B 2 8  ? -1.048  -5.853  -22.314 1.00 24.00  ? 8  DG B "H5''" 1 
ATOM 1590 H "H4'"  . DG B 2 8  ? 0.348   -4.652  -21.007 1.00 24.00  ? 8  DG B "H4'"  1 
ATOM 1591 H "H3'"  . DG B 2 8  ? 0.100   -7.395  -19.698 1.00 24.00  ? 8  DG B "H3'"  1 
ATOM 1592 H "H2'"  . DG B 2 8  ? 1.353   -6.674  -17.850 1.00 24.00  ? 8  DG B "H2'"  1 
ATOM 1593 H "H2''" . DG B 2 8  ? 2.312   -5.550  -18.801 1.00 24.00  ? 8  DG B "H2''" 1 
ATOM 1594 H "H1'"  . DG B 2 8  ? 0.940   -3.839  -18.251 1.00 24.00  ? 8  DG B "H1'"  1 
ATOM 1595 H H8     . DG B 2 8  ? -0.899  -6.960  -16.845 1.00 24.00  ? 8  DG B H8     1 
ATOM 1596 H H1     . DG B 2 8  ? -0.677  -1.703  -13.155 1.00 24.00  ? 8  DG B H1     1 
ATOM 1597 H H21    . DG B 2 8  ? 0.330   -0.055  -14.245 1.00 24.00  ? 8  DG B H21    1 
ATOM 1598 H H22    . DG B 2 8  ? 0.915   -0.258  -15.863 1.00 24.00  ? 8  DG B H22    1 
ATOM 1599 P P      . DT B 2 9  ? 2.845   -5.941  -21.463 1.00 20.00  ? 9  DT B P      1 
ATOM 1600 O OP1    . DT B 2 9  ? 2.376   -4.536  -21.574 1.00 20.00  ? 9  DT B OP1    1 
ATOM 1601 O OP2    . DT B 2 9  ? 3.417   -6.606  -22.662 1.00 20.00  ? 9  DT B OP2    1 
ATOM 1602 O "O5'"  . DT B 2 9  ? 3.938   -6.008  -20.303 1.00 20.00  ? 9  DT B "O5'"  1 
ATOM 1603 C "C5'"  . DT B 2 9  ? 5.162   -5.247  -20.377 1.00 20.00  ? 9  DT B "C5'"  1 
ATOM 1604 C "C4'"  . DT B 2 9  ? 4.984   -3.858  -19.795 1.00 20.00  ? 9  DT B "C4'"  1 
ATOM 1605 O "O4'"  . DT B 2 9  ? 4.022   -3.904  -18.714 1.00 20.00  ? 9  DT B "O4'"  1 
ATOM 1606 C "C3'"  . DT B 2 9  ? 6.243   -3.259  -19.168 1.00 20.00  ? 9  DT B "C3'"  1 
ATOM 1607 O "O3'"  . DT B 2 9  ? 6.170   -1.824  -19.136 1.00 20.00  ? 9  DT B "O3'"  1 
ATOM 1608 C "C2'"  . DT B 2 9  ? 6.161   -3.816  -17.761 1.00 20.00  ? 9  DT B "C2'"  1 
ATOM 1609 C "C1'"  . DT B 2 9  ? 4.674   -3.691  -17.471 1.00 20.00  ? 9  DT B "C1'"  1 
ATOM 1610 N N1     . DT B 2 9  ? 4.135   -4.690  -16.527 1.00 20.00  ? 9  DT B N1     1 
ATOM 1611 C C2     . DT B 2 9  ? 3.574   -4.257  -15.344 1.00 20.00  ? 9  DT B C2     1 
ATOM 1612 O O2     . DT B 2 9  ? 3.512   -3.080  -15.021 1.00 20.00  ? 9  DT B O2     1 
ATOM 1613 N N3     . DT B 2 9  ? 3.082   -5.261  -14.545 1.00 20.00  ? 9  DT B N3     1 
ATOM 1614 C C4     . DT B 2 9  ? 3.092   -6.618  -14.808 1.00 20.00  ? 9  DT B C4     1 
ATOM 1615 O O4     . DT B 2 9  ? 2.607   -7.410  -14.004 1.00 20.00  ? 9  DT B O4     1 
ATOM 1616 C C5     . DT B 2 9  ? 3.697   -6.997  -16.062 1.00 20.00  ? 9  DT B C5     1 
ATOM 1617 C C7     . DT B 2 9  ? 3.755   -8.443  -16.434 1.00 20.00  ? 9  DT B C7     1 
ATOM 1618 C C6     . DT B 2 9  ? 4.180   -6.029  -16.845 1.00 20.00  ? 9  DT B C6     1 
ATOM 1619 H "H5'"  . DT B 2 9  ? 5.482   -5.166  -21.427 1.00 24.00  ? 9  DT B "H5'"  1 
ATOM 1620 H "H5''" . DT B 2 9  ? 5.964   -5.775  -19.841 1.00 24.00  ? 9  DT B "H5''" 1 
ATOM 1621 H "H4'"  . DT B 2 9  ? 4.684   -3.228  -20.645 1.00 24.00  ? 9  DT B "H4'"  1 
ATOM 1622 H "H3'"  . DT B 2 9  ? 7.170   -3.529  -19.691 1.00 24.00  ? 9  DT B "H3'"  1 
ATOM 1623 H "H2'"  . DT B 2 9  ? 6.517   -4.854  -17.700 1.00 24.00  ? 9  DT B "H2'"  1 
ATOM 1624 H "H2''" . DT B 2 9  ? 6.766   -3.229  -17.061 1.00 24.00  ? 9  DT B "H2''" 1 
ATOM 1625 H "H1'"  . DT B 2 9  ? 4.491   -2.706  -17.016 1.00 24.00  ? 9  DT B "H1'"  1 
ATOM 1626 H H3     . DT B 2 9  ? 2.672   -4.977  -13.675 1.00 24.00  ? 9  DT B H3     1 
ATOM 1627 H H71    . DT B 2 9  ? 4.266   -9.008  -15.639 1.00 24.00  ? 9  DT B H71    1 
ATOM 1628 H H72    . DT B 2 9  ? 2.734   -8.830  -16.561 1.00 24.00  ? 9  DT B H72    1 
ATOM 1629 H H73    . DT B 2 9  ? 4.309   -8.556  -17.378 1.00 24.00  ? 9  DT B H73    1 
ATOM 1630 H H6     . DT B 2 9  ? 4.641   -6.319  -17.800 1.00 24.00  ? 9  DT B H6     1 
ATOM 1631 P P      . DG B 2 10 ? 7.505   -0.935  -18.961 1.00 20.00  ? 10 DG B P      1 
ATOM 1632 O OP1    . DG B 2 10 ? 7.352   0.291   -19.786 1.00 20.00  ? 10 DG B OP1    1 
ATOM 1633 O OP2    . DG B 2 10 ? 8.675   -1.821  -19.191 1.00 20.00  ? 10 DG B OP2    1 
ATOM 1634 O "O5'"  . DG B 2 10 ? 7.517   -0.501  -17.422 1.00 20.00  ? 10 DG B "O5'"  1 
ATOM 1635 C "C5'"  . DG B 2 10 ? 6.901   0.737   -17.008 1.00 20.00  ? 10 DG B "C5'"  1 
ATOM 1636 C "C4'"  . DG B 2 10 ? 6.747   0.819   -15.500 1.00 20.00  ? 10 DG B "C4'"  1 
ATOM 1637 O "O4'"  . DG B 2 10 ? 6.253   -0.444  -14.984 1.00 20.00  ? 10 DG B "O4'"  1 
ATOM 1638 C "C3'"  . DG B 2 10 ? 8.034   1.111   -14.717 1.00 20.00  ? 10 DG B "C3'"  1 
ATOM 1639 O "O3'"  . DG B 2 10 ? 7.774   2.092   -13.700 1.00 20.00  ? 10 DG B "O3'"  1 
ATOM 1640 C "C2'"  . DG B 2 10 ? 8.369   -0.225  -14.081 1.00 20.00  ? 10 DG B "C2'"  1 
ATOM 1641 C "C1'"  . DG B 2 10 ? 6.989   -0.791  -13.822 1.00 20.00  ? 10 DG B "C1'"  1 
ATOM 1642 N N9     . DG B 2 10 ? 6.956   -2.244  -13.692 1.00 20.00  ? 10 DG B N9     1 
ATOM 1643 C C8     . DG B 2 10 ? 7.441   -3.152  -14.598 1.00 20.00  ? 10 DG B C8     1 
ATOM 1644 N N7     . DG B 2 10 ? 7.241   -4.390  -14.246 1.00 20.00  ? 10 DG B N7     1 
ATOM 1645 C C5     . DG B 2 10 ? 6.592   -4.295  -13.025 1.00 20.00  ? 10 DG B C5     1 
ATOM 1646 C C6     . DG B 2 10 ? 6.130   -5.314  -12.160 1.00 20.00  ? 10 DG B C6     1 
ATOM 1647 O O6     . DG B 2 10 ? 6.184   -6.538  -12.329 1.00 20.00  ? 10 DG B O6     1 
ATOM 1648 N N1     . DG B 2 10 ? 5.546   -4.789  -11.012 1.00 20.00  ? 10 DG B N1     1 
ATOM 1649 C C2     . DG B 2 10 ? 5.419   -3.449  -10.735 1.00 20.00  ? 10 DG B C2     1 
ATOM 1650 N N2     . DG B 2 10 ? 4.844   -3.138  -9.561  1.00 20.00  ? 10 DG B N2     1 
ATOM 1651 N N3     . DG B 2 10 ? 5.835   -2.485  -11.544 1.00 20.00  ? 10 DG B N3     1 
ATOM 1652 C C4     . DG B 2 10 ? 6.411   -2.977  -12.663 1.00 20.00  ? 10 DG B C4     1 
ATOM 1653 H "H5'"  . DG B 2 10 ? 5.914   0.835   -17.483 1.00 24.00  ? 10 DG B "H5'"  1 
ATOM 1654 H "H5''" . DG B 2 10 ? 7.506   1.586   -17.361 1.00 24.00  ? 10 DG B "H5''" 1 
ATOM 1655 H "H4'"  . DG B 2 10 ? 6.060   1.663   -15.344 1.00 24.00  ? 10 DG B "H4'"  1 
ATOM 1656 H "H3'"  . DG B 2 10 ? 8.849   1.503   -15.343 1.00 24.00  ? 10 DG B "H3'"  1 
ATOM 1657 H "H2'"  . DG B 2 10 ? 8.964   -0.862  -14.749 1.00 24.00  ? 10 DG B "H2'"  1 
ATOM 1658 H "H2''" . DG B 2 10 ? 8.945   -0.102  -13.152 1.00 24.00  ? 10 DG B "H2''" 1 
ATOM 1659 H "H1'"  . DG B 2 10 ? 6.600   -0.373  -12.881 1.00 24.00  ? 10 DG B "H1'"  1 
ATOM 1660 H H8     . DG B 2 10 ? 7.955   -2.863  -15.525 1.00 24.00  ? 10 DG B H8     1 
ATOM 1661 H H1     . DG B 2 10 ? 5.187   -5.437  -10.336 1.00 24.00  ? 10 DG B H1     1 
ATOM 1662 H H21    . DG B 2 10 ? 4.532   -3.865  -8.939  1.00 24.00  ? 10 DG B H21    1 
ATOM 1663 H H22    . DG B 2 10 ? 4.729   -2.179  -9.303  1.00 24.00  ? 10 DG B H22    1 
ATOM 1664 P P      . DG B 2 11 ? 8.937   3.080   -13.181 1.00 20.00  ? 11 DG B P      1 
ATOM 1665 O OP1    . DG B 2 11 ? 8.613   4.456   -13.637 1.00 20.00  ? 11 DG B OP1    1 
ATOM 1666 O OP2    . DG B 2 11 ? 10.246  2.478   -13.550 1.00 20.00  ? 11 DG B OP2    1 
ATOM 1667 O "O5'"  . DG B 2 11 ? 8.809   3.036   -11.589 1.00 20.00  ? 11 DG B "O5'"  1 
ATOM 1668 C "C5'"  . DG B 2 11 ? 7.554   2.732   -10.944 1.00 20.00  ? 11 DG B "C5'"  1 
ATOM 1669 C "C4'"  . DG B 2 11 ? 7.765   2.080   -9.594  1.00 20.00  ? 11 DG B "C4'"  1 
ATOM 1670 O "O4'"  . DG B 2 11 ? 7.791   0.635   -9.752  1.00 20.00  ? 11 DG B "O4'"  1 
ATOM 1671 C "C3'"  . DG B 2 11 ? 9.072   2.413   -8.869  1.00 20.00  ? 11 DG B "C3'"  1 
ATOM 1672 O "O3'"  . DG B 2 11 ? 8.851   2.305   -7.459  1.00 20.00  ? 11 DG B "O3'"  1 
ATOM 1673 C "C2'"  . DG B 2 11 ? 9.973   1.288   -9.329  1.00 20.00  ? 11 DG B "C2'"  1 
ATOM 1674 C "C1'"  . DG B 2 11 ? 9.003   0.133   -9.200  1.00 20.00  ? 11 DG B "C1'"  1 
ATOM 1675 N N9     . DG B 2 11 ? 9.374   -1.076  -9.929  1.00 20.00  ? 11 DG B N9     1 
ATOM 1676 C C8     . DG B 2 11 ? 10.101  -1.157  -11.092 1.00 20.00  ? 11 DG B C8     1 
ATOM 1677 N N7     . DG B 2 11 ? 10.261  -2.380  -11.512 1.00 20.00  ? 11 DG B N7     1 
ATOM 1678 C C5     . DG B 2 11 ? 9.606   -3.154  -10.569 1.00 20.00  ? 11 DG B C5     1 
ATOM 1679 C C6     . DG B 2 11 ? 9.447   -4.559  -10.491 1.00 20.00  ? 11 DG B C6     1 
ATOM 1680 O O6     . DG B 2 11 ? 9.850   -5.419  -11.284 1.00 20.00  ? 11 DG B O6     1 
ATOM 1681 N N1     . DG B 2 11 ? 8.729   -4.934  -9.360  1.00 20.00  ? 11 DG B N1     1 
ATOM 1682 C C2     . DG B 2 11 ? 8.222   -4.066  -8.425  1.00 20.00  ? 11 DG B C2     1 
ATOM 1683 N N2     . DG B 2 11 ? 7.567   -4.620  -7.392  1.00 20.00  ? 11 DG B N2     1 
ATOM 1684 N N3     . DG B 2 11 ? 8.353   -2.750  -8.494  1.00 20.00  ? 11 DG B N3     1 
ATOM 1685 C C4     . DG B 2 11 ? 9.053   -2.367  -9.582  1.00 20.00  ? 11 DG B C4     1 
ATOM 1686 H "H5'"  . DG B 2 11 ? 6.956   2.064   -11.580 1.00 24.00  ? 11 DG B "H5'"  1 
ATOM 1687 H "H5''" . DG B 2 11 ? 6.969   3.657   -10.821 1.00 24.00  ? 11 DG B "H5''" 1 
ATOM 1688 H "H4'"  . DG B 2 11 ? 6.931   2.449   -8.977  1.00 24.00  ? 11 DG B "H4'"  1 
ATOM 1689 H "H3'"  . DG B 2 11 ? 9.470   3.418   -9.077  1.00 24.00  ? 11 DG B "H3'"  1 
ATOM 1690 H "H2'"  . DG B 2 11 ? 10.330  1.433   -10.359 1.00 24.00  ? 11 DG B "H2'"  1 
ATOM 1691 H "H2''" . DG B 2 11 ? 10.857  1.170   -8.685  1.00 24.00  ? 11 DG B "H2''" 1 
ATOM 1692 H "H1'"  . DG B 2 11 ? 8.936   -0.150  -8.138  1.00 24.00  ? 11 DG B "H1'"  1 
ATOM 1693 H H8     . DG B 2 11 ? 10.510  -0.281  -11.615 1.00 24.00  ? 11 DG B H8     1 
ATOM 1694 H H1     . DG B 2 11 ? 8.566   -5.913  -9.218  1.00 24.00  ? 11 DG B H1     1 
ATOM 1695 H H21    . DG B 2 11 ? 7.468   -5.619  -7.330  1.00 24.00  ? 11 DG B H21    1 
ATOM 1696 H H22    . DG B 2 11 ? 7.178   -4.039  -6.679  1.00 24.00  ? 11 DG B H22    1 
ATOM 1697 P P      . DA B 2 12 ? 9.583   3.256   -6.388  1.00 20.00  ? 12 DA B P      1 
ATOM 1698 O OP1    . DA B 2 12 ? 8.813   4.518   -6.249  1.00 20.00  ? 12 DA B OP1    1 
ATOM 1699 O OP2    . DA B 2 12 ? 11.040  3.285   -6.687  1.00 20.00  ? 12 DA B OP2    1 
ATOM 1700 O "O5'"  . DA B 2 12 ? 9.468   2.416   -5.034  1.00 20.00  ? 12 DA B "O5'"  1 
ATOM 1701 C "C5'"  . DA B 2 12 ? 8.337   1.550   -4.803  1.00 20.00  ? 12 DA B "C5'"  1 
ATOM 1702 C "C4'"  . DA B 2 12 ? 8.727   0.328   -4.003  1.00 20.00  ? 12 DA B "C4'"  1 
ATOM 1703 O "O4'"  . DA B 2 12 ? 9.113   -0.731  -4.921  1.00 20.00  ? 12 DA B "O4'"  1 
ATOM 1704 C "C3'"  . DA B 2 12 ? 9.927   0.487   -3.066  1.00 20.00  ? 12 DA B "C3'"  1 
ATOM 1705 O "O3'"  . DA B 2 12 ? 9.787   -0.434  -1.979  1.00 20.00  ? 12 DA B "O3'"  1 
ATOM 1706 C "C2'"  . DA B 2 12 ? 11.069  0.046   -3.955  1.00 20.00  ? 12 DA B "C2'"  1 
ATOM 1707 C "C1'"  . DA B 2 12 ? 10.424  -1.166  -4.595  1.00 20.00  ? 12 DA B "C1'"  1 
ATOM 1708 N N9     . DA B 2 12 ? 11.078  -1.645  -5.811  1.00 20.00  ? 12 DA B N9     1 
ATOM 1709 C C8     . DA B 2 12 ? 11.783  -0.918  -6.738  1.00 20.00  ? 12 DA B C8     1 
ATOM 1710 N N7     . DA B 2 12 ? 12.268  -1.641  -7.717  1.00 20.00  ? 12 DA B N7     1 
ATOM 1711 C C5     . DA B 2 12 ? 11.854  -2.928  -7.415  1.00 20.00  ? 12 DA B C5     1 
ATOM 1712 C C6     . DA B 2 12 ? 12.052  -4.155  -8.062  1.00 20.00  ? 12 DA B C6     1 
ATOM 1713 N N6     . DA B 2 12 ? 12.736  -4.278  -9.198  1.00 20.00  ? 12 DA B N6     1 
ATOM 1714 N N1     . DA B 2 12 ? 11.516  -5.262  -7.499  1.00 20.00  ? 12 DA B N1     1 
ATOM 1715 C C2     . DA B 2 12 ? 10.826  -5.121  -6.360  1.00 20.00  ? 12 DA B C2     1 
ATOM 1716 N N3     . DA B 2 12 ? 10.568  -4.020  -5.659  1.00 20.00  ? 12 DA B N3     1 
ATOM 1717 C C4     . DA B 2 12 ? 11.118  -2.945  -6.246  1.00 20.00  ? 12 DA B C4     1 
ATOM 1718 H "H5'"  . DA B 2 12 ? 7.901   1.233   -5.761  1.00 24.00  ? 12 DA B "H5'"  1 
ATOM 1719 H "H5''" . DA B 2 12 ? 7.552   2.106   -4.270  1.00 24.00  ? 12 DA B "H5''" 1 
ATOM 1720 H "H4'"  . DA B 2 12 ? 7.841   0.090   -3.397  1.00 24.00  ? 12 DA B "H4'"  1 
ATOM 1721 H "H3'"  . DA B 2 12 ? 10.046  1.495   -2.641  1.00 24.00  ? 12 DA B "H3'"  1 
ATOM 1722 H "H2'"  . DA B 2 12 ? 11.350  0.815   -4.690  1.00 24.00  ? 12 DA B "H2'"  1 
ATOM 1723 H "H2''" . DA B 2 12 ? 11.972  -0.210  -3.382  1.00 24.00  ? 12 DA B "H2''" 1 
ATOM 1724 H "H1'"  . DA B 2 12 ? 10.463  -1.997  -3.873  1.00 24.00  ? 12 DA B "H1'"  1 
ATOM 1725 H H8     . DA B 2 12 ? 11.927  0.169   -6.670  1.00 24.00  ? 12 DA B H8     1 
ATOM 1726 H H61    . DA B 2 12 ? 12.849  -5.175  -9.621  1.00 24.00  ? 12 DA B H61    1 
ATOM 1727 H H62    . DA B 2 12 ? 13.140  -3.471  -9.628  1.00 24.00  ? 12 DA B H62    1 
ATOM 1728 H H2     . DA B 2 12 ? 10.411  -6.052  -5.944  1.00 24.00  ? 12 DA B H2     1 
ATOM 1729 P P      . DA B 2 13 ? 10.285  -0.094  -0.489  1.00 20.00  ? 13 DA B P      1 
ATOM 1730 O OP1    . DA B 2 13 ? 9.217   0.656   0.221   1.00 20.00  ? 13 DA B OP1    1 
ATOM 1731 O OP2    . DA B 2 13 ? 11.670  0.440   -0.555  1.00 20.00  ? 13 DA B OP2    1 
ATOM 1732 O "O5'"  . DA B 2 13 ? 10.446  -1.539  0.172   1.00 20.00  ? 13 DA B "O5'"  1 
ATOM 1733 C "C5'"  . DA B 2 13 ? 9.608   -2.642  -0.242  1.00 20.00  ? 13 DA B "C5'"  1 
ATOM 1734 C "C4'"  . DA B 2 13 ? 10.357  -3.956  -0.167  1.00 20.00  ? 13 DA B "C4'"  1 
ATOM 1735 O "O4'"  . DA B 2 13 ? 10.995  -4.205  -1.448  1.00 20.00  ? 13 DA B "O4'"  1 
ATOM 1736 C "C3'"  . DA B 2 13 ? 11.493  -4.020  0.859   1.00 20.00  ? 13 DA B "C3'"  1 
ATOM 1737 O "O3'"  . DA B 2 13 ? 11.677  -5.376  1.289   1.00 20.00  ? 13 DA B "O3'"  1 
ATOM 1738 C "C2'"  . DA B 2 13 ? 12.678  -3.588  0.019   1.00 20.00  ? 13 DA B "C2'"  1 
ATOM 1739 C "C1'"  . DA B 2 13 ? 12.389  -4.381  -1.241  1.00 20.00  ? 13 DA B "C1'"  1 
ATOM 1740 N N9     . DA B 2 13 ? 13.103  -3.932  -2.436  1.00 20.00  ? 13 DA B N9     1 
ATOM 1741 C C8     . DA B 2 13 ? 13.529  -2.664  -2.749  1.00 20.00  ? 13 DA B C8     1 
ATOM 1742 N N7     . DA B 2 13 ? 14.163  -2.587  -3.893  1.00 20.00  ? 13 DA B N7     1 
ATOM 1743 C C5     . DA B 2 13 ? 14.154  -3.889  -4.368  1.00 20.00  ? 13 DA B C5     1 
ATOM 1744 C C6     . DA B 2 13 ? 14.682  -4.473  -5.530  1.00 20.00  ? 13 DA B C6     1 
ATOM 1745 N N6     . DA B 2 13 ? 15.328  -3.782  -6.467  1.00 20.00  ? 13 DA B N6     1 
ATOM 1746 N N1     . DA B 2 13 ? 14.515  -5.804  -5.701  1.00 20.00  ? 13 DA B N1     1 
ATOM 1747 C C2     . DA B 2 13 ? 13.856  -6.487  -4.756  1.00 20.00  ? 13 DA B C2     1 
ATOM 1748 N N3     . DA B 2 13 ? 13.314  -6.049  -3.622  1.00 20.00  ? 13 DA B N3     1 
ATOM 1749 C C4     . DA B 2 13 ? 13.502  -4.727  -3.483  1.00 20.00  ? 13 DA B C4     1 
ATOM 1750 H "H5'"  . DA B 2 13 ? 9.251   -2.483  -1.268  1.00 24.00  ? 13 DA B "H5'"  1 
ATOM 1751 H "H5''" . DA B 2 13 ? 8.718   -2.688  0.400   1.00 24.00  ? 13 DA B "H5''" 1 
ATOM 1752 H "H4'"  . DA B 2 13 ? 9.597   -4.703  0.107   1.00 24.00  ? 13 DA B "H4'"  1 
ATOM 1753 H "H3'"  . DA B 2 13 ? 11.329  -3.403  1.756   1.00 24.00  ? 13 DA B "H3'"  1 
ATOM 1754 H "H2'"  . DA B 2 13 ? 12.695  -2.503  -0.157  1.00 24.00  ? 13 DA B "H2'"  1 
ATOM 1755 H "H2''" . DA B 2 13 ? 13.638  -3.864  0.479   1.00 24.00  ? 13 DA B "H2''" 1 
ATOM 1756 H "H1'"  . DA B 2 13 ? 12.697  -5.424  -1.069  1.00 24.00  ? 13 DA B "H1'"  1 
ATOM 1757 H H8     . DA B 2 13 ? 13.356  -1.794  -2.101  1.00 24.00  ? 13 DA B H8     1 
ATOM 1758 H H61    . DA B 2 13 ? 15.680  -4.247  -7.280  1.00 24.00  ? 13 DA B H61    1 
ATOM 1759 H H62    . DA B 2 13 ? 15.461  -2.798  -6.359  1.00 24.00  ? 13 DA B H62    1 
ATOM 1760 H H2     . DA B 2 13 ? 13.745  -7.565  -4.945  1.00 24.00  ? 13 DA B H2     1 
ATOM 1761 P P      . DG B 2 14 ? 12.084  -5.740  2.803   1.00 20.00  ? 14 DG B P      1 
ATOM 1762 O OP1    . DG B 2 14 ? 10.840  -5.864  3.603   1.00 20.00  ? 14 DG B OP1    1 
ATOM 1763 O OP2    . DG B 2 14 ? 13.145  -4.792  3.234   1.00 20.00  ? 14 DG B OP2    1 
ATOM 1764 O "O5'"  . DG B 2 14 ? 12.743  -7.190  2.664   1.00 20.00  ? 14 DG B "O5'"  1 
ATOM 1765 C "C5'"  . DG B 2 14 ? 12.314  -8.125  1.648   1.00 20.00  ? 14 DG B "C5'"  1 
ATOM 1766 C "C4'"  . DG B 2 14 ? 13.472  -8.982  1.179   1.00 20.00  ? 14 DG B "C4'"  1 
ATOM 1767 O "O4'"  . DG B 2 14 ? 14.085  -8.355  0.017   1.00 20.00  ? 14 DG B "O4'"  1 
ATOM 1768 C "C3'"  . DG B 2 14 ? 14.618  -9.169  2.180   1.00 20.00  ? 14 DG B "C3'"  1 
ATOM 1769 O "O3'"  . DG B 2 14 ? 15.284  -10.416 1.933   1.00 20.00  ? 14 DG B "O3'"  1 
ATOM 1770 C "C2'"  . DG B 2 14 ? 15.534  -8.028  1.796   1.00 20.00  ? 14 DG B "C2'"  1 
ATOM 1771 C "C1'"  . DG B 2 14 ? 15.465  -8.142  0.285   1.00 20.00  ? 14 DG B "C1'"  1 
ATOM 1772 N N9     . DG B 2 14 ? 15.901  -6.951  -0.446  1.00 20.00  ? 14 DG B N9     1 
ATOM 1773 C C8     . DG B 2 14 ? 15.810  -5.644  -0.033  1.00 20.00  ? 14 DG B C8     1 
ATOM 1774 N N7     . DG B 2 14 ? 16.298  -4.797  -0.896  1.00 20.00  ? 14 DG B N7     1 
ATOM 1775 C C5     . DG B 2 14 ? 16.739  -5.589  -1.943  1.00 20.00  ? 14 DG B C5     1 
ATOM 1776 C C6     . DG B 2 14 ? 17.374  -5.226  -3.157  1.00 20.00  ? 14 DG B C6     1 
ATOM 1777 O O6     . DG B 2 14 ? 17.664  -4.092  -3.560  1.00 20.00  ? 14 DG B O6     1 
ATOM 1778 N N1     . DG B 2 14 ? 17.675  -6.341  -3.933  1.00 20.00  ? 14 DG B N1     1 
ATOM 1779 C C2     . DG B 2 14 ? 17.394  -7.641  -3.586  1.00 20.00  ? 14 DG B C2     1 
ATOM 1780 N N2     . DG B 2 14 ? 17.768  -8.585  -4.466  1.00 20.00  ? 14 DG B N2     1 
ATOM 1781 N N3     . DG B 2 14 ? 16.797  -7.991  -2.455  1.00 20.00  ? 14 DG B N3     1 
ATOM 1782 C C4     . DG B 2 14 ? 16.500  -6.922  -1.685  1.00 20.00  ? 14 DG B C4     1 
ATOM 1783 H "H5'"  . DG B 2 14 ? 11.888  -7.585  0.792   1.00 24.00  ? 14 DG B "H5'"  1 
ATOM 1784 H "H5''" . DG B 2 14 ? 11.516  -8.767  2.049   1.00 24.00  ? 14 DG B "H5''" 1 
ATOM 1785 H "H4'"  . DG B 2 14 ? 13.026  -9.969  0.978   1.00 24.00  ? 14 DG B "H4'"  1 
ATOM 1786 H "H3'"  . DG B 2 14 ? 14.308  -9.154  3.235   1.00 24.00  ? 14 DG B "H3'"  1 
ATOM 1787 H "H2'"  . DG B 2 14 ? 15.172  -7.059  2.168   1.00 24.00  ? 14 DG B "H2'"  1 
ATOM 1788 H "H2''" . DG B 2 14 ? 16.553  -8.169  2.181   1.00 24.00  ? 14 DG B "H2''" 1 
ATOM 1789 H "H1'"  . DG B 2 14 ? 16.123  -8.964  -0.033  1.00 24.00  ? 14 DG B "H1'"  1 
ATOM 1790 H H8     . DG B 2 14 ? 15.370  -5.339  0.928   1.00 24.00  ? 14 DG B H8     1 
ATOM 1791 H H1     . DG B 2 14 ? 18.131  -6.185  -4.813  1.00 24.00  ? 14 DG B H1     1 
ATOM 1792 H H21    . DG B 2 14 ? 18.225  -8.326  -5.324  1.00 24.00  ? 14 DG B H21    1 
ATOM 1793 H H22    . DG B 2 14 ? 17.594  -9.549  -4.266  1.00 24.00  ? 14 DG B H22    1 
ATOM 1794 P P      . DT B 2 15 ? 15.888  -11.314 3.127   1.00 20.00  ? 15 DT B P      1 
ATOM 1795 O OP1    . DT B 2 15 ? 14.829  -12.240 3.601   1.00 20.00  ? 15 DT B OP1    1 
ATOM 1796 O OP2    . DT B 2 15 ? 16.559  -10.405 4.094   1.00 20.00  ? 15 DT B OP2    1 
ATOM 1797 O "O5'"  . DT B 2 15 ? 17.016  -12.171 2.387   1.00 20.00  ? 15 DT B "O5'"  1 
ATOM 1798 C "C5'"  . DT B 2 15 ? 16.871  -12.549 1.002   1.00 20.00  ? 15 DT B "C5'"  1 
ATOM 1799 C "C4'"  . DT B 2 15 ? 18.205  -12.549 0.284   1.00 20.00  ? 15 DT B "C4'"  1 
ATOM 1800 O "O4'"  . DT B 2 15 ? 18.426  -11.223 -0.270  1.00 20.00  ? 15 DT B "O4'"  1 
ATOM 1801 C "C3'"  . DT B 2 15 ? 19.454  -12.820 1.131   1.00 20.00  ? 15 DT B "C3'"  1 
ATOM 1802 O "O3'"  . DT B 2 15 ? 20.481  -13.376 0.294   1.00 20.00  ? 15 DT B "O3'"  1 
ATOM 1803 C "C2'"  . DT B 2 15 ? 19.858  -11.424 1.543   1.00 20.00  ? 15 DT B "C2'"  1 
ATOM 1804 C "C1'"  . DT B 2 15 ? 19.671  -10.733 0.209   1.00 20.00  ? 15 DT B "C1'"  1 
ATOM 1805 N N1     . DT B 2 15 ? 19.635  -9.260  0.237   1.00 20.00  ? 15 DT B N1     1 
ATOM 1806 C C2     . DT B 2 15 ? 20.104  -8.605  -0.875  1.00 20.00  ? 15 DT B C2     1 
ATOM 1807 O O2     . DT B 2 15 ? 20.505  -9.184  -1.872  1.00 20.00  ? 15 DT B O2     1 
ATOM 1808 N N3     . DT B 2 15 ? 20.079  -7.237  -0.785  1.00 20.00  ? 15 DT B N3     1 
ATOM 1809 C C4     . DT B 2 15 ? 19.642  -6.473  0.277   1.00 20.00  ? 15 DT B C4     1 
ATOM 1810 O O4     . DT B 2 15 ? 19.679  -5.247  0.213   1.00 20.00  ? 15 DT B O4     1 
ATOM 1811 C C5     . DT B 2 15 ? 19.159  -7.223  1.410   1.00 20.00  ? 15 DT B C5     1 
ATOM 1812 C C7     . DT B 2 15 ? 18.672  -6.477  2.611   1.00 20.00  ? 15 DT B C7     1 
ATOM 1813 C C6     . DT B 2 15 ? 19.178  -8.559  1.337   1.00 20.00  ? 15 DT B C6     1 
ATOM 1814 H "H5'"  . DT B 2 15 ? 16.182  -11.862 0.491   1.00 24.00  ? 15 DT B "H5'"  1 
ATOM 1815 H "H5''" . DT B 2 15 ? 16.421  -13.551 0.938   1.00 24.00  ? 15 DT B "H5''" 1 
ATOM 1816 H "H4'"  . DT B 2 15 ? 18.120  -13.344 -0.470  1.00 24.00  ? 15 DT B "H4'"  1 
ATOM 1817 H "H3'"  . DT B 2 15 ? 19.285  -13.503 1.978   1.00 24.00  ? 15 DT B "H3'"  1 
ATOM 1818 H "H2'"  . DT B 2 15 ? 19.214  -11.028 2.337   1.00 24.00  ? 15 DT B "H2'"  1 
ATOM 1819 H "H2''" . DT B 2 15 ? 20.897  -11.377 1.901   1.00 24.00  ? 15 DT B "H2''" 1 
ATOM 1820 H "H1'"  . DT B 2 15 ? 20.532  -10.994 -0.424  1.00 24.00  ? 15 DT B "H1'"  1 
ATOM 1821 H H3     . DT B 2 15 ? 20.424  -6.739  -1.582  1.00 24.00  ? 15 DT B H3     1 
ATOM 1822 H H71    . DT B 2 15 ? 18.483  -7.186  3.432   1.00 24.00  ? 15 DT B H71    1 
ATOM 1823 H H72    . DT B 2 15 ? 17.740  -5.949  2.363   1.00 24.00  ? 15 DT B H72    1 
ATOM 1824 H H73    . DT B 2 15 ? 19.434  -5.748  2.925   1.00 24.00  ? 15 DT B H73    1 
ATOM 1825 H H6     . DT B 2 15 ? 18.797  -9.122  2.201   1.00 24.00  ? 15 DT B H6     1 
# 
